data_4R8L
#
_entry.id   4R8L
#
_cell.length_a   123.210
_cell.length_b   156.000
_cell.length_c   158.820
_cell.angle_alpha   90.00
_cell.angle_beta   90.00
_cell.angle_gamma   90.00
#
_symmetry.space_group_name_H-M   'I 2 2 2'
#
loop_
_entity.id
_entity.type
_entity.pdbx_description
1 polymer 'Uncharacterized protein'
2 non-polymer 'ASPARTIC ACID'
3 water water
#
_entity_poly.entity_id   1
_entity_poly.type   'polypeptide(L)'
_entity_poly.pdbx_seq_one_letter_code
;MGSSHHHHHHSSGGNENLYFQGHMARASGSERHLLLIYTGGTLGMQSKGGVLVPGPGLVTLLRTLPMFHDKEFAQAQGLP
DHALALPPASHGPRVLYTVLECQPLLDSSDMTIDDWIRIAKIIERHYEQYQGFVVIHGTDTMASGASMLSFMLENLHKPV
ILTGAQVPIRVLWNDARENLLGALLVAGQYIIPEVCLFMNSQLFRGNRVTKVDSQKFEAFCSPNLSPLATVGADVTIAWD
LVRKVKWKDPLVVHSNMEHDVALLRLYPGIPASLVRAFLQPPLKGVVLETFGSGNGPSKPDLLQELRAAAQRGLIMVNCS
QCLRGSVTPGYATSLAGANIVSGLDMTSEAALAKLSYVLGLPELSLERRQELLAKDLRGEMTLPT
;
_entity_poly.pdbx_strand_id   A,B,C,D
#
# COMPACT_ATOMS: atom_id res chain seq x y z
N GLU A 31 -17.91 19.19 30.28
CA GLU A 31 -17.93 19.97 29.00
C GLU A 31 -16.52 20.45 28.61
N ARG A 32 -16.18 20.33 27.31
CA ARG A 32 -14.96 20.90 26.77
C ARG A 32 -15.33 21.88 25.68
N HIS A 33 -14.73 23.09 25.72
CA HIS A 33 -15.09 24.16 24.76
CA HIS A 33 -15.07 24.18 24.79
C HIS A 33 -13.92 24.34 23.77
N LEU A 34 -14.24 24.31 22.47
CA LEU A 34 -13.27 24.46 21.38
C LEU A 34 -13.51 25.73 20.57
N LEU A 35 -12.44 26.29 20.02
CA LEU A 35 -12.56 27.39 19.08
C LEU A 35 -12.33 26.85 17.70
N LEU A 36 -13.28 27.12 16.80
CA LEU A 36 -13.19 26.68 15.41
C LEU A 36 -12.89 27.89 14.52
N ILE A 37 -11.67 27.92 14.00
CA ILE A 37 -11.18 29.07 13.26
C ILE A 37 -11.30 28.77 11.77
N TYR A 38 -12.15 29.51 11.09
CA TYR A 38 -12.36 29.31 9.68
C TYR A 38 -11.58 30.36 8.88
N THR A 39 -10.48 29.94 8.25
CA THR A 39 -9.57 30.82 7.53
C THR A 39 -9.80 30.83 6.03
N GLY A 40 -10.36 29.75 5.51
CA GLY A 40 -10.72 29.67 4.12
C GLY A 40 -10.65 28.26 3.58
N GLY A 41 -10.39 28.17 2.29
CA GLY A 41 -10.26 26.88 1.66
C GLY A 41 -11.56 26.28 1.16
N THR A 42 -11.38 25.19 0.42
CA THR A 42 -12.47 24.50 -0.30
C THR A 42 -13.65 24.11 0.57
N LEU A 43 -13.38 23.71 1.81
CA LEU A 43 -14.44 23.25 2.71
C LEU A 43 -15.66 24.16 2.79
N GLY A 44 -15.42 25.46 2.78
CA GLY A 44 -16.54 26.37 2.89
C GLY A 44 -16.97 26.93 1.56
N MET A 45 -16.13 26.71 0.55
CA MET A 45 -16.22 27.45 -0.74
C MET A 45 -17.60 27.38 -1.42
N GLN A 46 -17.76 28.31 -2.37
CA GLN A 46 -18.99 28.50 -3.16
C GLN A 46 -18.59 28.74 -4.62
N SER A 47 -19.45 28.35 -5.56
CA SER A 47 -19.20 28.67 -6.96
C SER A 47 -19.49 30.15 -7.15
N LYS A 48 -18.79 30.79 -8.07
CA LYS A 48 -18.99 32.21 -8.38
C LYS A 48 -18.13 32.59 -9.61
N GLY A 49 -18.78 32.89 -10.72
CA GLY A 49 -18.09 33.06 -11.99
C GLY A 49 -17.55 31.75 -12.56
N GLY A 50 -18.18 30.63 -12.17
CA GLY A 50 -17.77 29.30 -12.65
C GLY A 50 -16.56 28.67 -11.98
N VAL A 51 -16.02 29.31 -10.94
CA VAL A 51 -14.87 28.79 -10.19
C VAL A 51 -15.16 28.80 -8.68
N LEU A 52 -14.40 28.02 -7.93
CA LEU A 52 -14.56 28.01 -6.47
C LEU A 52 -13.78 29.16 -5.82
N VAL A 53 -14.48 29.90 -4.95
CA VAL A 53 -13.90 31.01 -4.17
C VAL A 53 -14.35 30.83 -2.69
N PRO A 54 -13.67 31.51 -1.75
CA PRO A 54 -14.02 31.33 -0.33
C PRO A 54 -15.46 31.78 0.04
N GLY A 55 -16.13 31.02 0.89
CA GLY A 55 -17.58 31.20 1.17
C GLY A 55 -17.94 31.52 2.61
N PRO A 56 -18.59 32.68 2.83
CA PRO A 56 -18.98 33.01 4.21
C PRO A 56 -20.27 32.31 4.72
N GLY A 57 -20.52 32.43 6.02
CA GLY A 57 -21.77 32.01 6.64
C GLY A 57 -21.74 30.59 7.17
N LEU A 58 -20.64 30.21 7.83
CA LEU A 58 -20.45 28.83 8.23
C LEU A 58 -21.36 28.49 9.38
N VAL A 59 -21.33 29.30 10.42
CA VAL A 59 -22.15 28.99 11.59
C VAL A 59 -23.64 28.83 11.24
N THR A 60 -24.13 29.65 10.32
CA THR A 60 -25.51 29.56 9.86
C THR A 60 -25.85 28.16 9.33
N LEU A 61 -24.97 27.60 8.50
CA LEU A 61 -25.16 26.26 7.97
C LEU A 61 -25.06 25.18 9.04
N LEU A 62 -23.98 25.20 9.81
CA LEU A 62 -23.75 24.15 10.80
C LEU A 62 -24.90 23.98 11.78
N ARG A 63 -25.49 25.09 12.19
CA ARG A 63 -26.70 25.10 13.04
C ARG A 63 -27.81 24.15 12.56
N THR A 64 -27.98 24.08 11.23
CA THR A 64 -29.04 23.28 10.64
C THR A 64 -28.72 21.81 10.50
N LEU A 65 -27.51 21.39 10.88
CA LEU A 65 -27.08 20.00 10.71
C LEU A 65 -27.04 19.32 12.07
N PRO A 66 -27.90 18.32 12.28
CA PRO A 66 -27.96 17.63 13.57
C PRO A 66 -26.66 17.03 14.05
N MET A 67 -25.80 16.57 13.13
CA MET A 67 -24.50 15.99 13.52
C MET A 67 -23.52 17.03 14.05
N PHE A 68 -23.73 18.30 13.72
CA PHE A 68 -22.90 19.38 14.20
C PHE A 68 -23.50 20.21 15.33
N HIS A 69 -24.84 20.16 15.47
CA HIS A 69 -25.54 20.96 16.46
C HIS A 69 -26.78 20.27 17.04
N ASP A 70 -26.75 20.01 18.34
CA ASP A 70 -27.87 19.46 19.10
C ASP A 70 -28.79 20.57 19.65
N LYS A 71 -29.79 20.96 18.85
CA LYS A 71 -30.76 22.05 19.24
C LYS A 71 -31.49 21.82 20.58
N GLU A 72 -31.89 20.57 20.79
CA GLU A 72 -32.52 20.12 22.02
C GLU A 72 -31.66 20.43 23.26
N PHE A 73 -30.39 20.06 23.22
CA PHE A 73 -29.46 20.32 24.33
C PHE A 73 -29.15 21.82 24.49
N ALA A 74 -29.06 22.54 23.39
CA ALA A 74 -28.76 23.97 23.43
C ALA A 74 -29.90 24.74 24.05
N GLN A 75 -31.13 24.38 23.67
CA GLN A 75 -32.32 25.05 24.21
C GLN A 75 -32.48 24.72 25.70
N ALA A 76 -32.33 23.44 26.06
CA ALA A 76 -32.41 22.98 27.45
C ALA A 76 -31.20 23.40 28.32
N GLN A 77 -30.29 24.17 27.75
CA GLN A 77 -29.21 24.80 28.52
C GLN A 77 -29.21 26.32 28.27
N GLY A 78 -30.29 26.84 27.68
CA GLY A 78 -30.39 28.23 27.20
C GLY A 78 -29.08 28.82 26.72
N LEU A 79 -28.36 28.03 25.91
CA LEU A 79 -26.95 28.29 25.62
C LEU A 79 -26.73 29.49 24.69
N PRO A 80 -25.64 30.25 24.89
CA PRO A 80 -25.33 31.34 23.97
C PRO A 80 -25.69 31.01 22.52
N ASP A 81 -26.19 31.99 21.78
CA ASP A 81 -26.61 31.78 20.40
C ASP A 81 -25.45 31.65 19.38
N HIS A 82 -24.27 32.17 19.74
CA HIS A 82 -23.04 32.04 18.91
C HIS A 82 -22.34 30.66 19.02
N ALA A 83 -22.75 29.84 20.01
CA ALA A 83 -22.04 28.61 20.41
C ALA A 83 -22.83 27.35 20.09
N LEU A 84 -22.17 26.39 19.45
CA LEU A 84 -22.79 25.14 19.05
C LEU A 84 -22.38 24.00 19.93
N ALA A 85 -23.09 22.89 19.79
CA ALA A 85 -22.94 21.73 20.65
C ALA A 85 -23.05 20.45 19.85
N LEU A 86 -22.04 19.61 19.96
CA LEU A 86 -22.08 18.32 19.31
C LEU A 86 -23.00 17.40 20.10
N PRO A 87 -23.66 16.47 19.40
CA PRO A 87 -24.40 15.41 20.06
C PRO A 87 -23.46 14.63 20.95
N PRO A 88 -24.01 13.81 21.86
CA PRO A 88 -23.13 13.04 22.72
C PRO A 88 -22.46 11.95 21.92
N ALA A 89 -21.17 11.75 22.18
CA ALA A 89 -20.41 10.63 21.64
C ALA A 89 -20.53 9.47 22.64
N SER A 90 -19.89 8.34 22.33
CA SER A 90 -19.99 7.13 23.16
C SER A 90 -19.64 7.40 24.61
N HIS A 91 -18.41 7.84 24.82
CA HIS A 91 -17.86 8.09 26.14
C HIS A 91 -17.43 9.56 26.19
N GLY A 92 -16.72 9.93 27.25
CA GLY A 92 -16.05 11.22 27.31
C GLY A 92 -16.98 12.36 27.65
N PRO A 93 -16.45 13.58 27.66
CA PRO A 93 -17.26 14.75 27.97
C PRO A 93 -18.00 15.25 26.73
N ARG A 94 -18.98 16.12 26.96
CA ARG A 94 -19.71 16.78 25.90
C ARG A 94 -18.79 17.82 25.24
N VAL A 95 -18.98 18.11 23.95
CA VAL A 95 -18.12 19.05 23.22
C VAL A 95 -18.89 20.25 22.68
N LEU A 96 -18.48 21.44 23.10
CA LEU A 96 -19.07 22.67 22.62
C LEU A 96 -18.04 23.44 21.84
N TYR A 97 -18.47 24.29 20.93
CA TYR A 97 -17.50 25.01 20.13
C TYR A 97 -18.05 26.30 19.59
N THR A 98 -17.15 27.28 19.42
CA THR A 98 -17.50 28.59 18.88
C THR A 98 -16.83 28.74 17.54
N VAL A 99 -17.51 29.37 16.59
CA VAL A 99 -17.00 29.55 15.25
C VAL A 99 -16.48 30.96 15.00
N LEU A 100 -15.17 31.11 14.79
CA LEU A 100 -14.59 32.40 14.46
C LEU A 100 -14.25 32.43 13.02
N GLU A 101 -15.01 33.18 12.25
CA GLU A 101 -14.82 33.25 10.80
C GLU A 101 -13.99 34.48 10.41
N CYS A 102 -12.73 34.27 10.08
CA CYS A 102 -11.84 35.35 9.66
C CYS A 102 -12.37 36.12 8.44
N GLN A 103 -11.92 37.36 8.27
CA GLN A 103 -12.30 38.16 7.12
C GLN A 103 -11.13 39.04 6.67
N PRO A 104 -10.75 39.01 5.38
CA PRO A 104 -11.34 38.12 4.37
C PRO A 104 -10.91 36.65 4.46
N LEU A 105 -11.65 35.80 3.77
CA LEU A 105 -11.34 34.37 3.73
C LEU A 105 -10.35 34.16 2.58
N LEU A 106 -9.45 33.18 2.72
CA LEU A 106 -8.37 33.01 1.78
C LEU A 106 -8.31 31.64 1.11
N ASP A 107 -8.02 31.65 -0.18
CA ASP A 107 -7.54 30.46 -0.85
C ASP A 107 -6.11 30.24 -0.30
N SER A 108 -5.79 29.03 0.16
CA SER A 108 -4.50 28.81 0.82
C SER A 108 -3.28 29.02 -0.10
N SER A 109 -3.47 28.97 -1.42
CA SER A 109 -2.39 29.33 -2.34
C SER A 109 -1.86 30.74 -2.14
N ASP A 110 -2.70 31.63 -1.63
CA ASP A 110 -2.31 33.02 -1.38
C ASP A 110 -1.69 33.26 0.00
N MET A 111 -1.58 32.25 0.84
CA MET A 111 -1.08 32.47 2.18
C MET A 111 0.43 32.60 2.29
N THR A 112 0.84 33.32 3.33
CA THR A 112 2.23 33.65 3.62
C THR A 112 2.48 33.57 5.11
N ILE A 113 3.72 33.82 5.49
CA ILE A 113 4.11 33.76 6.89
C ILE A 113 3.25 34.68 7.75
N ASP A 114 2.95 35.88 7.26
CA ASP A 114 2.11 36.80 8.03
C ASP A 114 0.72 36.23 8.36
N ASP A 115 0.11 35.51 7.42
CA ASP A 115 -1.20 34.92 7.63
C ASP A 115 -1.12 33.85 8.73
N TRP A 116 -0.04 33.08 8.75
CA TRP A 116 0.09 32.05 9.75
C TRP A 116 0.38 32.66 11.10
N ILE A 117 1.04 33.81 11.12
CA ILE A 117 1.31 34.48 12.38
C ILE A 117 0.00 34.96 12.96
N ARG A 118 -0.82 35.60 12.14
CA ARG A 118 -2.15 36.00 12.55
C ARG A 118 -2.92 34.84 13.21
N ILE A 119 -2.81 33.64 12.64
CA ILE A 119 -3.51 32.51 13.19
C ILE A 119 -2.95 32.15 14.55
N ALA A 120 -1.63 32.16 14.67
CA ALA A 120 -1.02 31.89 15.98
C ALA A 120 -1.48 32.92 17.02
N LYS A 121 -1.58 34.18 16.59
CA LYS A 121 -2.00 35.25 17.48
C LYS A 121 -3.45 35.10 17.95
N ILE A 122 -4.35 34.64 17.06
CA ILE A 122 -5.71 34.28 17.45
C ILE A 122 -5.71 33.18 18.53
N ILE A 123 -4.88 32.16 18.35
CA ILE A 123 -4.79 31.10 19.34
C ILE A 123 -4.21 31.62 20.66
N GLU A 124 -3.28 32.56 20.62
CA GLU A 124 -2.66 33.11 21.83
C GLU A 124 -3.67 33.93 22.64
N ARG A 125 -4.37 34.82 21.94
CA ARG A 125 -5.37 35.72 22.52
C ARG A 125 -6.48 34.96 23.23
N HIS A 126 -6.89 33.82 22.68
CA HIS A 126 -8.01 33.04 23.23
C HIS A 126 -7.55 31.77 23.95
N TYR A 127 -6.27 31.64 24.23
CA TYR A 127 -5.71 30.37 24.72
C TYR A 127 -6.38 29.87 26.00
N GLU A 128 -6.63 30.78 26.92
CA GLU A 128 -7.06 30.41 28.27
C GLU A 128 -8.51 30.01 28.26
N GLN A 129 -9.29 30.63 27.38
CA GLN A 129 -10.73 30.38 27.30
C GLN A 129 -11.15 29.06 26.68
N TYR A 130 -10.27 28.36 25.96
CA TYR A 130 -10.66 27.13 25.26
C TYR A 130 -9.73 25.98 25.53
N GLN A 131 -10.24 24.77 25.35
CA GLN A 131 -9.45 23.55 25.64
C GLN A 131 -8.77 22.96 24.40
N GLY A 132 -9.14 23.47 23.23
CA GLY A 132 -8.61 22.99 21.98
C GLY A 132 -9.00 23.89 20.83
N PHE A 133 -8.32 23.69 19.69
CA PHE A 133 -8.51 24.52 18.50
C PHE A 133 -8.59 23.66 17.26
N VAL A 134 -9.47 24.07 16.36
CA VAL A 134 -9.58 23.44 15.06
C VAL A 134 -9.52 24.56 14.03
N VAL A 135 -8.68 24.36 13.01
CA VAL A 135 -8.43 25.38 12.01
C VAL A 135 -8.76 24.86 10.64
N ILE A 136 -9.77 25.45 10.01
CA ILE A 136 -10.19 25.05 8.70
C ILE A 136 -9.33 25.83 7.75
N HIS A 137 -8.74 25.11 6.79
CA HIS A 137 -7.64 25.65 5.99
C HIS A 137 -7.68 25.05 4.60
N GLY A 138 -7.26 25.80 3.59
CA GLY A 138 -7.14 25.26 2.25
C GLY A 138 -6.05 24.21 2.22
N THR A 139 -6.19 23.25 1.34
CA THR A 139 -5.27 22.13 1.33
C THR A 139 -3.98 22.45 0.59
N ASP A 140 -4.03 23.41 -0.32
CA ASP A 140 -2.88 23.68 -1.17
C ASP A 140 -1.59 23.97 -0.40
N THR A 141 -1.67 24.71 0.71
CA THR A 141 -0.53 25.00 1.53
C THR A 141 -0.72 24.56 2.97
N MET A 142 -1.60 23.59 3.21
CA MET A 142 -1.84 23.12 4.57
C MET A 142 -0.62 22.56 5.30
N ALA A 143 0.22 21.81 4.59
CA ALA A 143 1.47 21.36 5.18
C ALA A 143 2.39 22.50 5.60
N SER A 144 2.50 23.55 4.79
CA SER A 144 3.31 24.70 5.16
C SER A 144 2.76 25.38 6.41
N GLY A 145 1.44 25.51 6.46
CA GLY A 145 0.77 26.11 7.60
C GLY A 145 0.89 25.32 8.89
N ALA A 146 0.67 24.02 8.81
CA ALA A 146 0.85 23.16 9.98
C ALA A 146 2.31 23.22 10.48
N SER A 147 3.26 23.13 9.57
CA SER A 147 4.66 23.23 9.98
C SER A 147 4.97 24.57 10.67
N MET A 148 4.53 25.67 10.08
CA MET A 148 4.76 26.98 10.66
C MET A 148 4.20 27.08 12.07
N LEU A 149 2.94 26.74 12.24
CA LEU A 149 2.30 26.87 13.54
C LEU A 149 2.95 25.98 14.57
N SER A 150 3.38 24.80 14.15
CA SER A 150 4.16 23.91 15.01
C SER A 150 5.34 24.62 15.68
N PHE A 151 6.09 25.41 14.89
CA PHE A 151 7.26 26.14 15.41
C PHE A 151 6.87 27.41 16.17
N MET A 152 5.88 28.14 15.67
CA MET A 152 5.43 29.34 16.35
C MET A 152 4.88 29.06 17.72
N LEU A 153 4.21 27.93 17.91
CA LEU A 153 3.51 27.70 19.18
C LEU A 153 4.35 26.86 20.15
N GLU A 154 5.33 27.49 20.77
CA GLU A 154 6.26 26.78 21.67
C GLU A 154 5.63 26.44 23.02
N ASN A 155 5.90 25.21 23.48
CA ASN A 155 5.33 24.67 24.71
C ASN A 155 3.81 24.49 24.69
N LEU A 156 3.24 24.35 23.50
CA LEU A 156 1.81 24.12 23.35
C LEU A 156 1.33 22.98 24.25
N HIS A 157 0.21 23.19 24.91
CA HIS A 157 -0.38 22.18 25.81
C HIS A 157 -1.71 21.61 25.32
N LYS A 158 -2.29 22.20 24.27
CA LYS A 158 -3.63 21.87 23.84
C LYS A 158 -3.62 21.54 22.36
N PRO A 159 -4.60 20.74 21.91
CA PRO A 159 -4.60 20.36 20.49
C PRO A 159 -4.96 21.52 19.57
N VAL A 160 -4.24 21.60 18.47
CA VAL A 160 -4.52 22.52 17.40
C VAL A 160 -4.61 21.65 16.16
N ILE A 161 -5.82 21.42 15.67
CA ILE A 161 -6.02 20.46 14.61
C ILE A 161 -6.40 21.19 13.34
N LEU A 162 -5.60 21.01 12.29
CA LEU A 162 -5.96 21.54 10.98
C LEU A 162 -6.71 20.52 10.18
N THR A 163 -7.62 21.04 9.36
CA THR A 163 -8.41 20.21 8.50
C THR A 163 -8.91 21.00 7.33
N GLY A 164 -9.44 20.28 6.36
CA GLY A 164 -9.91 20.86 5.10
C GLY A 164 -10.57 19.77 4.28
N ALA A 165 -10.87 20.07 3.02
CA ALA A 165 -11.58 19.11 2.18
C ALA A 165 -11.31 19.36 0.70
N GLN A 166 -11.37 18.30 -0.08
CA GLN A 166 -11.29 18.40 -1.54
C GLN A 166 -12.63 18.82 -2.14
N VAL A 167 -13.73 18.74 -1.38
CA VAL A 167 -15.06 19.10 -1.89
C VAL A 167 -15.81 19.88 -0.81
N PRO A 168 -16.51 20.95 -1.21
CA PRO A 168 -17.16 21.82 -0.23
C PRO A 168 -18.28 21.16 0.56
N ILE A 169 -18.49 21.61 1.78
CA ILE A 169 -19.46 21.01 2.67
C ILE A 169 -20.90 21.18 2.20
N ARG A 170 -21.13 22.14 1.32
CA ARG A 170 -22.48 22.39 0.79
C ARG A 170 -22.84 21.45 -0.34
N VAL A 171 -21.83 20.86 -0.96
CA VAL A 171 -22.06 19.87 -2.01
C VAL A 171 -22.45 18.58 -1.28
N LEU A 172 -23.39 17.83 -1.83
CA LEU A 172 -23.94 16.68 -1.12
C LEU A 172 -22.95 15.57 -0.87
N TRP A 173 -22.21 15.18 -1.91
CA TRP A 173 -21.21 14.14 -1.76
C TRP A 173 -19.83 14.78 -1.50
N ASN A 174 -19.41 14.82 -0.25
CA ASN A 174 -18.17 15.48 0.12
C ASN A 174 -17.39 14.78 1.22
N ASP A 175 -16.13 15.16 1.37
CA ASP A 175 -15.29 14.64 2.44
C ASP A 175 -15.24 15.61 3.61
N ALA A 176 -15.91 16.75 3.46
CA ALA A 176 -15.85 17.82 4.47
C ALA A 176 -16.57 17.50 5.75
N ARG A 177 -17.76 16.89 5.68
CA ARG A 177 -18.53 16.59 6.89
C ARG A 177 -17.70 15.76 7.85
N GLU A 178 -17.17 14.65 7.36
CA GLU A 178 -16.47 13.71 8.25
C GLU A 178 -15.12 14.27 8.69
N ASN A 179 -14.45 15.01 7.83
CA ASN A 179 -13.20 15.65 8.21
C ASN A 179 -13.39 16.65 9.35
N LEU A 180 -14.40 17.49 9.25
CA LEU A 180 -14.61 18.53 10.25
C LEU A 180 -15.07 17.92 11.56
N LEU A 181 -16.00 16.98 11.50
CA LEU A 181 -16.49 16.33 12.70
C LEU A 181 -15.39 15.60 13.45
N GLY A 182 -14.52 14.94 12.71
CA GLY A 182 -13.42 14.16 13.32
C GLY A 182 -12.43 15.07 14.00
N ALA A 183 -12.14 16.21 13.38
CA ALA A 183 -11.26 17.19 13.98
C ALA A 183 -11.83 17.65 15.31
N LEU A 184 -13.11 18.01 15.33
CA LEU A 184 -13.77 18.51 16.54
C LEU A 184 -13.76 17.44 17.63
N LEU A 185 -14.00 16.20 17.26
CA LEU A 185 -14.01 15.13 18.26
C LEU A 185 -12.64 14.81 18.80
N VAL A 186 -11.62 14.91 17.96
CA VAL A 186 -10.28 14.64 18.41
C VAL A 186 -9.84 15.74 19.37
N ALA A 187 -10.00 16.98 18.94
CA ALA A 187 -9.60 18.11 19.77
C ALA A 187 -10.41 18.16 21.05
N GLY A 188 -11.68 17.75 20.95
CA GLY A 188 -12.59 17.79 22.06
C GLY A 188 -12.36 16.72 23.09
N GLN A 189 -11.84 15.58 22.69
CA GLN A 189 -11.77 14.46 23.60
C GLN A 189 -10.38 14.04 24.01
N TYR A 190 -9.34 14.47 23.32
CA TYR A 190 -7.99 13.94 23.63
C TYR A 190 -7.00 15.07 23.87
N ILE A 191 -6.04 14.79 24.74
CA ILE A 191 -5.01 15.74 25.07
C ILE A 191 -3.80 15.36 24.24
N ILE A 192 -3.79 15.89 23.02
CA ILE A 192 -2.67 15.74 22.10
C ILE A 192 -2.15 17.16 21.89
N PRO A 193 -1.05 17.48 22.55
CA PRO A 193 -0.53 18.82 22.57
C PRO A 193 0.38 19.10 21.39
N GLU A 194 -0.17 19.00 20.18
CA GLU A 194 0.61 19.25 18.96
C GLU A 194 -0.25 19.94 17.93
N VAL A 195 0.40 20.58 16.96
CA VAL A 195 -0.29 20.97 15.75
C VAL A 195 -0.37 19.75 14.85
N CYS A 196 -1.59 19.33 14.53
CA CYS A 196 -1.83 18.13 13.75
C CYS A 196 -2.63 18.45 12.51
N LEU A 197 -2.77 17.45 11.66
CA LEU A 197 -3.66 17.53 10.50
C LEU A 197 -4.58 16.33 10.54
N PHE A 198 -5.89 16.56 10.51
CA PHE A 198 -6.83 15.45 10.45
C PHE A 198 -7.50 15.40 9.07
N MET A 199 -7.32 14.30 8.35
CA MET A 199 -7.99 14.06 7.05
C MET A 199 -8.26 12.59 6.86
N ASN A 200 -9.43 12.27 6.30
CA ASN A 200 -9.67 10.91 5.83
C ASN A 200 -9.41 9.87 6.94
N SER A 201 -9.97 10.12 8.12
CA SER A 201 -9.90 9.21 9.27
C SER A 201 -8.52 9.06 9.90
N GLN A 202 -7.58 9.92 9.55
CA GLN A 202 -6.26 9.85 10.17
C GLN A 202 -5.79 11.18 10.75
N LEU A 203 -5.05 11.09 11.85
CA LEU A 203 -4.42 12.25 12.45
C LEU A 203 -2.92 12.15 12.25
N PHE A 204 -2.34 13.17 11.64
CA PHE A 204 -0.89 13.20 11.38
C PHE A 204 -0.23 14.29 12.19
N ARG A 205 1.04 14.08 12.55
CA ARG A 205 1.84 15.18 13.06
C ARG A 205 1.96 16.22 11.96
N GLY A 206 1.60 17.45 12.26
CA GLY A 206 1.53 18.49 11.26
C GLY A 206 2.83 18.77 10.53
N ASN A 207 3.95 18.84 11.25
CA ASN A 207 5.22 19.13 10.62
C ASN A 207 5.83 17.91 9.93
N ARG A 208 5.04 16.87 9.75
CA ARG A 208 5.51 15.65 9.08
C ARG A 208 4.74 15.35 7.80
N VAL A 209 3.76 16.16 7.45
CA VAL A 209 2.88 15.81 6.33
C VAL A 209 3.27 16.51 5.07
N THR A 210 2.81 15.93 3.96
CA THR A 210 2.94 16.58 2.66
C THR A 210 1.77 16.14 1.79
N LYS A 211 1.33 17.04 0.91
CA LYS A 211 0.23 16.75 0.01
C LYS A 211 0.69 15.93 -1.18
N VAL A 212 0.13 14.74 -1.35
CA VAL A 212 0.57 13.83 -2.41
C VAL A 212 -0.44 13.62 -3.54
N ASP A 213 -1.67 14.05 -3.37
CA ASP A 213 -2.70 13.80 -4.37
C ASP A 213 -3.61 15.01 -4.53
N SER A 214 -3.75 15.51 -5.76
CA SER A 214 -4.57 16.68 -6.02
C SER A 214 -6.08 16.42 -6.19
N GLN A 215 -6.51 15.17 -6.29
CA GLN A 215 -7.95 14.84 -6.45
C GLN A 215 -8.55 13.87 -5.42
N LYS A 216 -7.79 12.86 -5.01
CA LYS A 216 -8.35 11.81 -4.16
C LYS A 216 -8.61 12.37 -2.77
N PHE A 217 -9.56 11.80 -2.03
CA PHE A 217 -9.77 12.20 -0.64
C PHE A 217 -8.57 11.89 0.24
N GLU A 218 -7.84 10.82 -0.07
CA GLU A 218 -6.60 10.52 0.65
C GLU A 218 -5.50 11.41 0.05
N ALA A 219 -5.50 12.67 0.47
CA ALA A 219 -4.72 13.69 -0.17
C ALA A 219 -3.35 13.84 0.48
N PHE A 220 -3.21 13.39 1.71
CA PHE A 220 -2.03 13.67 2.50
C PHE A 220 -1.38 12.40 2.97
N CYS A 221 -0.11 12.51 3.27
CA CYS A 221 0.71 11.37 3.60
C CYS A 221 1.71 11.91 4.67
N SER A 222 2.11 11.04 5.60
CA SER A 222 3.18 11.35 6.55
C SER A 222 4.30 10.36 6.23
N PRO A 223 5.18 10.73 5.29
CA PRO A 223 6.04 9.70 4.73
C PRO A 223 7.06 9.07 5.66
N ASN A 224 7.55 9.80 6.64
CA ASN A 224 8.60 9.28 7.54
C ASN A 224 8.17 9.15 9.00
N LEU A 225 6.87 9.05 9.24
CA LEU A 225 6.39 8.89 10.60
C LEU A 225 4.99 8.36 10.51
N SER A 226 4.66 7.41 11.40
CA SER A 226 3.28 6.95 11.53
C SER A 226 2.33 8.07 11.84
N PRO A 227 1.07 7.85 11.50
CA PRO A 227 0.03 8.72 11.99
C PRO A 227 0.05 8.71 13.50
N LEU A 228 -0.31 9.84 14.10
CA LEU A 228 -0.52 9.90 15.54
C LEU A 228 -1.77 9.13 15.97
N ALA A 229 -2.74 9.01 15.08
CA ALA A 229 -3.98 8.33 15.41
C ALA A 229 -4.75 7.92 14.18
N THR A 230 -5.55 6.89 14.35
CA THR A 230 -6.39 6.34 13.31
C THR A 230 -7.77 6.13 13.89
N VAL A 231 -8.78 6.44 13.09
CA VAL A 231 -10.16 6.30 13.51
C VAL A 231 -10.89 5.22 12.72
N GLY A 232 -11.51 4.29 13.45
CA GLY A 232 -12.29 3.23 12.85
C GLY A 232 -13.39 2.92 13.84
N ALA A 233 -13.67 1.63 14.01
CA ALA A 233 -14.50 1.21 15.14
C ALA A 233 -13.90 1.83 16.41
N ASP A 234 -12.65 1.51 16.68
CA ASP A 234 -11.90 2.07 17.81
C ASP A 234 -11.10 3.28 17.34
N VAL A 235 -10.77 4.15 18.29
CA VAL A 235 -9.77 5.19 18.05
C VAL A 235 -8.43 4.67 18.53
N THR A 236 -7.45 4.59 17.65
CA THR A 236 -6.12 4.10 18.05
C THR A 236 -5.11 5.25 18.04
N ILE A 237 -4.52 5.52 19.19
CA ILE A 237 -3.57 6.61 19.34
C ILE A 237 -2.20 6.06 19.67
N ALA A 238 -1.19 6.58 18.99
CA ALA A 238 0.17 6.14 19.23
C ALA A 238 0.76 7.01 20.32
N TRP A 239 0.44 6.69 21.57
CA TRP A 239 0.91 7.48 22.73
C TRP A 239 2.43 7.47 22.87
N ASP A 240 3.05 6.39 22.44
CA ASP A 240 4.51 6.30 22.28
C ASP A 240 5.13 7.43 21.40
N LEU A 241 4.36 8.01 20.49
CA LEU A 241 4.84 9.09 19.62
C LEU A 241 4.37 10.47 20.04
N VAL A 242 3.18 10.57 20.64
CA VAL A 242 2.61 11.85 20.99
C VAL A 242 3.49 12.55 22.01
N ARG A 243 3.74 13.84 21.79
CA ARG A 243 4.63 14.59 22.67
C ARG A 243 3.98 14.94 24.02
N LYS A 244 4.83 15.11 25.02
CA LYS A 244 4.42 15.21 26.41
C LYS A 244 4.08 16.65 26.77
N VAL A 245 3.01 16.82 27.55
CA VAL A 245 2.58 18.13 28.02
C VAL A 245 3.57 18.69 29.05
N LYS A 246 4.15 19.86 28.76
CA LYS A 246 5.02 20.58 29.73
C LYS A 246 4.22 21.66 30.46
N TRP A 247 3.40 21.23 31.42
CA TRP A 247 2.48 22.10 32.19
C TRP A 247 3.22 23.19 32.98
N LYS A 248 4.47 22.93 33.28
CA LYS A 248 5.33 23.87 33.99
C LYS A 248 5.61 25.14 33.18
N ASP A 249 5.91 24.98 31.89
CA ASP A 249 6.39 26.04 31.00
C ASP A 249 5.23 26.71 30.28
N PRO A 250 5.22 28.05 30.20
CA PRO A 250 4.08 28.72 29.60
C PRO A 250 4.20 28.78 28.07
N LEU A 251 3.06 29.04 27.42
CA LEU A 251 3.02 29.17 25.98
C LEU A 251 3.80 30.40 25.54
N VAL A 252 4.77 30.21 24.64
CA VAL A 252 5.49 31.33 24.02
C VAL A 252 5.19 31.29 22.54
N VAL A 253 4.76 32.41 22.01
CA VAL A 253 4.31 32.47 20.64
C VAL A 253 5.26 33.35 19.87
N HIS A 254 6.03 32.72 18.99
CA HIS A 254 7.08 33.41 18.26
C HIS A 254 6.45 34.08 17.06
N SER A 255 6.32 35.40 17.08
CA SER A 255 5.90 36.13 15.90
C SER A 255 7.11 36.73 15.15
N ASN A 256 8.30 36.52 15.71
CA ASN A 256 9.56 36.87 15.13
C ASN A 256 10.07 35.72 14.27
N MET A 257 9.45 35.58 13.11
CA MET A 257 9.85 34.60 12.14
C MET A 257 10.54 35.34 11.01
N GLU A 258 11.67 34.81 10.54
CA GLU A 258 12.40 35.44 9.45
C GLU A 258 11.65 35.26 8.14
N HIS A 259 11.36 36.36 7.46
CA HIS A 259 10.63 36.32 6.19
C HIS A 259 11.52 35.97 5.00
N ASP A 260 12.78 36.40 5.02
CA ASP A 260 13.68 36.24 3.90
C ASP A 260 14.34 34.84 3.89
N VAL A 261 13.49 33.84 3.72
CA VAL A 261 13.92 32.48 3.52
C VAL A 261 13.26 31.97 2.25
N ALA A 262 13.91 31.01 1.61
CA ALA A 262 13.44 30.51 0.31
C ALA A 262 13.69 29.06 0.15
N LEU A 263 13.16 28.54 -0.94
CA LEU A 263 13.31 27.14 -1.27
C LEU A 263 13.79 27.11 -2.70
N LEU A 264 14.80 26.29 -2.97
CA LEU A 264 15.37 26.21 -4.30
C LEU A 264 15.51 24.75 -4.70
N ARG A 265 14.80 24.34 -5.75
CA ARG A 265 14.89 23.00 -6.24
C ARG A 265 15.95 22.89 -7.32
N LEU A 266 16.95 22.06 -7.06
CA LEU A 266 17.97 21.78 -8.07
C LEU A 266 17.39 20.91 -9.17
N TYR A 267 17.86 21.17 -10.39
CA TYR A 267 17.49 20.36 -11.53
C TYR A 267 18.79 20.15 -12.32
N PRO A 268 18.86 19.10 -13.13
CA PRO A 268 20.12 18.72 -13.77
C PRO A 268 20.66 19.83 -14.64
N GLY A 269 21.93 20.13 -14.48
CA GLY A 269 22.58 21.21 -15.18
C GLY A 269 22.19 22.62 -14.77
N ILE A 270 21.55 22.80 -13.62
CA ILE A 270 21.22 24.16 -13.15
C ILE A 270 22.50 25.01 -13.15
N PRO A 271 22.48 26.20 -13.79
CA PRO A 271 23.74 26.97 -13.91
C PRO A 271 24.12 27.78 -12.69
N ALA A 272 25.40 27.93 -12.50
CA ALA A 272 25.92 28.78 -11.44
C ALA A 272 25.39 30.21 -11.46
N SER A 273 25.22 30.79 -12.64
CA SER A 273 24.77 32.18 -12.72
C SER A 273 23.34 32.36 -12.18
N LEU A 274 22.50 31.35 -12.36
CA LEU A 274 21.12 31.39 -11.88
C LEU A 274 21.08 31.17 -10.36
N VAL A 275 21.94 30.31 -9.84
CA VAL A 275 22.03 30.16 -8.39
C VAL A 275 22.59 31.41 -7.72
N ARG A 276 23.62 32.04 -8.31
CA ARG A 276 24.11 33.34 -7.82
C ARG A 276 22.98 34.33 -7.69
N ALA A 277 22.17 34.48 -8.73
CA ALA A 277 21.08 35.47 -8.70
C ALA A 277 20.07 35.14 -7.62
N PHE A 278 19.80 33.86 -7.42
CA PHE A 278 18.79 33.42 -6.47
C PHE A 278 19.21 33.72 -5.04
N LEU A 279 20.49 33.56 -4.75
CA LEU A 279 21.01 33.70 -3.37
C LEU A 279 21.51 35.11 -3.03
N GLN A 280 21.12 36.11 -3.79
CA GLN A 280 21.56 37.49 -3.54
C GLN A 280 20.92 38.02 -2.27
N PRO A 281 21.55 39.03 -1.63
CA PRO A 281 20.87 39.74 -0.52
C PRO A 281 19.57 40.34 -1.01
N PRO A 282 18.54 40.37 -0.18
CA PRO A 282 18.61 40.17 1.27
C PRO A 282 18.36 38.75 1.81
N LEU A 283 18.38 37.71 0.97
CA LEU A 283 18.07 36.36 1.43
C LEU A 283 18.95 35.94 2.61
N LYS A 284 18.36 35.32 3.62
CA LYS A 284 19.12 34.92 4.82
C LYS A 284 19.24 33.40 4.97
N GLY A 285 18.29 32.67 4.41
CA GLY A 285 18.33 31.22 4.47
C GLY A 285 17.63 30.58 3.29
N VAL A 286 18.06 29.38 2.93
CA VAL A 286 17.49 28.69 1.82
C VAL A 286 17.48 27.19 2.09
N VAL A 287 16.42 26.53 1.66
CA VAL A 287 16.37 25.09 1.63
C VAL A 287 16.74 24.64 0.24
N LEU A 288 17.83 23.89 0.11
CA LEU A 288 18.18 23.31 -1.17
C LEU A 288 17.52 21.93 -1.27
N GLU A 289 16.60 21.76 -2.22
CA GLU A 289 16.06 20.44 -2.50
C GLU A 289 16.96 19.72 -3.51
N THR A 290 17.66 18.69 -3.02
CA THR A 290 18.69 17.98 -3.79
C THR A 290 18.21 16.60 -4.25
N PHE A 291 19.04 15.90 -4.99
CA PHE A 291 18.66 14.62 -5.56
C PHE A 291 18.91 13.50 -4.57
N GLY A 292 18.06 12.50 -4.61
CA GLY A 292 18.28 11.27 -3.86
C GLY A 292 18.67 11.50 -2.40
N SER A 293 19.77 10.87 -2.01
CA SER A 293 20.20 10.88 -0.62
C SER A 293 20.93 12.17 -0.25
N GLY A 294 20.79 13.21 -1.07
CA GLY A 294 21.27 14.57 -0.69
C GLY A 294 22.35 15.14 -1.59
N ASN A 295 22.30 14.83 -2.88
CA ASN A 295 23.41 15.10 -3.79
C ASN A 295 23.03 16.16 -4.77
N GLY A 296 24.04 16.89 -5.23
CA GLY A 296 23.85 17.83 -6.30
C GLY A 296 24.99 17.75 -7.31
N PRO A 297 24.94 18.57 -8.36
CA PRO A 297 26.09 18.69 -9.24
C PRO A 297 27.34 19.16 -8.48
N SER A 298 28.49 18.63 -8.86
CA SER A 298 29.74 19.02 -8.24
C SER A 298 30.55 19.96 -9.13
N LYS A 299 29.97 20.51 -10.20
CA LYS A 299 30.76 21.42 -11.01
C LYS A 299 31.25 22.62 -10.15
N PRO A 300 32.54 22.94 -10.24
CA PRO A 300 33.15 23.85 -9.24
C PRO A 300 32.56 25.24 -9.19
N ASP A 301 32.09 25.78 -10.31
CA ASP A 301 31.51 27.14 -10.31
C ASP A 301 30.19 27.22 -9.52
N LEU A 302 29.45 26.12 -9.52
CA LEU A 302 28.25 26.01 -8.70
C LEU A 302 28.62 25.93 -7.25
N LEU A 303 29.54 25.04 -6.91
CA LEU A 303 30.00 24.93 -5.53
C LEU A 303 30.58 26.26 -5.02
N GLN A 304 31.22 27.01 -5.93
CA GLN A 304 31.80 28.30 -5.61
C GLN A 304 30.73 29.33 -5.21
N GLU A 305 29.58 29.28 -5.87
CA GLU A 305 28.51 30.20 -5.52
C GLU A 305 27.91 29.87 -4.17
N LEU A 306 27.89 28.59 -3.80
CA LEU A 306 27.40 28.22 -2.46
C LEU A 306 28.37 28.70 -1.39
N ARG A 307 29.68 28.55 -1.58
CA ARG A 307 30.69 29.12 -0.66
C ARG A 307 30.59 30.63 -0.53
N ALA A 308 30.49 31.30 -1.66
CA ALA A 308 30.39 32.75 -1.65
C ALA A 308 29.22 33.17 -0.75
N ALA A 309 28.09 32.49 -0.89
CA ALA A 309 26.88 32.85 -0.17
C ALA A 309 27.01 32.55 1.31
N ALA A 310 27.70 31.46 1.64
CA ALA A 310 28.05 31.14 3.02
C ALA A 310 28.90 32.24 3.63
N GLN A 311 29.86 32.75 2.88
CA GLN A 311 30.68 33.85 3.37
C GLN A 311 29.91 35.14 3.58
N ARG A 312 28.85 35.36 2.81
CA ARG A 312 27.96 36.47 3.08
C ARG A 312 27.03 36.22 4.28
N GLY A 313 27.05 35.01 4.84
CA GLY A 313 26.28 34.67 6.03
C GLY A 313 24.97 33.90 5.81
N LEU A 314 24.81 33.28 4.65
CA LEU A 314 23.58 32.59 4.32
C LEU A 314 23.60 31.22 4.94
N ILE A 315 22.47 30.78 5.47
CA ILE A 315 22.39 29.43 5.98
C ILE A 315 21.61 28.56 5.02
N MET A 316 22.10 27.35 4.83
CA MET A 316 21.55 26.42 3.86
C MET A 316 21.20 25.09 4.50
N VAL A 317 20.00 24.59 4.20
CA VAL A 317 19.59 23.27 4.66
C VAL A 317 19.36 22.39 3.45
N ASN A 318 19.92 21.20 3.52
CA ASN A 318 19.84 20.24 2.45
C ASN A 318 18.71 19.23 2.71
N CYS A 319 17.63 19.29 1.90
CA CYS A 319 16.53 18.30 1.91
C CYS A 319 16.46 17.50 0.63
N SER A 320 15.93 16.30 0.74
CA SER A 320 15.80 15.45 -0.42
C SER A 320 14.53 15.74 -1.18
N GLN A 321 14.65 15.83 -2.50
CA GLN A 321 13.46 15.83 -3.38
C GLN A 321 12.61 14.57 -3.22
N CYS A 322 13.20 13.47 -2.80
CA CYS A 322 12.45 12.23 -2.57
C CYS A 322 11.41 12.38 -1.44
N LEU A 323 10.31 11.70 -1.63
CA LEU A 323 9.19 11.72 -0.72
C LEU A 323 9.59 11.06 0.59
N ARG A 324 10.22 9.89 0.48
CA ARG A 324 10.51 9.04 1.64
C ARG A 324 12.02 8.82 1.82
N GLY A 325 12.50 8.74 3.06
CA GLY A 325 13.94 8.58 3.35
C GLY A 325 14.66 9.82 3.89
N SER A 326 15.97 9.74 3.88
CA SER A 326 16.85 10.63 4.63
C SER A 326 18.10 11.11 3.88
N VAL A 327 18.49 12.36 4.08
CA VAL A 327 19.73 12.87 3.55
C VAL A 327 20.87 12.23 4.34
N THR A 328 21.83 11.68 3.62
CA THR A 328 22.93 10.85 4.14
C THR A 328 24.16 11.20 3.32
N PRO A 329 25.34 11.39 3.95
CA PRO A 329 26.56 11.51 3.12
C PRO A 329 26.96 10.16 2.53
N GLY A 330 28.00 10.15 1.70
CA GLY A 330 28.46 8.89 1.11
C GLY A 330 28.90 8.95 -0.34
N TYR A 331 28.59 10.04 -1.04
CA TYR A 331 28.99 10.21 -2.45
C TYR A 331 29.93 11.41 -2.61
N ALA A 332 30.72 11.41 -3.68
CA ALA A 332 31.49 12.59 -4.04
C ALA A 332 30.60 13.78 -4.39
N THR A 333 29.32 13.51 -4.66
CA THR A 333 28.35 14.55 -5.03
C THR A 333 27.48 15.08 -3.87
N SER A 334 27.62 14.50 -2.68
CA SER A 334 26.91 14.94 -1.50
C SER A 334 27.21 16.38 -1.17
N LEU A 335 26.17 17.17 -0.94
CA LEU A 335 26.34 18.56 -0.55
C LEU A 335 26.47 18.69 0.96
N ALA A 336 27.69 18.97 1.41
CA ALA A 336 28.02 19.18 2.81
C ALA A 336 29.07 20.31 2.91
N GLY A 337 29.20 20.92 4.09
CA GLY A 337 30.25 21.91 4.35
C GLY A 337 29.81 23.31 4.73
N ALA A 338 30.62 24.31 4.39
CA ALA A 338 30.42 25.69 4.83
C ALA A 338 28.94 26.06 4.86
N ASN A 339 28.44 26.21 6.09
CA ASN A 339 27.06 26.67 6.36
C ASN A 339 25.93 25.76 5.84
N ILE A 340 26.22 24.52 5.47
CA ILE A 340 25.20 23.59 5.02
C ILE A 340 24.85 22.54 6.05
N VAL A 341 23.63 22.60 6.55
CA VAL A 341 23.12 21.67 7.57
C VAL A 341 22.28 20.57 6.92
N SER A 342 22.50 19.31 7.29
CA SER A 342 21.69 18.22 6.74
C SER A 342 20.27 18.27 7.32
N GLY A 343 19.27 18.07 6.46
CA GLY A 343 17.88 18.06 6.88
C GLY A 343 17.36 16.67 7.24
N LEU A 344 18.24 15.68 7.24
CA LEU A 344 17.85 14.30 7.55
C LEU A 344 16.55 13.88 6.82
N ASP A 345 15.50 13.54 7.55
CA ASP A 345 14.27 13.09 6.92
C ASP A 345 13.16 14.15 6.99
N MET A 346 13.53 15.41 7.17
CA MET A 346 12.55 16.47 7.23
C MET A 346 11.86 16.67 5.91
N THR A 347 10.58 17.02 5.95
CA THR A 347 9.89 17.54 4.78
C THR A 347 10.39 18.93 4.46
N SER A 348 10.27 19.35 3.22
CA SER A 348 10.67 20.72 2.82
C SER A 348 9.85 21.78 3.52
N GLU A 349 8.57 21.50 3.69
CA GLU A 349 7.66 22.42 4.32
C GLU A 349 8.12 22.66 5.77
N ALA A 350 8.51 21.58 6.46
CA ALA A 350 9.08 21.68 7.80
C ALA A 350 10.47 22.33 7.85
N ALA A 351 11.38 21.94 6.96
CA ALA A 351 12.69 22.60 6.88
C ALA A 351 12.58 24.12 6.71
N LEU A 352 11.70 24.53 5.81
CA LEU A 352 11.51 25.93 5.53
C LEU A 352 10.97 26.67 6.78
N ALA A 353 10.01 26.07 7.48
CA ALA A 353 9.44 26.72 8.64
C ALA A 353 10.47 26.77 9.75
N LYS A 354 11.22 25.69 9.92
CA LYS A 354 12.24 25.68 10.95
C LYS A 354 13.34 26.69 10.67
N LEU A 355 13.66 26.86 9.40
CA LEU A 355 14.65 27.85 9.01
C LEU A 355 14.14 29.24 9.39
N SER A 356 12.87 29.50 9.13
CA SER A 356 12.27 30.78 9.50
C SER A 356 12.29 31.06 11.02
N TYR A 357 12.06 30.01 11.82
CA TYR A 357 12.00 30.10 13.27
C TYR A 357 13.36 30.38 13.88
N VAL A 358 14.32 29.53 13.55
CA VAL A 358 15.67 29.66 14.06
C VAL A 358 16.28 30.99 13.67
N LEU A 359 16.12 31.43 12.42
CA LEU A 359 16.74 32.67 11.99
C LEU A 359 16.09 33.86 12.63
N GLY A 360 14.86 33.69 13.10
CA GLY A 360 14.16 34.76 13.78
C GLY A 360 14.54 34.94 15.24
N LEU A 361 15.10 33.90 15.85
CA LEU A 361 15.55 34.00 17.23
C LEU A 361 16.64 35.09 17.33
N PRO A 362 16.58 35.92 18.39
CA PRO A 362 17.48 37.04 18.53
C PRO A 362 18.83 36.65 19.13
N GLU A 363 19.87 37.35 18.68
CA GLU A 363 21.22 37.32 19.30
C GLU A 363 21.87 35.94 19.39
N LEU A 364 21.88 35.19 18.29
CA LEU A 364 22.56 33.91 18.22
C LEU A 364 23.64 34.00 17.15
N SER A 365 24.72 33.25 17.38
CA SER A 365 25.78 33.14 16.44
C SER A 365 25.35 32.21 15.30
N LEU A 366 25.95 32.41 14.14
CA LEU A 366 25.73 31.53 13.00
C LEU A 366 25.88 30.04 13.40
N GLU A 367 26.84 29.73 14.26
CA GLU A 367 27.14 28.38 14.63
C GLU A 367 26.00 27.78 15.46
N ARG A 368 25.49 28.59 16.37
CA ARG A 368 24.43 28.14 17.23
C ARG A 368 23.15 27.91 16.44
N ARG A 369 22.93 28.74 15.43
CA ARG A 369 21.77 28.61 14.55
C ARG A 369 21.81 27.27 13.81
N GLN A 370 22.97 26.87 13.33
CA GLN A 370 23.11 25.60 12.63
C GLN A 370 22.95 24.41 13.56
N GLU A 371 23.32 24.57 14.83
CA GLU A 371 23.10 23.49 15.82
C GLU A 371 21.62 23.28 16.11
N LEU A 372 20.84 24.36 16.18
CA LEU A 372 19.39 24.25 16.38
C LEU A 372 18.71 23.64 15.17
N LEU A 373 19.17 23.99 13.97
CA LEU A 373 18.64 23.40 12.76
C LEU A 373 18.87 21.92 12.71
N ALA A 374 19.97 21.45 13.31
CA ALA A 374 20.30 20.03 13.31
C ALA A 374 19.66 19.21 14.45
N LYS A 375 18.87 19.86 15.27
CA LYS A 375 18.25 19.20 16.39
C LYS A 375 16.74 19.07 16.16
N ASP A 376 16.14 18.01 16.67
CA ASP A 376 14.68 17.82 16.57
C ASP A 376 13.91 18.73 17.57
N LEU A 377 13.32 19.81 17.11
CA LEU A 377 12.67 20.77 18.01
C LEU A 377 11.20 20.58 18.24
N ARG A 378 10.51 19.90 17.33
CA ARG A 378 9.05 19.72 17.44
C ARG A 378 8.56 18.37 16.92
N GLY A 379 9.47 17.40 16.80
CA GLY A 379 9.10 16.10 16.28
C GLY A 379 9.14 16.00 14.77
N GLU A 380 9.77 16.98 14.13
CA GLU A 380 9.83 17.03 12.66
C GLU A 380 10.95 16.23 12.05
N MET A 381 11.84 15.66 12.85
CA MET A 381 13.11 15.10 12.38
C MET A 381 13.52 13.92 13.23
N THR A 382 13.95 12.85 12.60
CA THR A 382 14.43 11.66 13.28
C THR A 382 15.95 11.64 13.19
N LEU A 383 16.63 11.65 14.34
CA LEU A 383 18.09 11.51 14.36
C LEU A 383 18.51 10.03 14.35
N PRO A 384 19.61 9.72 13.66
CA PRO A 384 20.09 8.34 13.48
C PRO A 384 20.73 7.72 14.74
N GLU B 31 -36.45 11.92 -12.47
CA GLU B 31 -36.48 11.22 -11.15
C GLU B 31 -36.19 9.72 -11.30
N ARG B 32 -35.36 9.16 -10.41
CA ARG B 32 -35.13 7.70 -10.34
C ARG B 32 -35.52 7.21 -8.96
N HIS B 33 -36.29 6.11 -8.91
CA HIS B 33 -36.86 5.60 -7.64
CA HIS B 33 -36.84 5.62 -7.67
C HIS B 33 -36.14 4.30 -7.27
N LEU B 34 -35.64 4.24 -6.04
CA LEU B 34 -34.92 3.10 -5.50
C LEU B 34 -35.66 2.44 -4.35
N LEU B 35 -35.45 1.15 -4.19
CA LEU B 35 -35.91 0.44 -3.02
C LEU B 35 -34.74 0.18 -2.09
N LEU B 36 -34.87 0.60 -0.84
CA LEU B 36 -33.85 0.38 0.16
C LEU B 36 -34.29 -0.72 1.13
N ILE B 37 -33.63 -1.87 1.06
CA ILE B 37 -34.01 -3.05 1.82
C ILE B 37 -33.13 -3.17 3.03
N TYR B 38 -33.72 -3.01 4.20
CA TYR B 38 -32.96 -3.09 5.42
C TYR B 38 -33.15 -4.51 6.04
N THR B 39 -32.11 -5.34 5.97
CA THR B 39 -32.13 -6.70 6.47
C THR B 39 -31.51 -6.87 7.85
N GLY B 40 -30.61 -5.95 8.22
CA GLY B 40 -30.01 -5.96 9.53
C GLY B 40 -28.59 -5.42 9.55
N GLY B 41 -27.80 -5.93 10.48
CA GLY B 41 -26.40 -5.56 10.58
C GLY B 41 -26.15 -4.30 11.38
N THR B 42 -24.85 -4.08 11.63
CA THR B 42 -24.31 -3.04 12.50
C THR B 42 -24.82 -1.64 12.17
N LEU B 43 -25.01 -1.33 10.89
CA LEU B 43 -25.50 0.00 10.46
C LEU B 43 -26.73 0.52 11.22
N GLY B 44 -27.69 -0.34 11.50
CA GLY B 44 -28.89 0.12 12.18
C GLY B 44 -28.86 -0.17 13.67
N MET B 45 -27.89 -0.99 14.09
CA MET B 45 -27.88 -1.59 15.43
C MET B 45 -28.00 -0.60 16.60
N GLN B 46 -28.35 -1.17 17.76
CA GLN B 46 -28.58 -0.45 19.01
C GLN B 46 -27.95 -1.24 20.15
N SER B 47 -27.48 -0.55 21.18
CA SER B 47 -26.95 -1.23 22.36
C SER B 47 -28.16 -1.78 23.12
N LYS B 48 -27.98 -2.92 23.79
CA LYS B 48 -29.05 -3.54 24.56
C LYS B 48 -28.46 -4.72 25.34
N GLY B 49 -28.39 -4.57 26.66
CA GLY B 49 -27.70 -5.55 27.49
C GLY B 49 -26.19 -5.49 27.33
N GLY B 50 -25.69 -4.32 26.90
CA GLY B 50 -24.24 -4.13 26.70
C GLY B 50 -23.63 -4.70 25.43
N VAL B 51 -24.46 -5.21 24.53
CA VAL B 51 -24.01 -5.72 23.21
C VAL B 51 -24.85 -5.13 22.08
N LEU B 52 -24.31 -5.17 20.87
CA LEU B 52 -25.04 -4.66 19.72
C LEU B 52 -26.00 -5.72 19.16
N VAL B 53 -27.25 -5.30 18.95
CA VAL B 53 -28.31 -6.14 18.37
C VAL B 53 -29.03 -5.32 17.27
N PRO B 54 -29.77 -5.99 16.36
CA PRO B 54 -30.41 -5.26 15.26
C PRO B 54 -31.45 -4.24 15.75
N GLY B 55 -31.50 -3.07 15.10
CA GLY B 55 -32.32 -1.94 15.55
C GLY B 55 -33.39 -1.44 14.59
N PRO B 56 -34.67 -1.46 15.04
CA PRO B 56 -35.74 -0.99 14.14
C PRO B 56 -35.91 0.55 14.08
N GLY B 57 -36.70 1.01 13.09
CA GLY B 57 -37.12 2.40 12.97
C GLY B 57 -36.21 3.23 12.09
N LEU B 58 -35.80 2.69 10.94
CA LEU B 58 -34.81 3.36 10.11
C LEU B 58 -35.39 4.58 9.41
N VAL B 59 -36.52 4.40 8.75
CA VAL B 59 -37.15 5.53 8.04
C VAL B 59 -37.40 6.73 8.96
N THR B 60 -37.81 6.47 10.20
CA THR B 60 -38.03 7.54 11.20
C THR B 60 -36.78 8.40 11.39
N LEU B 61 -35.65 7.76 11.54
CA LEU B 61 -34.38 8.47 11.69
C LEU B 61 -33.98 9.24 10.42
N LEU B 62 -33.97 8.55 9.28
CA LEU B 62 -33.49 9.15 8.02
C LEU B 62 -34.23 10.42 7.63
N ARG B 63 -35.53 10.43 7.87
CA ARG B 63 -36.34 11.60 7.66
C ARG B 63 -35.83 12.87 8.37
N THR B 64 -35.20 12.72 9.53
CA THR B 64 -34.66 13.85 10.30
C THR B 64 -33.27 14.31 9.86
N LEU B 65 -32.67 13.65 8.88
CA LEU B 65 -31.32 13.99 8.45
C LEU B 65 -31.39 14.66 7.10
N PRO B 66 -30.99 15.93 7.03
CA PRO B 66 -31.04 16.69 5.77
C PRO B 66 -30.30 16.05 4.59
N MET B 67 -29.20 15.35 4.86
CA MET B 67 -28.45 14.69 3.77
C MET B 67 -29.18 13.48 3.17
N PHE B 68 -30.14 12.91 3.91
CA PHE B 68 -30.92 11.78 3.44
C PHE B 68 -32.33 12.13 3.00
N HIS B 69 -32.82 13.28 3.46
CA HIS B 69 -34.16 13.71 3.14
C HIS B 69 -34.31 15.23 3.00
N ASP B 70 -34.71 15.66 1.81
CA ASP B 70 -35.02 17.06 1.51
C ASP B 70 -36.50 17.38 1.80
N LYS B 71 -36.81 17.79 3.03
CA LYS B 71 -38.20 18.09 3.46
C LYS B 71 -38.88 19.15 2.58
N GLU B 72 -38.13 20.18 2.25
CA GLU B 72 -38.57 21.26 1.39
C GLU B 72 -39.09 20.75 0.05
N PHE B 73 -38.32 19.88 -0.61
CA PHE B 73 -38.73 19.29 -1.90
C PHE B 73 -39.89 18.30 -1.75
N ALA B 74 -39.91 17.55 -0.66
CA ALA B 74 -40.98 16.58 -0.42
C ALA B 74 -42.31 17.29 -0.18
N GLN B 75 -42.28 18.38 0.60
CA GLN B 75 -43.48 19.16 0.89
C GLN B 75 -43.99 19.89 -0.36
N ALA B 76 -43.08 20.53 -1.10
CA ALA B 76 -43.42 21.19 -2.36
C ALA B 76 -43.73 20.23 -3.53
N GLN B 77 -43.71 18.92 -3.27
CA GLN B 77 -44.16 17.89 -4.23
C GLN B 77 -45.27 17.03 -3.60
N GLY B 78 -45.83 17.49 -2.46
CA GLY B 78 -46.78 16.73 -1.63
C GLY B 78 -46.55 15.23 -1.70
N LEU B 79 -45.28 14.84 -1.58
CA LEU B 79 -44.83 13.49 -1.93
C LEU B 79 -45.29 12.45 -0.89
N PRO B 80 -45.59 11.21 -1.36
CA PRO B 80 -45.93 10.16 -0.41
C PRO B 80 -45.13 10.25 0.88
N ASP B 81 -45.78 9.97 2.00
CA ASP B 81 -45.14 10.10 3.32
C ASP B 81 -44.14 8.94 3.62
N HIS B 82 -44.28 7.81 2.93
CA HIS B 82 -43.36 6.64 3.08
C HIS B 82 -42.04 6.78 2.27
N ALA B 83 -41.99 7.78 1.39
CA ALA B 83 -40.92 7.93 0.40
C ALA B 83 -40.04 9.15 0.68
N LEU B 84 -38.73 8.93 0.65
CA LEU B 84 -37.77 9.98 0.93
C LEU B 84 -37.09 10.46 -0.35
N ALA B 85 -36.39 11.57 -0.23
CA ALA B 85 -35.82 12.26 -1.38
C ALA B 85 -34.46 12.83 -1.01
N LEU B 86 -33.47 12.47 -1.80
CA LEU B 86 -32.13 13.00 -1.58
C LEU B 86 -32.09 14.42 -2.07
N PRO B 87 -31.29 15.27 -1.43
CA PRO B 87 -30.96 16.58 -1.98
C PRO B 87 -30.40 16.44 -3.37
N PRO B 88 -30.37 17.53 -4.12
CA PRO B 88 -29.80 17.40 -5.45
C PRO B 88 -28.31 17.17 -5.38
N ALA B 89 -27.81 16.29 -6.22
CA ALA B 89 -26.37 16.10 -6.44
C ALA B 89 -25.91 17.07 -7.53
N SER B 90 -24.63 17.04 -7.88
CA SER B 90 -24.07 17.95 -8.90
C SER B 90 -24.87 17.92 -10.22
N HIS B 91 -24.89 16.76 -10.84
CA HIS B 91 -25.56 16.55 -12.12
C HIS B 91 -26.61 15.46 -11.95
N GLY B 92 -27.14 14.96 -13.06
CA GLY B 92 -27.95 13.76 -13.06
C GLY B 92 -29.36 13.99 -12.59
N PRO B 93 -30.15 12.91 -12.50
CA PRO B 93 -31.54 13.06 -12.09
C PRO B 93 -31.64 13.10 -10.57
N ARG B 94 -32.79 13.53 -10.08
CA ARG B 94 -33.08 13.50 -8.67
C ARG B 94 -33.32 12.05 -8.21
N VAL B 95 -33.02 11.73 -6.95
CA VAL B 95 -33.13 10.35 -6.46
C VAL B 95 -34.11 10.24 -5.32
N LEU B 96 -35.11 9.39 -5.52
CA LEU B 96 -36.08 9.11 -4.49
C LEU B 96 -35.93 7.68 -4.05
N TYR B 97 -36.35 7.35 -2.84
CA TYR B 97 -36.24 5.98 -2.40
C TYR B 97 -37.24 5.62 -1.35
N THR B 98 -37.63 4.34 -1.32
CA THR B 98 -38.56 3.82 -0.33
C THR B 98 -37.82 2.83 0.56
N VAL B 99 -38.15 2.84 1.85
CA VAL B 99 -37.47 1.99 2.81
C VAL B 99 -38.32 0.75 3.18
N LEU B 100 -37.86 -0.44 2.84
CA LEU B 100 -38.52 -1.66 3.27
C LEU B 100 -37.73 -2.31 4.38
N GLU B 101 -38.25 -2.26 5.59
CA GLU B 101 -37.57 -2.83 6.74
C GLU B 101 -38.06 -4.24 7.05
N CYS B 102 -37.26 -5.25 6.72
CA CYS B 102 -37.58 -6.66 7.01
C CYS B 102 -37.82 -6.91 8.51
N GLN B 103 -38.57 -7.96 8.82
CA GLN B 103 -38.81 -8.36 10.20
C GLN B 103 -38.85 -9.88 10.30
N PRO B 104 -38.02 -10.49 11.15
CA PRO B 104 -37.09 -9.78 12.07
C PRO B 104 -35.83 -9.35 11.36
N LEU B 105 -35.09 -8.46 12.02
CA LEU B 105 -33.81 -8.00 11.51
C LEU B 105 -32.74 -8.98 12.00
N LEU B 106 -31.70 -9.19 11.20
CA LEU B 106 -30.70 -10.21 11.51
C LEU B 106 -29.28 -9.72 11.64
N ASP B 107 -28.56 -10.28 12.61
CA ASP B 107 -27.09 -10.22 12.61
C ASP B 107 -26.64 -11.13 11.47
N SER B 108 -25.78 -10.64 10.57
CA SER B 108 -25.44 -11.41 9.38
C SER B 108 -24.75 -12.75 9.67
N SER B 109 -24.17 -12.90 10.86
CA SER B 109 -23.64 -14.18 11.28
C SER B 109 -24.67 -15.31 11.30
N ASP B 110 -25.93 -14.96 11.49
CA ASP B 110 -27.02 -15.93 11.52
C ASP B 110 -27.67 -16.17 10.17
N MET B 111 -27.21 -15.52 9.11
CA MET B 111 -27.81 -15.72 7.82
C MET B 111 -27.43 -17.03 7.14
N THR B 112 -28.34 -17.49 6.30
CA THR B 112 -28.20 -18.73 5.56
C THR B 112 -28.72 -18.54 4.13
N ILE B 113 -28.63 -19.60 3.35
CA ILE B 113 -29.10 -19.58 1.99
C ILE B 113 -30.58 -19.15 1.89
N ASP B 114 -31.43 -19.63 2.80
CA ASP B 114 -32.84 -19.23 2.79
C ASP B 114 -33.06 -17.72 2.92
N ASP B 115 -32.27 -17.06 3.76
CA ASP B 115 -32.37 -15.62 3.97
C ASP B 115 -32.00 -14.86 2.70
N TRP B 116 -30.99 -15.35 2.01
CA TRP B 116 -30.58 -14.71 0.78
C TRP B 116 -31.58 -14.96 -0.34
N ILE B 117 -32.24 -16.10 -0.31
CA ILE B 117 -33.32 -16.36 -1.28
C ILE B 117 -34.48 -15.38 -1.06
N ARG B 118 -34.90 -15.21 0.20
CA ARG B 118 -35.93 -14.22 0.53
C ARG B 118 -35.59 -12.82 -0.01
N ILE B 119 -34.33 -12.44 0.07
CA ILE B 119 -33.94 -11.15 -0.42
C ILE B 119 -34.06 -11.10 -1.95
N ALA B 120 -33.62 -12.14 -2.63
CA ALA B 120 -33.80 -12.20 -4.07
C ALA B 120 -35.28 -12.12 -4.44
N LYS B 121 -36.14 -12.79 -3.68
CA LYS B 121 -37.59 -12.76 -3.95
C LYS B 121 -38.20 -11.35 -3.77
N ILE B 122 -37.74 -10.59 -2.78
CA ILE B 122 -38.15 -9.20 -2.61
C ILE B 122 -37.79 -8.37 -3.82
N ILE B 123 -36.58 -8.57 -4.33
CA ILE B 123 -36.16 -7.84 -5.53
C ILE B 123 -36.98 -8.26 -6.75
N GLU B 124 -37.36 -9.54 -6.84
CA GLU B 124 -38.16 -10.04 -7.96
C GLU B 124 -39.54 -9.42 -7.96
N ARG B 125 -40.18 -9.44 -6.79
CA ARG B 125 -41.54 -8.96 -6.62
C ARG B 125 -41.67 -7.49 -7.00
N HIS B 126 -40.66 -6.70 -6.67
CA HIS B 126 -40.71 -5.23 -6.84
C HIS B 126 -39.87 -4.77 -8.03
N TYR B 127 -39.42 -5.70 -8.86
CA TYR B 127 -38.43 -5.40 -9.90
C TYR B 127 -38.89 -4.31 -10.88
N GLU B 128 -40.16 -4.36 -11.25
CA GLU B 128 -40.68 -3.48 -12.31
C GLU B 128 -40.89 -2.08 -11.78
N GLN B 129 -41.25 -1.96 -10.51
CA GLN B 129 -41.58 -0.69 -9.84
C GLN B 129 -40.33 0.23 -9.55
N TYR B 130 -39.11 -0.29 -9.56
CA TYR B 130 -37.95 0.52 -9.17
C TYR B 130 -36.79 0.42 -10.13
N GLN B 131 -35.93 1.42 -10.11
CA GLN B 131 -34.81 1.47 -11.06
C GLN B 131 -33.50 0.92 -10.48
N GLY B 132 -33.50 0.67 -9.19
CA GLY B 132 -32.34 0.14 -8.50
C GLY B 132 -32.67 -0.29 -7.09
N PHE B 133 -31.71 -1.01 -6.49
CA PHE B 133 -31.86 -1.58 -5.16
C PHE B 133 -30.62 -1.40 -4.31
N VAL B 134 -30.84 -1.11 -3.04
CA VAL B 134 -29.76 -1.03 -2.08
C VAL B 134 -30.16 -1.91 -0.92
N VAL B 135 -29.21 -2.74 -0.49
CA VAL B 135 -29.48 -3.72 0.56
C VAL B 135 -28.52 -3.46 1.71
N ILE B 136 -29.06 -3.09 2.87
CA ILE B 136 -28.26 -2.88 4.06
C ILE B 136 -28.13 -4.22 4.75
N HIS B 137 -26.90 -4.57 5.09
CA HIS B 137 -26.54 -5.95 5.43
C HIS B 137 -25.42 -5.94 6.43
N GLY B 138 -25.39 -6.91 7.31
CA GLY B 138 -24.23 -7.05 8.20
C GLY B 138 -22.97 -7.38 7.42
N THR B 139 -21.83 -7.01 7.95
CA THR B 139 -20.58 -7.20 7.23
C THR B 139 -20.01 -8.58 7.39
N ASP B 140 -20.37 -9.28 8.48
CA ASP B 140 -19.76 -10.58 8.79
C ASP B 140 -19.91 -11.59 7.67
N THR B 141 -21.06 -11.61 7.01
CA THR B 141 -21.27 -12.51 5.89
C THR B 141 -21.68 -11.79 4.61
N MET B 142 -21.32 -10.52 4.49
CA MET B 142 -21.69 -9.77 3.32
C MET B 142 -21.13 -10.31 2.01
N ALA B 143 -19.89 -10.78 2.00
CA ALA B 143 -19.32 -11.40 0.81
C ALA B 143 -20.07 -12.66 0.38
N SER B 144 -20.47 -13.48 1.34
CA SER B 144 -21.28 -14.66 1.01
C SER B 144 -22.63 -14.24 0.39
N GLY B 145 -23.26 -13.22 0.97
CA GLY B 145 -24.55 -12.73 0.50
C GLY B 145 -24.50 -12.10 -0.88
N ALA B 146 -23.49 -11.27 -1.11
CA ALA B 146 -23.31 -10.69 -2.43
C ALA B 146 -23.04 -11.77 -3.47
N SER B 147 -22.18 -12.74 -3.15
CA SER B 147 -21.93 -13.85 -4.07
C SER B 147 -23.22 -14.66 -4.37
N MET B 148 -23.98 -14.98 -3.33
CA MET B 148 -25.20 -15.71 -3.53
C MET B 148 -26.17 -14.99 -4.44
N LEU B 149 -26.45 -13.73 -4.13
CA LEU B 149 -27.41 -12.96 -4.91
C LEU B 149 -26.97 -12.80 -6.34
N SER B 150 -25.67 -12.65 -6.55
CA SER B 150 -25.09 -12.61 -7.90
C SER B 150 -25.53 -13.81 -8.77
N PHE B 151 -25.49 -15.01 -8.18
CA PHE B 151 -25.93 -16.22 -8.88
C PHE B 151 -27.45 -16.38 -8.95
N MET B 152 -28.15 -16.05 -7.89
CA MET B 152 -29.60 -16.15 -7.89
C MET B 152 -30.29 -15.20 -8.87
N LEU B 153 -29.73 -14.02 -9.09
CA LEU B 153 -30.38 -13.04 -9.95
C LEU B 153 -29.86 -13.09 -11.38
N GLU B 154 -30.27 -14.10 -12.14
CA GLU B 154 -29.80 -14.29 -13.51
C GLU B 154 -30.38 -13.26 -14.47
N ASN B 155 -29.52 -12.72 -15.35
CA ASN B 155 -29.88 -11.67 -16.31
C ASN B 155 -30.28 -10.33 -15.70
N LEU B 156 -29.81 -10.06 -14.50
CA LEU B 156 -30.08 -8.80 -13.84
C LEU B 156 -29.78 -7.61 -14.73
N HIS B 157 -30.68 -6.63 -14.75
CA HIS B 157 -30.53 -5.40 -15.55
C HIS B 157 -30.34 -4.11 -14.74
N LYS B 158 -30.51 -4.18 -13.42
CA LYS B 158 -30.52 -3.01 -12.58
C LYS B 158 -29.53 -3.18 -11.44
N PRO B 159 -29.00 -2.06 -10.89
CA PRO B 159 -28.08 -2.20 -9.78
C PRO B 159 -28.73 -2.74 -8.53
N VAL B 160 -28.01 -3.65 -7.88
CA VAL B 160 -28.32 -4.15 -6.55
C VAL B 160 -27.05 -3.89 -5.75
N ILE B 161 -27.07 -2.87 -4.90
CA ILE B 161 -25.86 -2.47 -4.17
C ILE B 161 -25.96 -2.84 -2.69
N LEU B 162 -25.02 -3.66 -2.22
CA LEU B 162 -24.99 -4.00 -0.79
C LEU B 162 -24.07 -3.02 -0.08
N THR B 163 -24.43 -2.73 1.16
CA THR B 163 -23.64 -1.87 1.99
C THR B 163 -23.91 -2.16 3.47
N GLY B 164 -23.04 -1.61 4.30
CA GLY B 164 -23.07 -1.84 5.74
C GLY B 164 -22.04 -0.95 6.39
N ALA B 165 -21.79 -1.18 7.67
CA ALA B 165 -20.92 -0.32 8.43
C ALA B 165 -20.31 -1.02 9.63
N GLN B 166 -19.09 -0.61 10.01
CA GLN B 166 -18.43 -1.10 11.22
C GLN B 166 -18.97 -0.38 12.45
N VAL B 167 -19.67 0.74 12.26
CA VAL B 167 -20.23 1.49 13.39
C VAL B 167 -21.64 1.93 13.04
N PRO B 168 -22.58 1.82 14.00
CA PRO B 168 -23.98 2.16 13.75
C PRO B 168 -24.24 3.62 13.42
N ILE B 169 -25.28 3.86 12.64
CA ILE B 169 -25.57 5.20 12.14
C ILE B 169 -26.03 6.16 13.24
N ARG B 170 -26.48 5.60 14.36
CA ARG B 170 -26.91 6.41 15.50
C ARG B 170 -25.74 6.87 16.39
N VAL B 171 -24.59 6.22 16.28
CA VAL B 171 -23.38 6.67 16.95
C VAL B 171 -22.84 7.86 16.14
N LEU B 172 -22.33 8.88 16.81
CA LEU B 172 -21.96 10.12 16.13
C LEU B 172 -20.83 9.95 15.12
N TRP B 173 -19.78 9.26 15.53
CA TRP B 173 -18.63 9.05 14.68
C TRP B 173 -18.72 7.70 14.02
N ASN B 174 -19.19 7.68 12.78
CA ASN B 174 -19.44 6.44 12.08
C ASN B 174 -19.13 6.47 10.59
N ASP B 175 -19.03 5.29 10.01
CA ASP B 175 -18.84 5.13 8.57
C ASP B 175 -20.17 4.92 7.84
N ALA B 176 -21.25 4.82 8.59
CA ALA B 176 -22.54 4.42 8.05
C ALA B 176 -23.17 5.51 7.20
N ARG B 177 -23.10 6.76 7.63
CA ARG B 177 -23.68 7.85 6.86
C ARG B 177 -23.16 7.85 5.42
N GLU B 178 -21.83 7.89 5.26
CA GLU B 178 -21.24 8.03 3.92
C GLU B 178 -21.42 6.73 3.10
N ASN B 179 -21.36 5.58 3.74
CA ASN B 179 -21.60 4.30 3.05
C ASN B 179 -23.01 4.18 2.48
N LEU B 180 -24.01 4.57 3.27
CA LEU B 180 -25.40 4.48 2.80
C LEU B 180 -25.70 5.50 1.71
N LEU B 181 -25.26 6.72 1.92
CA LEU B 181 -25.46 7.77 0.94
C LEU B 181 -24.84 7.41 -0.41
N GLY B 182 -23.64 6.83 -0.37
CA GLY B 182 -22.93 6.50 -1.58
C GLY B 182 -23.63 5.40 -2.35
N ALA B 183 -24.14 4.43 -1.62
CA ALA B 183 -24.88 3.34 -2.22
C ALA B 183 -26.08 3.89 -2.99
N LEU B 184 -26.85 4.74 -2.33
CA LEU B 184 -28.05 5.34 -2.92
C LEU B 184 -27.69 6.17 -4.17
N LEU B 185 -26.62 6.96 -4.09
CA LEU B 185 -26.21 7.73 -5.23
C LEU B 185 -25.71 6.89 -6.39
N VAL B 186 -25.02 5.79 -6.10
CA VAL B 186 -24.53 4.94 -7.18
C VAL B 186 -25.71 4.24 -7.86
N ALA B 187 -26.56 3.63 -7.07
CA ALA B 187 -27.70 2.93 -7.62
C ALA B 187 -28.64 3.91 -8.34
N GLY B 188 -28.72 5.12 -7.79
CA GLY B 188 -29.61 6.13 -8.31
C GLY B 188 -29.15 6.75 -9.62
N GLN B 189 -27.85 6.81 -9.83
CA GLN B 189 -27.33 7.58 -10.96
C GLN B 189 -26.69 6.76 -12.04
N TYR B 190 -26.39 5.48 -11.81
CA TYR B 190 -25.68 4.72 -12.85
C TYR B 190 -26.35 3.37 -13.15
N ILE B 191 -26.19 2.92 -14.39
CA ILE B 191 -26.74 1.65 -14.82
C ILE B 191 -25.59 0.67 -14.75
N ILE B 192 -25.43 0.10 -13.57
CA ILE B 192 -24.50 -0.97 -13.34
C ILE B 192 -25.34 -2.19 -12.99
N PRO B 193 -25.50 -3.12 -13.94
CA PRO B 193 -26.38 -4.27 -13.76
C PRO B 193 -25.70 -5.42 -13.08
N GLU B 194 -25.24 -5.21 -11.86
CA GLU B 194 -24.57 -6.26 -11.10
C GLU B 194 -24.94 -6.16 -9.64
N VAL B 195 -24.76 -7.26 -8.92
CA VAL B 195 -24.75 -7.21 -7.47
C VAL B 195 -23.37 -6.71 -7.05
N CYS B 196 -23.32 -5.56 -6.38
CA CYS B 196 -22.09 -4.92 -5.96
C CYS B 196 -22.07 -4.70 -4.46
N LEU B 197 -20.92 -4.28 -3.99
CA LEU B 197 -20.75 -3.92 -2.59
C LEU B 197 -20.13 -2.53 -2.57
N PHE B 198 -20.75 -1.58 -1.88
CA PHE B 198 -20.18 -0.27 -1.72
C PHE B 198 -19.74 -0.03 -0.31
N MET B 199 -18.46 0.23 -0.12
CA MET B 199 -17.90 0.60 1.20
C MET B 199 -16.74 1.55 1.03
N ASN B 200 -16.66 2.55 1.91
CA ASN B 200 -15.47 3.35 2.02
C ASN B 200 -15.04 3.94 0.67
N SER B 201 -16.01 4.55 -0.02
CA SER B 201 -15.79 5.23 -1.29
C SER B 201 -15.47 4.33 -2.47
N GLN B 202 -15.64 3.02 -2.35
CA GLN B 202 -15.38 2.12 -3.47
C GLN B 202 -16.52 1.16 -3.77
N LEU B 203 -16.71 0.86 -5.05
CA LEU B 203 -17.72 -0.11 -5.50
C LEU B 203 -17.01 -1.33 -6.04
N PHE B 204 -17.31 -2.48 -5.48
CA PHE B 204 -16.69 -3.73 -5.88
C PHE B 204 -17.71 -4.67 -6.51
N ARG B 205 -17.24 -5.52 -7.43
CA ARG B 205 -18.08 -6.61 -7.89
C ARG B 205 -18.34 -7.54 -6.73
N GLY B 206 -19.59 -7.80 -6.46
CA GLY B 206 -19.98 -8.53 -5.24
C GLY B 206 -19.38 -9.90 -5.12
N ASN B 207 -19.35 -10.66 -6.21
CA ASN B 207 -18.79 -12.01 -6.16
C ASN B 207 -17.28 -12.04 -6.21
N ARG B 208 -16.65 -10.89 -6.00
CA ARG B 208 -15.20 -10.79 -6.02
C ARG B 208 -14.61 -10.29 -4.70
N VAL B 209 -15.45 -9.99 -3.71
CA VAL B 209 -14.95 -9.37 -2.48
C VAL B 209 -14.74 -10.37 -1.37
N THR B 210 -13.90 -9.97 -0.41
CA THR B 210 -13.73 -10.70 0.80
C THR B 210 -13.39 -9.73 1.92
N LYS B 211 -13.81 -10.06 3.14
CA LYS B 211 -13.59 -9.18 4.28
C LYS B 211 -12.19 -9.41 4.82
N VAL B 212 -11.40 -8.35 4.86
CA VAL B 212 -9.99 -8.46 5.27
C VAL B 212 -9.66 -7.80 6.58
N ASP B 213 -10.55 -6.96 7.12
CA ASP B 213 -10.25 -6.23 8.36
C ASP B 213 -11.46 -6.14 9.28
N SER B 214 -11.29 -6.56 10.53
CA SER B 214 -12.42 -6.60 11.46
C SER B 214 -12.71 -5.30 12.18
N GLN B 215 -11.83 -4.30 12.05
CA GLN B 215 -12.01 -3.01 12.73
C GLN B 215 -11.93 -1.77 11.86
N LYS B 216 -11.07 -1.75 10.87
CA LYS B 216 -10.85 -0.54 10.07
C LYS B 216 -12.06 -0.31 9.17
N PHE B 217 -12.32 0.95 8.79
CA PHE B 217 -13.41 1.23 7.84
C PHE B 217 -13.15 0.64 6.46
N GLU B 218 -11.89 0.54 6.06
CA GLU B 218 -11.54 -0.16 4.82
C GLU B 218 -11.56 -1.65 5.13
N ALA B 219 -12.76 -2.21 5.16
CA ALA B 219 -12.95 -3.57 5.67
C ALA B 219 -12.91 -4.61 4.59
N PHE B 220 -13.14 -4.20 3.35
CA PHE B 220 -13.27 -5.14 2.23
C PHE B 220 -12.25 -4.87 1.14
N CYS B 221 -12.01 -5.90 0.34
CA CYS B 221 -10.94 -5.91 -0.65
C CYS B 221 -11.48 -6.75 -1.80
N SER B 222 -11.09 -6.41 -3.03
CA SER B 222 -11.41 -7.24 -4.20
C SER B 222 -10.08 -7.72 -4.75
N PRO B 223 -9.58 -8.83 -4.22
CA PRO B 223 -8.16 -9.11 -4.43
C PRO B 223 -7.73 -9.43 -5.87
N ASN B 224 -8.60 -10.01 -6.68
CA ASN B 224 -8.23 -10.37 -8.07
C ASN B 224 -8.98 -9.58 -9.16
N LEU B 225 -9.49 -8.40 -8.82
CA LEU B 225 -10.20 -7.60 -9.79
C LEU B 225 -10.23 -6.21 -9.25
N SER B 226 -10.05 -5.24 -10.14
CA SER B 226 -10.25 -3.84 -9.79
C SER B 226 -11.64 -3.57 -9.27
N PRO B 227 -11.76 -2.52 -8.48
CA PRO B 227 -13.08 -1.99 -8.17
C PRO B 227 -13.80 -1.62 -9.44
N LEU B 228 -15.11 -1.76 -9.44
CA LEU B 228 -15.93 -1.29 -10.54
C LEU B 228 -16.00 0.22 -10.57
N ALA B 229 -15.82 0.86 -9.41
CA ALA B 229 -15.88 2.32 -9.35
C ALA B 229 -15.25 2.85 -8.10
N THR B 230 -14.81 4.09 -8.19
CA THR B 230 -14.19 4.82 -7.10
C THR B 230 -14.84 6.18 -7.03
N VAL B 231 -15.07 6.65 -5.81
CA VAL B 231 -15.68 7.96 -5.59
C VAL B 231 -14.72 8.96 -4.90
N GLY B 232 -14.60 10.14 -5.49
CA GLY B 232 -13.82 11.25 -4.92
C GLY B 232 -14.51 12.51 -5.35
N ALA B 233 -13.72 13.51 -5.73
CA ALA B 233 -14.27 14.65 -6.47
C ALA B 233 -15.07 14.09 -7.64
N ASP B 234 -14.39 13.33 -8.49
CA ASP B 234 -15.01 12.67 -9.65
C ASP B 234 -15.44 11.27 -9.26
N VAL B 235 -16.44 10.77 -9.96
CA VAL B 235 -16.80 9.34 -9.92
C VAL B 235 -16.08 8.62 -11.08
N THR B 236 -15.23 7.63 -10.79
CA THR B 236 -14.53 6.90 -11.85
C THR B 236 -15.06 5.49 -11.95
N ILE B 237 -15.62 5.15 -13.11
CA ILE B 237 -16.21 3.86 -13.36
C ILE B 237 -15.41 3.12 -14.42
N ALA B 238 -15.13 1.85 -14.15
CA ALA B 238 -14.44 1.02 -15.09
C ALA B 238 -15.48 0.35 -15.99
N TRP B 239 -15.95 1.09 -16.99
CA TRP B 239 -16.93 0.54 -17.94
C TRP B 239 -16.43 -0.67 -18.78
N ASP B 240 -15.14 -0.72 -19.03
CA ASP B 240 -14.48 -1.91 -19.58
C ASP B 240 -14.72 -3.20 -18.78
N LEU B 241 -15.04 -3.09 -17.47
CA LEU B 241 -15.29 -4.27 -16.62
C LEU B 241 -16.75 -4.51 -16.33
N VAL B 242 -17.54 -3.45 -16.27
CA VAL B 242 -18.96 -3.58 -15.91
C VAL B 242 -19.68 -4.42 -16.96
N ARG B 243 -20.50 -5.35 -16.50
CA ARG B 243 -21.21 -6.27 -17.40
C ARG B 243 -22.33 -5.59 -18.15
N LYS B 244 -22.62 -6.12 -19.33
CA LYS B 244 -23.53 -5.47 -20.28
C LYS B 244 -24.97 -5.88 -20.01
N VAL B 245 -25.88 -4.93 -20.13
CA VAL B 245 -27.32 -5.17 -19.95
C VAL B 245 -27.88 -6.06 -21.08
N LYS B 246 -28.44 -7.21 -20.73
CA LYS B 246 -29.12 -8.10 -21.68
C LYS B 246 -30.62 -7.86 -21.63
N TRP B 247 -31.04 -6.75 -22.21
CA TRP B 247 -32.46 -6.31 -22.21
C TRP B 247 -33.41 -7.34 -22.85
N LYS B 248 -32.84 -8.16 -23.73
CA LYS B 248 -33.57 -9.21 -24.45
C LYS B 248 -34.12 -10.27 -23.51
N ASP B 249 -33.28 -10.70 -22.56
CA ASP B 249 -33.55 -11.86 -21.70
C ASP B 249 -34.20 -11.38 -20.41
N PRO B 250 -35.25 -12.08 -19.94
CA PRO B 250 -35.90 -11.63 -18.73
C PRO B 250 -35.18 -12.10 -17.47
N LEU B 251 -35.49 -11.43 -16.35
CA LEU B 251 -34.92 -11.81 -15.06
C LEU B 251 -35.42 -13.19 -14.66
N VAL B 252 -34.49 -14.11 -14.37
CA VAL B 252 -34.83 -15.42 -13.80
C VAL B 252 -34.21 -15.49 -12.42
N VAL B 253 -35.01 -15.83 -11.43
CA VAL B 253 -34.57 -15.83 -10.05
C VAL B 253 -34.54 -17.25 -9.50
N HIS B 254 -33.34 -17.77 -9.29
CA HIS B 254 -33.15 -19.18 -8.96
C HIS B 254 -33.34 -19.37 -7.49
N SER B 255 -34.43 -19.99 -7.08
CA SER B 255 -34.62 -20.28 -5.68
C SER B 255 -34.30 -21.73 -5.36
N ASN B 256 -33.98 -22.51 -6.37
CA ASN B 256 -33.53 -23.88 -6.24
C ASN B 256 -32.01 -23.93 -6.07
N MET B 257 -31.53 -23.59 -4.88
CA MET B 257 -30.12 -23.61 -4.56
C MET B 257 -29.87 -24.81 -3.66
N GLU B 258 -28.79 -25.54 -3.92
CA GLU B 258 -28.48 -26.73 -3.11
C GLU B 258 -27.99 -26.29 -1.72
N HIS B 259 -28.64 -26.79 -0.67
CA HIS B 259 -28.28 -26.45 0.70
C HIS B 259 -27.08 -27.26 1.23
N ASP B 260 -26.94 -28.52 0.80
CA ASP B 260 -25.89 -29.42 1.28
C ASP B 260 -24.53 -29.23 0.59
N VAL B 261 -23.97 -28.05 0.78
CA VAL B 261 -22.65 -27.73 0.30
C VAL B 261 -21.86 -27.21 1.46
N ALA B 262 -20.55 -27.39 1.41
CA ALA B 262 -19.69 -27.05 2.54
C ALA B 262 -18.36 -26.52 2.10
N LEU B 263 -17.60 -26.04 3.07
CA LEU B 263 -16.28 -25.50 2.86
C LEU B 263 -15.38 -26.22 3.84
N LEU B 264 -14.22 -26.68 3.37
CA LEU B 264 -13.28 -27.41 4.21
C LEU B 264 -11.90 -26.86 4.02
N ARG B 265 -11.33 -26.29 5.09
CA ARG B 265 -9.99 -25.78 5.02
C ARG B 265 -8.99 -26.83 5.40
N LEU B 266 -8.07 -27.13 4.49
CA LEU B 266 -6.99 -28.03 4.79
C LEU B 266 -5.99 -27.37 5.69
N TYR B 267 -5.43 -28.14 6.61
CA TYR B 267 -4.38 -27.67 7.46
C TYR B 267 -3.35 -28.78 7.48
N PRO B 268 -2.11 -28.45 7.79
CA PRO B 268 -1.04 -29.44 7.70
C PRO B 268 -1.32 -30.65 8.56
N GLY B 269 -1.13 -31.83 7.96
CA GLY B 269 -1.36 -33.08 8.62
C GLY B 269 -2.82 -33.42 8.89
N ILE B 270 -3.77 -32.75 8.26
CA ILE B 270 -5.18 -33.08 8.44
C ILE B 270 -5.34 -34.56 8.15
N PRO B 271 -5.93 -35.33 9.08
CA PRO B 271 -6.01 -36.77 8.88
C PRO B 271 -7.11 -37.24 7.91
N ALA B 272 -6.85 -38.34 7.22
CA ALA B 272 -7.81 -39.00 6.36
C ALA B 272 -9.14 -39.32 7.08
N SER B 273 -9.07 -39.75 8.33
CA SER B 273 -10.29 -40.16 9.03
C SER B 273 -11.24 -38.97 9.22
N LEU B 274 -10.68 -37.78 9.43
CA LEU B 274 -11.47 -36.57 9.67
C LEU B 274 -12.07 -36.09 8.37
N VAL B 275 -11.32 -36.22 7.28
CA VAL B 275 -11.87 -35.88 5.97
C VAL B 275 -12.97 -36.85 5.56
N ARG B 276 -12.78 -38.16 5.78
CA ARG B 276 -13.84 -39.14 5.57
C ARG B 276 -15.13 -38.73 6.29
N ALA B 277 -15.04 -38.39 7.57
CA ALA B 277 -16.23 -38.01 8.33
C ALA B 277 -16.89 -36.75 7.80
N PHE B 278 -16.10 -35.78 7.36
CA PHE B 278 -16.60 -34.51 6.84
C PHE B 278 -17.38 -34.66 5.54
N LEU B 279 -16.92 -35.55 4.66
CA LEU B 279 -17.51 -35.74 3.34
C LEU B 279 -18.58 -36.84 3.28
N GLN B 280 -19.15 -37.23 4.42
CA GLN B 280 -20.21 -38.25 4.43
C GLN B 280 -21.52 -37.72 3.83
N PRO B 281 -22.39 -38.61 3.31
CA PRO B 281 -23.74 -38.20 2.93
C PRO B 281 -24.46 -37.58 4.10
N PRO B 282 -25.29 -36.56 3.88
CA PRO B 282 -25.83 -36.18 2.58
C PRO B 282 -25.06 -35.08 1.80
N LEU B 283 -23.83 -34.75 2.17
CA LEU B 283 -23.11 -33.69 1.47
C LEU B 283 -23.03 -33.92 -0.04
N LYS B 284 -23.27 -32.88 -0.83
CA LYS B 284 -23.25 -33.02 -2.27
C LYS B 284 -22.06 -32.29 -2.92
N GLY B 285 -21.57 -31.24 -2.29
CA GLY B 285 -20.46 -30.49 -2.84
C GLY B 285 -19.64 -29.83 -1.75
N VAL B 286 -18.36 -29.64 -2.04
CA VAL B 286 -17.47 -29.06 -1.07
C VAL B 286 -16.43 -28.21 -1.79
N VAL B 287 -16.09 -27.07 -1.18
CA VAL B 287 -14.93 -26.27 -1.59
C VAL B 287 -13.73 -26.65 -0.72
N LEU B 288 -12.66 -27.18 -1.32
CA LEU B 288 -11.45 -27.47 -0.58
C LEU B 288 -10.56 -26.25 -0.64
N GLU B 289 -10.31 -25.61 0.50
CA GLU B 289 -9.35 -24.51 0.55
C GLU B 289 -7.95 -25.08 0.76
N THR B 290 -7.13 -24.99 -0.27
CA THR B 290 -5.82 -25.65 -0.30
C THR B 290 -4.71 -24.63 -0.13
N PHE B 291 -3.47 -25.11 -0.09
CA PHE B 291 -2.31 -24.21 0.14
C PHE B 291 -1.83 -23.58 -1.16
N GLY B 292 -1.36 -22.35 -1.09
CA GLY B 292 -0.66 -21.70 -2.19
C GLY B 292 -1.38 -21.78 -3.53
N SER B 293 -0.69 -22.27 -4.55
CA SER B 293 -1.21 -22.33 -5.89
C SER B 293 -2.15 -23.53 -6.10
N GLY B 294 -2.62 -24.16 -5.04
CA GLY B 294 -3.66 -25.20 -5.13
C GLY B 294 -3.23 -26.58 -4.68
N ASN B 295 -2.35 -26.67 -3.67
CA ASN B 295 -1.73 -27.92 -3.28
C ASN B 295 -2.23 -28.41 -1.96
N GLY B 296 -2.21 -29.72 -1.77
CA GLY B 296 -2.51 -30.32 -0.50
C GLY B 296 -1.55 -31.42 -0.19
N PRO B 297 -1.72 -32.06 0.98
CA PRO B 297 -0.94 -33.25 1.27
C PRO B 297 -1.21 -34.36 0.22
N SER B 298 -0.18 -35.10 -0.12
CA SER B 298 -0.31 -36.19 -1.05
C SER B 298 -0.30 -37.54 -0.37
N LYS B 299 -0.44 -37.58 0.95
CA LYS B 299 -0.44 -38.90 1.59
C LYS B 299 -1.59 -39.73 1.01
N PRO B 300 -1.29 -40.98 0.61
CA PRO B 300 -2.27 -41.75 -0.18
C PRO B 300 -3.63 -42.00 0.47
N ASP B 301 -3.69 -42.14 1.78
CA ASP B 301 -4.97 -42.41 2.45
C ASP B 301 -5.91 -41.22 2.38
N LEU B 302 -5.34 -40.01 2.36
CA LEU B 302 -6.12 -38.80 2.17
C LEU B 302 -6.64 -38.72 0.75
N LEU B 303 -5.75 -38.93 -0.22
CA LEU B 303 -6.16 -38.95 -1.62
C LEU B 303 -7.21 -40.03 -1.89
N GLN B 304 -7.11 -41.15 -1.18
CA GLN B 304 -8.07 -42.22 -1.28
C GLN B 304 -9.47 -41.82 -0.81
N GLU B 305 -9.56 -41.02 0.26
CA GLU B 305 -10.86 -40.55 0.70
C GLU B 305 -11.49 -39.58 -0.27
N LEU B 306 -10.68 -38.78 -0.97
CA LEU B 306 -11.23 -37.89 -1.96
C LEU B 306 -11.77 -38.69 -3.13
N ARG B 307 -11.05 -39.71 -3.59
CA ARG B 307 -11.57 -40.61 -4.62
C ARG B 307 -12.84 -41.30 -4.21
N ALA B 308 -12.85 -41.84 -3.01
CA ALA B 308 -14.02 -42.51 -2.52
C ALA B 308 -15.24 -41.60 -2.62
N ALA B 309 -15.05 -40.33 -2.25
CA ALA B 309 -16.15 -39.38 -2.20
C ALA B 309 -16.62 -39.00 -3.58
N ALA B 310 -15.66 -38.91 -4.50
CA ALA B 310 -15.96 -38.71 -5.91
C ALA B 310 -16.80 -39.84 -6.47
N GLN B 311 -16.44 -41.07 -6.12
CA GLN B 311 -17.24 -42.22 -6.53
C GLN B 311 -18.67 -42.25 -5.97
N ARG B 312 -18.88 -41.67 -4.78
CA ARG B 312 -20.21 -41.52 -4.26
C ARG B 312 -20.98 -40.40 -4.96
N GLY B 313 -20.29 -39.61 -5.79
CA GLY B 313 -20.91 -38.50 -6.53
C GLY B 313 -20.71 -37.09 -6.00
N LEU B 314 -19.71 -36.89 -5.16
CA LEU B 314 -19.47 -35.56 -4.56
C LEU B 314 -18.70 -34.70 -5.52
N ILE B 315 -19.03 -33.43 -5.59
CA ILE B 315 -18.25 -32.54 -6.42
C ILE B 315 -17.38 -31.67 -5.56
N MET B 316 -16.16 -31.47 -6.02
CA MET B 316 -15.15 -30.74 -5.28
C MET B 316 -14.56 -29.60 -6.11
N VAL B 317 -14.47 -28.42 -5.50
CA VAL B 317 -13.80 -27.31 -6.11
C VAL B 317 -12.59 -26.93 -5.28
N ASN B 318 -11.48 -26.73 -5.96
CA ASN B 318 -10.20 -26.40 -5.32
C ASN B 318 -9.93 -24.88 -5.37
N CYS B 319 -9.99 -24.22 -4.22
CA CYS B 319 -9.64 -22.79 -4.06
C CYS B 319 -8.42 -22.59 -3.22
N SER B 320 -7.74 -21.47 -3.44
CA SER B 320 -6.56 -21.16 -2.66
C SER B 320 -6.91 -20.46 -1.36
N GLN B 321 -6.29 -20.91 -0.28
CA GLN B 321 -6.29 -20.15 0.99
C GLN B 321 -5.67 -18.77 0.85
N CYS B 322 -4.75 -18.57 -0.09
CA CYS B 322 -4.19 -17.26 -0.29
C CYS B 322 -5.24 -16.26 -0.73
N LEU B 323 -5.03 -15.04 -0.29
CA LEU B 323 -5.91 -13.93 -0.57
C LEU B 323 -5.86 -13.59 -2.07
N ARG B 324 -4.65 -13.49 -2.61
CA ARG B 324 -4.43 -13.04 -3.98
C ARG B 324 -3.79 -14.14 -4.83
N GLY B 325 -4.20 -14.25 -6.10
CA GLY B 325 -3.70 -15.30 -6.99
C GLY B 325 -4.68 -16.42 -7.37
N SER B 326 -4.12 -17.43 -8.04
CA SER B 326 -4.86 -18.39 -8.82
C SER B 326 -4.41 -19.82 -8.57
N VAL B 327 -5.36 -20.75 -8.56
CA VAL B 327 -5.00 -22.15 -8.55
C VAL B 327 -4.47 -22.56 -9.92
N THR B 328 -3.29 -23.19 -9.92
CA THR B 328 -2.48 -23.51 -11.10
C THR B 328 -1.87 -24.87 -10.83
N PRO B 329 -1.87 -25.78 -11.82
CA PRO B 329 -1.05 -27.01 -11.60
C PRO B 329 0.47 -26.73 -11.68
N GLY B 330 1.29 -27.74 -11.42
CA GLY B 330 2.75 -27.53 -11.48
C GLY B 330 3.59 -28.21 -10.39
N TYR B 331 2.95 -28.76 -9.36
CA TYR B 331 3.65 -29.51 -8.30
C TYR B 331 3.15 -30.94 -8.22
N ALA B 332 3.99 -31.81 -7.64
CA ALA B 332 3.57 -33.19 -7.31
C ALA B 332 2.45 -33.23 -6.26
N THR B 333 2.25 -32.11 -5.55
CA THR B 333 1.22 -31.97 -4.53
C THR B 333 -0.10 -31.29 -5.00
N SER B 334 -0.16 -30.82 -6.24
CA SER B 334 -1.37 -30.18 -6.81
C SER B 334 -2.57 -31.11 -6.81
N LEU B 335 -3.69 -30.64 -6.30
CA LEU B 335 -4.91 -31.45 -6.26
C LEU B 335 -5.70 -31.28 -7.55
N ALA B 336 -5.67 -32.33 -8.38
CA ALA B 336 -6.44 -32.41 -9.62
C ALA B 336 -7.01 -33.83 -9.82
N GLY B 337 -8.03 -33.98 -10.68
CA GLY B 337 -8.57 -35.31 -11.03
C GLY B 337 -10.02 -35.61 -10.68
N ALA B 338 -10.32 -36.88 -10.40
CA ALA B 338 -11.69 -37.36 -10.21
C ALA B 338 -12.54 -36.32 -9.50
N ASN B 339 -13.46 -35.73 -10.27
CA ASN B 339 -14.48 -34.79 -9.74
C ASN B 339 -13.93 -33.51 -9.09
N ILE B 340 -12.63 -33.19 -9.31
CA ILE B 340 -12.04 -31.95 -8.76
C ILE B 340 -11.82 -30.83 -9.78
N VAL B 341 -12.60 -29.77 -9.66
CA VAL B 341 -12.60 -28.68 -10.60
C VAL B 341 -11.74 -27.58 -10.02
N SER B 342 -10.87 -27.01 -10.82
CA SER B 342 -10.05 -25.89 -10.35
C SER B 342 -10.89 -24.64 -10.20
N GLY B 343 -10.69 -23.90 -9.12
CA GLY B 343 -11.42 -22.65 -8.87
C GLY B 343 -10.68 -21.42 -9.36
N LEU B 344 -9.57 -21.62 -10.06
CA LEU B 344 -8.79 -20.51 -10.59
C LEU B 344 -8.60 -19.41 -9.53
N ASP B 345 -9.08 -18.21 -9.80
CA ASP B 345 -8.86 -17.12 -8.86
C ASP B 345 -10.14 -16.78 -8.07
N MET B 346 -11.12 -17.67 -8.04
CA MET B 346 -12.36 -17.38 -7.33
C MET B 346 -12.11 -17.20 -5.85
N THR B 347 -12.86 -16.31 -5.22
CA THR B 347 -12.96 -16.30 -3.77
C THR B 347 -13.71 -17.54 -3.30
N SER B 348 -13.45 -17.97 -2.07
CA SER B 348 -14.20 -19.11 -1.48
C SER B 348 -15.70 -18.82 -1.37
N GLU B 349 -16.04 -17.58 -1.05
CA GLU B 349 -17.42 -17.20 -0.87
C GLU B 349 -18.12 -17.39 -2.21
N ALA B 350 -17.47 -17.00 -3.30
CA ALA B 350 -18.01 -17.19 -4.64
C ALA B 350 -18.05 -18.65 -5.10
N ALA B 351 -16.97 -19.38 -4.90
CA ALA B 351 -16.95 -20.80 -5.19
C ALA B 351 -18.11 -21.54 -4.50
N LEU B 352 -18.31 -21.24 -3.23
CA LEU B 352 -19.36 -21.88 -2.48
C LEU B 352 -20.75 -21.54 -3.05
N ALA B 353 -20.97 -20.29 -3.41
CA ALA B 353 -22.27 -19.89 -3.92
C ALA B 353 -22.49 -20.51 -5.30
N LYS B 354 -21.45 -20.54 -6.11
CA LYS B 354 -21.54 -21.14 -7.41
C LYS B 354 -21.83 -22.64 -7.33
N LEU B 355 -21.19 -23.27 -6.35
CA LEU B 355 -21.42 -24.67 -6.14
C LEU B 355 -22.91 -24.89 -5.80
N SER B 356 -23.46 -24.04 -4.96
CA SER B 356 -24.87 -24.15 -4.60
C SER B 356 -25.82 -23.96 -5.78
N TYR B 357 -25.47 -23.05 -6.67
CA TYR B 357 -26.27 -22.71 -7.85
C TYR B 357 -26.30 -23.87 -8.84
N VAL B 358 -25.10 -24.31 -9.24
CA VAL B 358 -24.96 -25.36 -10.23
C VAL B 358 -25.58 -26.65 -9.75
N LEU B 359 -25.37 -27.00 -8.49
CA LEU B 359 -25.94 -28.27 -7.96
C LEU B 359 -27.45 -28.21 -7.83
N GLY B 360 -28.01 -27.01 -7.77
CA GLY B 360 -29.43 -26.86 -7.66
C GLY B 360 -30.15 -26.93 -9.01
N LEU B 361 -29.41 -26.72 -10.10
CA LEU B 361 -30.02 -26.84 -11.43
C LEU B 361 -30.52 -28.26 -11.61
N PRO B 362 -31.70 -28.42 -12.22
CA PRO B 362 -32.33 -29.73 -12.35
C PRO B 362 -31.79 -30.51 -13.53
N GLU B 363 -31.73 -31.83 -13.37
CA GLU B 363 -31.51 -32.79 -14.46
C GLU B 363 -30.23 -32.57 -15.24
N LEU B 364 -29.12 -32.43 -14.54
CA LEU B 364 -27.82 -32.38 -15.18
C LEU B 364 -26.98 -33.53 -14.68
N SER B 365 -26.13 -34.02 -15.55
CA SER B 365 -25.16 -35.05 -15.21
C SER B 365 -24.07 -34.43 -14.38
N LEU B 366 -23.42 -35.24 -13.59
CA LEU B 366 -22.19 -34.85 -12.89
C LEU B 366 -21.15 -34.14 -13.79
N GLU B 367 -20.96 -34.64 -15.02
CA GLU B 367 -19.96 -34.07 -15.92
C GLU B 367 -20.36 -32.66 -16.36
N ARG B 368 -21.65 -32.46 -16.60
CA ARG B 368 -22.14 -31.17 -17.06
C ARG B 368 -22.03 -30.12 -15.95
N ARG B 369 -22.24 -30.58 -14.74
CA ARG B 369 -22.13 -29.72 -13.58
C ARG B 369 -20.70 -29.21 -13.41
N GLN B 370 -19.72 -30.08 -13.63
CA GLN B 370 -18.34 -29.66 -13.54
C GLN B 370 -17.95 -28.69 -14.63
N GLU B 371 -18.57 -28.80 -15.80
CA GLU B 371 -18.26 -27.91 -16.91
C GLU B 371 -18.76 -26.52 -16.62
N LEU B 372 -19.93 -26.42 -15.98
CA LEU B 372 -20.44 -25.12 -15.55
C LEU B 372 -19.59 -24.47 -14.45
N LEU B 373 -19.11 -25.30 -13.53
CA LEU B 373 -18.25 -24.79 -12.46
C LEU B 373 -16.98 -24.22 -13.02
N ALA B 374 -16.52 -24.75 -14.15
CA ALA B 374 -15.27 -24.30 -14.75
C ALA B 374 -15.44 -23.11 -15.72
N LYS B 375 -16.65 -22.58 -15.81
CA LYS B 375 -16.95 -21.44 -16.68
C LYS B 375 -17.27 -20.18 -15.85
N ASP B 376 -16.92 -19.01 -16.36
CA ASP B 376 -17.22 -17.74 -15.69
C ASP B 376 -18.68 -17.38 -15.92
N LEU B 377 -19.53 -17.56 -14.92
CA LEU B 377 -20.98 -17.32 -15.09
C LEU B 377 -21.48 -15.95 -14.70
N ARG B 378 -20.74 -15.22 -13.85
CA ARG B 378 -21.18 -13.89 -13.39
C ARG B 378 -20.04 -12.90 -13.18
N GLY B 379 -18.88 -13.15 -13.76
CA GLY B 379 -17.71 -12.30 -13.56
C GLY B 379 -16.89 -12.64 -12.34
N GLU B 380 -17.12 -13.82 -11.76
CA GLU B 380 -16.45 -14.22 -10.54
C GLU B 380 -15.08 -14.86 -10.75
N MET B 381 -14.70 -15.11 -11.99
CA MET B 381 -13.57 -15.97 -12.32
C MET B 381 -12.90 -15.48 -13.61
N THR B 382 -11.59 -15.42 -13.60
CA THR B 382 -10.84 -15.04 -14.78
C THR B 382 -10.24 -16.32 -15.39
N LEU B 383 -10.57 -16.61 -16.65
CA LEU B 383 -9.91 -17.74 -17.35
C LEU B 383 -8.57 -17.33 -17.99
N PRO B 384 -7.60 -18.26 -18.01
CA PRO B 384 -6.24 -17.98 -18.53
C PRO B 384 -6.15 -17.93 -20.06
N THR B 385 -4.93 -17.82 -20.59
CA THR B 385 -4.68 -17.94 -22.03
C THR B 385 -3.50 -18.88 -22.32
N GLU C 31 34.78 -14.35 13.14
CA GLU C 31 34.00 -15.34 12.32
C GLU C 31 32.73 -15.82 13.05
N ARG C 32 31.62 -15.88 12.33
CA ARG C 32 30.38 -16.46 12.86
C ARG C 32 30.00 -17.63 11.97
N HIS C 33 29.70 -18.77 12.61
CA HIS C 33 29.44 -20.02 11.87
CA HIS C 33 29.45 -20.01 11.90
C HIS C 33 27.93 -20.30 11.96
N LEU C 34 27.30 -20.53 10.79
CA LEU C 34 25.87 -20.83 10.67
C LEU C 34 25.62 -22.24 10.14
N LEU C 35 24.51 -22.83 10.57
CA LEU C 35 24.07 -24.10 9.98
C LEU C 35 22.90 -23.83 9.04
N LEU C 36 23.04 -24.28 7.79
CA LEU C 36 22.03 -24.09 6.79
C LEU C 36 21.33 -25.42 6.56
N ILE C 37 20.07 -25.52 6.98
CA ILE C 37 19.31 -26.74 6.93
C ILE C 37 18.39 -26.70 5.74
N TYR C 38 18.64 -27.57 4.79
CA TYR C 38 17.82 -27.64 3.59
C TYR C 38 16.79 -28.78 3.71
N THR C 39 15.52 -28.43 3.91
CA THR C 39 14.43 -29.39 4.14
C THR C 39 13.61 -29.67 2.90
N GLY C 40 13.59 -28.72 1.98
CA GLY C 40 12.90 -28.89 0.70
C GLY C 40 12.37 -27.59 0.13
N GLY C 41 11.28 -27.71 -0.63
CA GLY C 41 10.65 -26.57 -1.20
C GLY C 41 11.23 -26.12 -2.52
N THR C 42 10.52 -25.16 -3.12
CA THR C 42 10.74 -24.68 -4.49
C THR C 42 12.17 -24.19 -4.72
N LEU C 43 12.76 -23.58 -3.71
CA LEU C 43 14.13 -23.03 -3.83
C LEU C 43 15.15 -23.99 -4.43
N GLY C 44 15.07 -25.24 -4.07
CA GLY C 44 16.05 -26.20 -4.60
C GLY C 44 15.51 -27.01 -5.75
N MET C 45 14.20 -26.93 -5.97
CA MET C 45 13.47 -27.87 -6.84
C MET C 45 14.02 -28.00 -8.27
N GLN C 46 13.58 -29.08 -8.92
CA GLN C 46 13.98 -29.48 -10.29
C GLN C 46 12.72 -29.99 -11.03
N SER C 47 12.67 -29.82 -12.35
CA SER C 47 11.57 -30.37 -13.13
C SER C 47 11.79 -31.89 -13.22
N LYS C 48 10.71 -32.65 -13.29
CA LYS C 48 10.78 -34.12 -13.42
C LYS C 48 9.37 -34.67 -13.65
N GLY C 49 9.12 -35.20 -14.84
CA GLY C 49 7.77 -35.59 -15.26
C GLY C 49 6.89 -34.37 -15.52
N GLY C 50 7.50 -33.24 -15.86
CA GLY C 50 6.77 -32.00 -16.14
C GLY C 50 6.26 -31.22 -14.94
N VAL C 51 6.62 -31.63 -13.72
CA VAL C 51 6.26 -30.90 -12.49
C VAL C 51 7.49 -30.66 -11.59
N LEU C 52 7.37 -29.70 -10.67
CA LEU C 52 8.47 -29.41 -9.75
C LEU C 52 8.44 -30.38 -8.56
N VAL C 53 9.59 -30.97 -8.28
CA VAL C 53 9.79 -31.88 -7.15
C VAL C 53 11.09 -31.46 -6.44
N PRO C 54 11.29 -31.93 -5.20
CA PRO C 54 12.48 -31.51 -4.45
C PRO C 54 13.82 -31.96 -5.09
N GLY C 55 14.83 -31.08 -5.06
CA GLY C 55 16.08 -31.29 -5.80
C GLY C 55 17.35 -31.37 -4.95
N PRO C 56 18.08 -32.50 -5.02
CA PRO C 56 19.32 -32.60 -4.24
C PRO C 56 20.54 -31.89 -4.85
N GLY C 57 21.59 -31.77 -4.03
CA GLY C 57 22.90 -31.31 -4.47
C GLY C 57 23.10 -29.80 -4.31
N LEU C 58 22.70 -29.27 -3.16
CA LEU C 58 22.73 -27.82 -2.96
C LEU C 58 24.15 -27.33 -2.80
N VAL C 59 24.90 -27.94 -1.89
CA VAL C 59 26.26 -27.49 -1.62
C VAL C 59 27.09 -27.48 -2.90
N THR C 60 26.90 -28.47 -3.75
CA THR C 60 27.62 -28.52 -5.03
C THR C 60 27.40 -27.25 -5.86
N LEU C 61 26.15 -26.81 -5.96
CA LEU C 61 25.82 -25.61 -6.70
C LEU C 61 26.38 -24.35 -6.05
N LEU C 62 26.08 -24.18 -4.77
CA LEU C 62 26.49 -22.97 -4.06
C LEU C 62 28.00 -22.69 -4.14
N ARG C 63 28.80 -23.74 -4.04
CA ARG C 63 30.24 -23.64 -4.19
C ARG C 63 30.69 -22.95 -5.48
N THR C 64 29.92 -23.10 -6.56
CA THR C 64 30.23 -22.45 -7.85
C THR C 64 29.77 -20.98 -7.97
N LEU C 65 29.09 -20.44 -6.97
CA LEU C 65 28.56 -19.09 -7.05
C LEU C 65 29.38 -18.18 -6.16
N PRO C 66 30.09 -17.21 -6.76
CA PRO C 66 30.95 -16.31 -5.98
C PRO C 66 30.24 -15.56 -4.84
N MET C 67 28.95 -15.23 -5.01
CA MET C 67 28.21 -14.52 -3.95
C MET C 67 27.92 -15.40 -2.74
N PHE C 68 27.97 -16.72 -2.92
CA PHE C 68 27.74 -17.67 -1.82
C PHE C 68 29.01 -18.32 -1.28
N HIS C 69 30.09 -18.29 -2.08
CA HIS C 69 31.34 -18.92 -1.69
C HIS C 69 32.58 -18.21 -2.23
N ASP C 70 33.40 -17.73 -1.30
CA ASP C 70 34.69 -17.11 -1.59
C ASP C 70 35.81 -18.18 -1.63
N LYS C 71 36.04 -18.78 -2.80
CA LYS C 71 37.09 -19.79 -2.99
C LYS C 71 38.48 -19.36 -2.54
N GLU C 72 38.82 -18.12 -2.89
CA GLU C 72 40.11 -17.49 -2.51
C GLU C 72 40.34 -17.53 -1.00
N PHE C 73 39.34 -17.12 -0.23
CA PHE C 73 39.43 -17.12 1.24
C PHE C 73 39.43 -18.54 1.83
N ALA C 74 38.67 -19.43 1.21
CA ALA C 74 38.60 -20.82 1.68
C ALA C 74 39.94 -21.53 1.47
N GLN C 75 40.56 -21.31 0.32
CA GLN C 75 41.85 -21.93 0.00
C GLN C 75 42.95 -21.36 0.88
N ALA C 76 42.98 -20.04 1.02
CA ALA C 76 43.94 -19.36 1.91
C ALA C 76 43.68 -19.56 3.41
N GLN C 77 42.67 -20.35 3.76
CA GLN C 77 42.44 -20.77 5.14
C GLN C 77 42.39 -22.29 5.23
N GLY C 78 42.82 -22.97 4.16
CA GLY C 78 42.70 -24.44 3.98
C GLY C 78 41.46 -25.02 4.64
N LEU C 79 40.33 -24.36 4.41
CA LEU C 79 39.12 -24.56 5.21
C LEU C 79 38.43 -25.89 4.88
N PRO C 80 37.81 -26.54 5.90
CA PRO C 80 37.08 -27.77 5.64
C PRO C 80 36.34 -27.73 4.30
N ASP C 81 36.32 -28.86 3.59
CA ASP C 81 35.71 -28.92 2.26
C ASP C 81 34.16 -28.90 2.29
N HIS C 82 33.57 -29.27 3.43
CA HIS C 82 32.09 -29.23 3.62
C HIS C 82 31.52 -27.82 3.94
N ALA C 83 32.42 -26.87 4.24
CA ALA C 83 32.06 -25.55 4.79
C ALA C 83 32.33 -24.41 3.81
N LEU C 84 31.33 -23.55 3.64
CA LEU C 84 31.41 -22.44 2.71
C LEU C 84 31.60 -21.13 3.46
N ALA C 85 31.93 -20.09 2.69
CA ALA C 85 32.29 -18.80 3.23
C ALA C 85 31.73 -17.70 2.35
N LEU C 86 30.97 -16.80 2.96
CA LEU C 86 30.48 -15.67 2.25
C LEU C 86 31.61 -14.68 2.04
N PRO C 87 31.59 -13.96 0.91
CA PRO C 87 32.47 -12.80 0.75
C PRO C 87 32.30 -11.83 1.93
N PRO C 88 33.28 -10.93 2.13
CA PRO C 88 33.09 -9.94 3.20
C PRO C 88 31.93 -9.00 2.87
N ALA C 89 31.14 -8.71 3.88
CA ALA C 89 30.13 -7.67 3.79
C ALA C 89 30.75 -6.34 4.20
N SER C 90 29.96 -5.26 4.18
CA SER C 90 30.46 -3.90 4.47
C SER C 90 31.19 -3.84 5.82
N HIS C 91 30.45 -4.16 6.89
CA HIS C 91 30.93 -4.09 8.26
C HIS C 91 30.83 -5.52 8.84
N GLY C 92 31.09 -5.66 10.13
CA GLY C 92 30.77 -6.90 10.84
C GLY C 92 31.78 -8.02 10.66
N PRO C 93 31.48 -9.19 11.27
CA PRO C 93 32.39 -10.33 11.15
C PRO C 93 32.15 -11.09 9.84
N ARG C 94 33.10 -11.95 9.51
CA ARG C 94 32.97 -12.84 8.36
C ARG C 94 31.94 -13.94 8.67
N VAL C 95 31.24 -14.45 7.66
CA VAL C 95 30.20 -15.46 7.87
C VAL C 95 30.52 -16.77 7.17
N LEU C 96 30.60 -17.84 7.95
CA LEU C 96 30.82 -19.17 7.41
C LEU C 96 29.59 -19.99 7.65
N TYR C 97 29.37 -21.01 6.83
CA TYR C 97 28.19 -21.81 7.02
C TYR C 97 28.35 -23.22 6.48
N THR C 98 27.68 -24.16 7.12
CA THR C 98 27.69 -25.57 6.72
C THR C 98 26.31 -25.91 6.22
N VAL C 99 26.24 -26.72 5.17
CA VAL C 99 24.98 -27.11 4.56
C VAL C 99 24.55 -28.51 4.96
N LEU C 100 23.48 -28.63 5.72
CA LEU C 100 22.94 -29.94 6.07
C LEU C 100 21.72 -30.19 5.21
N GLU C 101 21.83 -31.09 4.26
CA GLU C 101 20.72 -31.42 3.38
C GLU C 101 19.94 -32.68 3.86
N CYS C 102 18.76 -32.48 4.42
CA CYS C 102 17.89 -33.59 4.88
C CYS C 102 17.54 -34.57 3.77
N GLN C 103 17.19 -35.80 4.12
CA GLN C 103 16.80 -36.81 3.14
C GLN C 103 15.71 -37.72 3.69
N PRO C 104 14.59 -37.89 2.99
CA PRO C 104 14.28 -37.20 1.73
C PRO C 104 13.90 -35.72 1.89
N LEU C 105 13.92 -35.01 0.79
CA LEU C 105 13.51 -33.61 0.76
C LEU C 105 12.00 -33.55 0.54
N LEU C 106 11.35 -32.52 1.07
CA LEU C 106 9.89 -32.48 1.06
C LEU C 106 9.28 -31.25 0.41
N ASP C 107 8.20 -31.48 -0.33
CA ASP C 107 7.27 -30.40 -0.68
C ASP C 107 6.57 -30.02 0.64
N SER C 108 6.56 -28.74 1.01
CA SER C 108 6.03 -28.35 2.31
C SER C 108 4.53 -28.68 2.50
N SER C 109 3.79 -28.87 1.41
CA SER C 109 2.42 -29.32 1.52
C SER C 109 2.27 -30.66 2.23
N ASP C 110 3.31 -31.48 2.21
CA ASP C 110 3.30 -32.79 2.85
C ASP C 110 3.83 -32.78 4.28
N MET C 111 4.21 -31.62 4.81
CA MET C 111 4.80 -31.57 6.14
C MET C 111 3.76 -31.66 7.24
N THR C 112 4.22 -32.19 8.36
CA THR C 112 3.42 -32.41 9.54
C THR C 112 4.21 -32.05 10.79
N ILE C 113 3.56 -32.18 11.94
CA ILE C 113 4.19 -31.88 13.20
C ILE C 113 5.50 -32.67 13.39
N ASP C 114 5.52 -33.94 13.00
CA ASP C 114 6.74 -34.73 13.16
C ASP C 114 7.93 -34.16 12.39
N ASP C 115 7.71 -33.63 11.20
CA ASP C 115 8.76 -33.03 10.37
C ASP C 115 9.33 -31.79 11.06
N TRP C 116 8.47 -30.99 11.67
CA TRP C 116 8.92 -29.81 12.36
C TRP C 116 9.64 -30.15 13.65
N ILE C 117 9.27 -31.27 14.27
CA ILE C 117 9.99 -31.73 15.46
C ILE C 117 11.41 -32.14 15.08
N ARG C 118 11.54 -32.93 14.03
CA ARG C 118 12.85 -33.30 13.48
C ARG C 118 13.74 -32.09 13.24
N ILE C 119 13.16 -31.01 12.73
CA ILE C 119 13.93 -29.81 12.52
C ILE C 119 14.37 -29.19 13.86
N ALA C 120 13.47 -29.10 14.82
CA ALA C 120 13.85 -28.59 16.14
C ALA C 120 14.98 -29.44 16.75
N LYS C 121 14.91 -30.75 16.56
CA LYS C 121 15.90 -31.66 17.10
C LYS C 121 17.28 -31.46 16.47
N ILE C 122 17.32 -31.21 15.17
CA ILE C 122 18.55 -30.85 14.48
C ILE C 122 19.14 -29.59 15.10
N ILE C 123 18.31 -28.59 15.35
CA ILE C 123 18.81 -27.37 15.98
C ILE C 123 19.31 -27.61 17.40
N GLU C 124 18.66 -28.52 18.15
CA GLU C 124 19.04 -28.78 19.54
C GLU C 124 20.40 -29.48 19.61
N ARG C 125 20.55 -30.49 18.78
CA ARG C 125 21.76 -31.29 18.71
C ARG C 125 22.98 -30.43 18.39
N HIS C 126 22.83 -29.46 17.51
CA HIS C 126 23.93 -28.66 17.02
C HIS C 126 23.95 -27.26 17.61
N TYR C 127 23.14 -27.01 18.64
CA TYR C 127 22.94 -25.64 19.17
C TYR C 127 24.23 -24.95 19.61
N GLU C 128 25.12 -25.70 20.26
CA GLU C 128 26.31 -25.12 20.87
C GLU C 128 27.36 -24.80 19.82
N GLN C 129 27.41 -25.59 18.76
CA GLN C 129 28.41 -25.43 17.69
C GLN C 129 28.22 -24.24 16.75
N TYR C 130 27.02 -23.64 16.71
CA TYR C 130 26.74 -22.61 15.72
C TYR C 130 26.15 -21.40 16.33
N GLN C 131 26.29 -20.27 15.65
CA GLN C 131 25.80 -19.00 16.20
C GLN C 131 24.43 -18.61 15.65
N GLY C 132 23.97 -19.35 14.64
CA GLY C 132 22.70 -19.06 13.99
C GLY C 132 22.30 -20.16 13.03
N PHE C 133 21.03 -20.11 12.62
CA PHE C 133 20.44 -21.16 11.79
C PHE C 133 19.59 -20.57 10.69
N VAL C 134 19.66 -21.19 9.52
CA VAL C 134 18.82 -20.83 8.44
C VAL C 134 18.19 -22.09 7.94
N VAL C 135 16.88 -22.04 7.71
CA VAL C 135 16.13 -23.19 7.30
C VAL C 135 15.44 -22.90 5.97
N ILE C 136 15.83 -23.62 4.93
CA ILE C 136 15.20 -23.50 3.65
C ILE C 136 13.98 -24.41 3.68
N HIS C 137 12.84 -23.87 3.29
CA HIS C 137 11.54 -24.48 3.52
C HIS C 137 10.60 -24.14 2.37
N GLY C 138 9.69 -25.04 2.03
CA GLY C 138 8.65 -24.68 1.06
C GLY C 138 7.76 -23.59 1.60
N THR C 139 7.18 -22.79 0.72
CA THR C 139 6.36 -21.67 1.16
C THR C 139 4.93 -22.06 1.54
N ASP C 140 4.43 -23.18 1.01
CA ASP C 140 3.02 -23.55 1.21
C ASP C 140 2.64 -23.65 2.67
N THR C 141 3.53 -24.19 3.52
CA THR C 141 3.24 -24.32 4.92
C THR C 141 4.32 -23.65 5.78
N MET C 142 5.03 -22.66 5.22
CA MET C 142 6.07 -22.01 5.97
C MET C 142 5.57 -21.31 7.21
N ALA C 143 4.41 -20.68 7.15
CA ALA C 143 3.85 -20.03 8.33
C ALA C 143 3.55 -21.02 9.45
N SER C 144 3.04 -22.20 9.09
CA SER C 144 2.78 -23.22 10.09
C SER C 144 4.07 -23.67 10.72
N GLY C 145 5.10 -23.86 9.90
CA GLY C 145 6.40 -24.30 10.38
C GLY C 145 7.10 -23.29 11.27
N ALA C 146 7.10 -22.03 10.86
CA ALA C 146 7.72 -21.00 11.68
C ALA C 146 6.97 -20.92 13.01
N SER C 147 5.65 -20.93 12.97
CA SER C 147 4.88 -20.88 14.21
C SER C 147 5.22 -22.10 15.12
N MET C 148 5.27 -23.31 14.56
CA MET C 148 5.60 -24.50 15.35
C MET C 148 6.96 -24.39 16.02
N LEU C 149 7.98 -24.07 15.24
CA LEU C 149 9.33 -23.97 15.78
C LEU C 149 9.44 -22.88 16.84
N SER C 150 8.73 -21.80 16.66
CA SER C 150 8.67 -20.74 17.65
C SER C 150 8.32 -21.30 19.02
N PHE C 151 7.32 -22.19 19.08
CA PHE C 151 6.85 -22.77 20.35
C PHE C 151 7.74 -23.89 20.84
N MET C 152 8.21 -24.73 19.92
CA MET C 152 9.10 -25.79 20.30
C MET C 152 10.40 -25.27 20.91
N LEU C 153 10.92 -24.14 20.44
CA LEU C 153 12.26 -23.71 20.85
C LEU C 153 12.18 -22.69 21.95
N GLU C 154 11.92 -23.14 23.15
CA GLU C 154 11.74 -22.25 24.31
C GLU C 154 13.06 -21.66 24.81
N ASN C 155 13.04 -20.37 25.12
CA ASN C 155 14.22 -19.61 25.54
C ASN C 155 15.34 -19.48 24.49
N LEU C 156 14.98 -19.61 23.22
CA LEU C 156 15.93 -19.46 22.13
C LEU C 156 16.76 -18.19 22.28
N HIS C 157 18.07 -18.31 22.05
CA HIS C 157 18.99 -17.18 22.16
C HIS C 157 19.62 -16.78 20.83
N LYS C 158 19.42 -17.57 19.79
CA LYS C 158 20.10 -17.37 18.51
C LYS C 158 19.07 -17.27 17.40
N PRO C 159 19.40 -16.58 16.29
CA PRO C 159 18.47 -16.55 15.18
C PRO C 159 18.25 -17.88 14.50
N VAL C 160 16.98 -18.12 14.18
CA VAL C 160 16.57 -19.22 13.34
C VAL C 160 15.74 -18.60 12.24
N ILE C 161 16.27 -18.52 11.04
CA ILE C 161 15.64 -17.78 9.96
C ILE C 161 15.16 -18.71 8.89
N LEU C 162 13.86 -18.69 8.64
CA LEU C 162 13.29 -19.47 7.57
C LEU C 162 13.25 -18.64 6.30
N THR C 163 13.39 -19.33 5.19
CA THR C 163 13.31 -18.72 3.90
C THR C 163 12.93 -19.74 2.84
N GLY C 164 12.61 -19.22 1.67
CA GLY C 164 12.19 -20.03 0.54
C GLY C 164 12.04 -19.14 -0.67
N ALA C 165 11.45 -19.68 -1.73
CA ALA C 165 11.34 -18.94 -2.97
C ALA C 165 10.17 -19.42 -3.81
N GLN C 166 9.59 -18.49 -4.59
CA GLN C 166 8.55 -18.82 -5.56
C GLN C 166 9.14 -19.41 -6.83
N VAL C 167 10.46 -19.28 -7.03
CA VAL C 167 11.14 -19.80 -8.21
C VAL C 167 12.45 -20.45 -7.80
N PRO C 168 12.74 -21.64 -8.33
CA PRO C 168 14.00 -22.33 -8.00
C PRO C 168 15.32 -21.60 -8.32
N ILE C 169 16.34 -21.87 -7.52
CA ILE C 169 17.61 -21.15 -7.61
C ILE C 169 18.36 -21.49 -8.90
N ARG C 170 18.01 -22.62 -9.51
CA ARG C 170 18.63 -23.04 -10.76
C ARG C 170 18.01 -22.42 -12.00
N VAL C 171 16.80 -21.87 -11.88
CA VAL C 171 16.20 -21.05 -12.92
C VAL C 171 16.88 -19.67 -12.87
N LEU C 172 17.15 -19.08 -14.04
CA LEU C 172 17.95 -17.87 -14.08
C LEU C 172 17.30 -16.67 -13.38
N TRP C 173 16.04 -16.43 -13.69
CA TRP C 173 15.32 -15.32 -13.10
C TRP C 173 14.53 -15.79 -11.89
N ASN C 174 15.08 -15.56 -10.71
CA ASN C 174 14.49 -16.06 -9.49
C ASN C 174 14.63 -15.14 -8.29
N ASP C 175 13.81 -15.39 -7.28
CA ASP C 175 13.88 -14.67 -6.02
C ASP C 175 14.71 -15.43 -4.98
N ALA C 176 15.18 -16.61 -5.33
CA ALA C 176 15.89 -17.47 -4.40
C ALA C 176 17.29 -16.99 -4.00
N ARG C 177 18.06 -16.49 -4.96
CA ARG C 177 19.42 -16.01 -4.65
C ARG C 177 19.36 -14.99 -3.53
N GLU C 178 18.56 -13.93 -3.72
CA GLU C 178 18.57 -12.81 -2.79
C GLU C 178 17.93 -13.20 -1.47
N ASN C 179 16.91 -14.06 -1.51
CA ASN C 179 16.29 -14.55 -0.27
C ASN C 179 17.26 -15.36 0.61
N LEU C 180 18.03 -16.25 0.00
CA LEU C 180 18.94 -17.09 0.74
C LEU C 180 20.11 -16.29 1.29
N LEU C 181 20.68 -15.44 0.45
CA LEU C 181 21.78 -14.61 0.89
C LEU C 181 21.38 -13.70 2.04
N GLY C 182 20.20 -13.13 1.97
CA GLY C 182 19.73 -12.21 3.00
C GLY C 182 19.52 -12.91 4.32
N ALA C 183 19.00 -14.13 4.23
CA ALA C 183 18.83 -14.95 5.42
C ALA C 183 20.19 -15.17 6.11
N LEU C 184 21.17 -15.61 5.33
CA LEU C 184 22.49 -15.91 5.87
C LEU C 184 23.14 -14.67 6.47
N LEU C 185 23.00 -13.53 5.82
CA LEU C 185 23.56 -12.30 6.38
C LEU C 185 22.85 -11.82 7.62
N VAL C 186 21.53 -11.99 7.70
CA VAL C 186 20.80 -11.58 8.89
C VAL C 186 21.19 -12.48 10.07
N ALA C 187 21.13 -13.78 9.86
CA ALA C 187 21.50 -14.71 10.91
C ALA C 187 22.95 -14.54 11.31
N GLY C 188 23.79 -14.27 10.31
CA GLY C 188 25.23 -14.15 10.51
C GLY C 188 25.66 -12.89 11.22
N GLN C 189 24.90 -11.80 11.09
CA GLN C 189 25.34 -10.53 11.62
C GLN C 189 24.53 -9.95 12.76
N TYR C 190 23.34 -10.46 13.05
CA TYR C 190 22.53 -9.83 14.08
C TYR C 190 22.06 -10.85 15.11
N ILE C 191 21.90 -10.37 16.33
CA ILE C 191 21.43 -11.20 17.42
C ILE C 191 19.94 -10.91 17.56
N ILE C 192 19.17 -11.66 16.77
CA ILE C 192 17.74 -11.64 16.83
C ILE C 192 17.35 -13.05 17.27
N PRO C 193 16.97 -13.19 18.54
CA PRO C 193 16.70 -14.49 19.13
C PRO C 193 15.25 -14.93 18.93
N GLU C 194 14.85 -15.08 17.67
CA GLU C 194 13.51 -15.51 17.35
C GLU C 194 13.52 -16.39 16.13
N VAL C 195 12.45 -17.16 15.97
CA VAL C 195 12.20 -17.83 14.70
C VAL C 195 11.56 -16.78 13.83
N CYS C 196 12.22 -16.49 12.71
CA CYS C 196 11.79 -15.47 11.76
C CYS C 196 11.60 -16.03 10.38
N LEU C 197 11.03 -15.22 9.50
CA LEU C 197 10.90 -15.54 8.09
C LEU C 197 11.50 -14.39 7.30
N PHE C 198 12.48 -14.67 6.44
CA PHE C 198 13.03 -13.65 5.59
C PHE C 198 12.64 -13.86 4.13
N MET C 199 11.93 -12.90 3.55
CA MET C 199 11.54 -12.93 2.12
C MET C 199 11.51 -11.53 1.56
N ASN C 200 12.00 -11.37 0.33
CA ASN C 200 11.74 -10.14 -0.42
C ASN C 200 12.16 -8.91 0.40
N SER C 201 13.36 -8.95 0.94
CA SER C 201 13.98 -7.83 1.65
C SER C 201 13.35 -7.51 3.00
N GLN C 202 12.49 -8.38 3.52
CA GLN C 202 11.92 -8.14 4.84
C GLN C 202 12.05 -9.33 5.80
N LEU C 203 12.22 -9.02 7.09
CA LEU C 203 12.30 -10.03 8.11
C LEU C 203 11.05 -9.91 8.99
N PHE C 204 10.30 -11.00 9.10
CA PHE C 204 9.07 -11.01 9.88
C PHE C 204 9.19 -11.94 11.10
N ARG C 205 8.46 -11.61 12.16
CA ARG C 205 8.33 -12.54 13.26
C ARG C 205 7.59 -13.74 12.74
N GLY C 206 8.18 -14.90 12.91
CA GLY C 206 7.66 -16.12 12.30
C GLY C 206 6.23 -16.46 12.68
N ASN C 207 5.88 -16.34 13.96
CA ASN C 207 4.54 -16.70 14.41
C ASN C 207 3.53 -15.62 14.14
N ARG C 208 3.90 -14.66 13.30
CA ARG C 208 3.00 -13.55 12.95
C ARG C 208 2.69 -13.49 11.44
N VAL C 209 3.26 -14.41 10.63
CA VAL C 209 3.13 -14.31 9.18
C VAL C 209 2.03 -15.19 8.64
N THR C 210 1.58 -14.83 7.45
CA THR C 210 0.68 -15.67 6.70
C THR C 210 0.92 -15.42 5.22
N LYS C 211 0.71 -16.45 4.42
CA LYS C 211 0.94 -16.35 2.99
C LYS C 211 -0.26 -15.72 2.30
N VAL C 212 -0.04 -14.59 1.62
CA VAL C 212 -1.14 -13.85 0.98
C VAL C 212 -1.14 -13.85 -0.53
N ASP C 213 -0.08 -14.33 -1.17
CA ASP C 213 0.00 -14.30 -2.61
C ASP C 213 0.68 -15.55 -3.15
N SER C 214 -0.01 -16.25 -4.03
CA SER C 214 0.52 -17.52 -4.55
C SER C 214 1.50 -17.37 -5.72
N GLN C 215 1.65 -16.17 -6.29
CA GLN C 215 2.57 -15.95 -7.43
C GLN C 215 3.60 -14.83 -7.27
N LYS C 216 3.24 -13.73 -6.63
CA LYS C 216 4.14 -12.58 -6.54
C LYS C 216 5.30 -12.91 -5.60
N PHE C 217 6.46 -12.27 -5.80
CA PHE C 217 7.59 -12.46 -4.89
C PHE C 217 7.27 -11.94 -3.48
N GLU C 218 6.46 -10.88 -3.38
CA GLU C 218 6.00 -10.44 -2.08
C GLU C 218 4.85 -11.36 -1.62
N ALA C 219 5.22 -12.53 -1.12
CA ALA C 219 4.28 -13.61 -0.90
C ALA C 219 3.71 -13.60 0.49
N PHE C 220 4.41 -12.97 1.41
CA PHE C 220 4.05 -13.05 2.82
C PHE C 220 3.76 -11.70 3.39
N CYS C 221 3.03 -11.71 4.49
CA CYS C 221 2.54 -10.48 5.11
C CYS C 221 2.51 -10.76 6.60
N SER C 222 2.78 -9.74 7.39
CA SER C 222 2.67 -9.86 8.86
C SER C 222 1.55 -8.91 9.26
N PRO C 223 0.30 -9.36 9.18
CA PRO C 223 -0.80 -8.40 9.19
C PRO C 223 -0.98 -7.58 10.46
N ASN C 224 -0.65 -8.12 11.62
CA ASN C 224 -0.86 -7.42 12.89
C ASN C 224 0.43 -7.04 13.64
N LEU C 225 1.54 -6.97 12.93
CA LEU C 225 2.79 -6.59 13.55
C LEU C 225 3.72 -6.15 12.45
N SER C 226 4.45 -5.07 12.69
CA SER C 226 5.48 -4.65 11.78
C SER C 226 6.52 -5.73 11.55
N PRO C 227 7.22 -5.60 10.41
CA PRO C 227 8.37 -6.43 10.20
C PRO C 227 9.38 -6.16 11.27
N LEU C 228 10.15 -7.17 11.65
CA LEU C 228 11.25 -6.97 12.56
C LEU C 228 12.40 -6.20 11.92
N ALA C 229 12.51 -6.27 10.59
CA ALA C 229 13.59 -5.61 9.90
C ALA C 229 13.30 -5.47 8.43
N THR C 230 13.93 -4.46 7.85
CA THR C 230 13.81 -4.16 6.44
C THR C 230 15.21 -3.95 5.91
N VAL C 231 15.44 -4.45 4.71
CA VAL C 231 16.71 -4.29 4.04
C VAL C 231 16.65 -3.37 2.80
N GLY C 232 17.55 -2.41 2.74
CA GLY C 232 17.71 -1.55 1.57
C GLY C 232 19.18 -1.16 1.50
N ALA C 233 19.44 0.12 1.22
CA ALA C 233 20.78 0.69 1.45
C ALA C 233 21.19 0.36 2.87
N ASP C 234 20.40 0.81 3.83
CA ASP C 234 20.63 0.50 5.25
C ASP C 234 19.80 -0.73 5.64
N VAL C 235 20.24 -1.40 6.69
CA VAL C 235 19.42 -2.38 7.37
C VAL C 235 18.69 -1.71 8.54
N THR C 236 17.36 -1.72 8.56
CA THR C 236 16.60 -1.09 9.65
C THR C 236 15.94 -2.17 10.52
N ILE C 237 16.30 -2.21 11.79
CA ILE C 237 15.79 -3.18 12.72
C ILE C 237 14.94 -2.53 13.78
N ALA C 238 13.77 -3.10 14.03
CA ALA C 238 12.87 -2.57 15.05
C ALA C 238 13.22 -3.18 16.41
N TRP C 239 14.27 -2.65 17.04
CA TRP C 239 14.76 -3.21 18.31
C TRP C 239 13.74 -3.08 19.43
N ASP C 240 12.88 -2.07 19.34
CA ASP C 240 11.69 -1.95 20.18
C ASP C 240 10.74 -3.17 20.14
N LEU C 241 10.78 -3.98 19.07
CA LEU C 241 9.95 -5.19 18.94
C LEU C 241 10.67 -6.50 19.14
N VAL C 242 11.94 -6.55 18.79
CA VAL C 242 12.73 -7.78 18.89
C VAL C 242 12.79 -8.24 20.33
N ARG C 243 12.55 -9.52 20.56
CA ARG C 243 12.57 -10.04 21.93
C ARG C 243 13.99 -10.11 22.52
N LYS C 244 14.04 -10.03 23.84
CA LYS C 244 15.29 -9.92 24.55
C LYS C 244 15.87 -11.30 24.81
N VAL C 245 17.18 -11.41 24.69
CA VAL C 245 17.91 -12.65 25.00
C VAL C 245 17.86 -12.97 26.49
N LYS C 246 17.29 -14.14 26.84
CA LYS C 246 17.26 -14.59 28.24
C LYS C 246 18.45 -15.51 28.51
N TRP C 247 19.62 -14.90 28.63
CA TRP C 247 20.92 -15.57 28.83
C TRP C 247 20.97 -16.39 30.13
N LYS C 248 20.11 -16.03 31.06
CA LYS C 248 19.97 -16.77 32.31
C LYS C 248 19.43 -18.21 32.12
N ASP C 249 18.41 -18.35 31.28
CA ASP C 249 17.64 -19.59 31.11
C ASP C 249 18.18 -20.43 29.95
N PRO C 250 18.29 -21.74 30.13
CA PRO C 250 18.76 -22.58 29.02
C PRO C 250 17.68 -22.95 27.98
N LEU C 251 18.13 -23.40 26.81
CA LEU C 251 17.22 -23.85 25.77
C LEU C 251 16.49 -25.09 26.21
N VAL C 252 15.16 -25.05 26.13
CA VAL C 252 14.32 -26.24 26.30
C VAL C 252 13.59 -26.53 24.99
N VAL C 253 13.66 -27.75 24.50
CA VAL C 253 13.07 -28.09 23.22
C VAL C 253 11.94 -29.06 23.45
N HIS C 254 10.73 -28.61 23.19
CA HIS C 254 9.55 -29.40 23.41
C HIS C 254 9.25 -30.33 22.23
N SER C 255 9.45 -31.62 22.38
CA SER C 255 9.05 -32.56 21.34
C SER C 255 7.73 -33.26 21.68
N ASN C 256 7.15 -32.98 22.84
CA ASN C 256 5.82 -33.53 23.16
C ASN C 256 4.74 -32.57 22.75
N MET C 257 4.42 -32.57 21.46
CA MET C 257 3.41 -31.69 20.90
C MET C 257 2.20 -32.55 20.63
N GLU C 258 1.02 -32.05 20.95
CA GLU C 258 -0.22 -32.79 20.71
C GLU C 258 -0.53 -32.84 19.22
N HIS C 259 -0.67 -34.04 18.69
CA HIS C 259 -0.98 -34.23 17.28
C HIS C 259 -2.47 -34.02 16.95
N ASP C 260 -3.37 -34.38 17.86
CA ASP C 260 -4.82 -34.32 17.63
C ASP C 260 -5.44 -32.93 17.86
N VAL C 261 -4.99 -31.99 17.04
CA VAL C 261 -5.54 -30.65 17.02
C VAL C 261 -5.93 -30.32 15.58
N ALA C 262 -6.92 -29.46 15.43
CA ALA C 262 -7.48 -29.21 14.12
C ALA C 262 -7.90 -27.79 13.98
N LEU C 263 -8.29 -27.46 12.76
CA LEU C 263 -8.75 -26.14 12.43
C LEU C 263 -10.05 -26.32 11.73
N LEU C 264 -11.02 -25.51 12.10
CA LEU C 264 -12.35 -25.60 11.49
C LEU C 264 -12.84 -24.22 11.09
N ARG C 265 -13.06 -24.02 9.79
CA ARG C 265 -13.59 -22.76 9.33
C ARG C 265 -15.10 -22.77 9.27
N LEU C 266 -15.71 -21.85 10.00
CA LEU C 266 -17.15 -21.67 9.92
C LEU C 266 -17.55 -21.00 8.62
N TYR C 267 -18.69 -21.41 8.09
CA TYR C 267 -19.22 -20.80 6.90
C TYR C 267 -20.70 -20.65 7.18
N PRO C 268 -21.36 -19.70 6.50
CA PRO C 268 -22.78 -19.43 6.77
C PRO C 268 -23.65 -20.66 6.64
N GLY C 269 -24.47 -20.88 7.66
CA GLY C 269 -25.32 -22.05 7.73
C GLY C 269 -24.65 -23.39 7.95
N ILE C 270 -23.40 -23.42 8.39
CA ILE C 270 -22.76 -24.71 8.71
C ILE C 270 -23.63 -25.48 9.70
N PRO C 271 -23.98 -26.73 9.39
CA PRO C 271 -24.91 -27.47 10.25
C PRO C 271 -24.31 -28.06 11.52
N ALA C 272 -25.11 -28.14 12.56
CA ALA C 272 -24.74 -28.77 13.81
C ALA C 272 -24.29 -30.20 13.63
N SER C 273 -24.92 -30.95 12.74
CA SER C 273 -24.52 -32.36 12.56
C SER C 273 -23.09 -32.52 12.03
N LEU C 274 -22.66 -31.58 11.18
CA LEU C 274 -21.32 -31.61 10.61
C LEU C 274 -20.28 -31.18 11.65
N VAL C 275 -20.62 -30.20 12.48
CA VAL C 275 -19.73 -29.82 13.55
C VAL C 275 -19.60 -30.93 14.57
N ARG C 276 -20.70 -31.60 14.92
CA ARG C 276 -20.65 -32.78 15.81
C ARG C 276 -19.64 -33.79 15.29
N ALA C 277 -19.73 -34.14 14.01
CA ALA C 277 -18.85 -35.14 13.45
C ALA C 277 -17.38 -34.73 13.47
N PHE C 278 -17.12 -33.46 13.24
CA PHE C 278 -15.77 -32.91 13.20
C PHE C 278 -15.09 -32.96 14.58
N LEU C 279 -15.85 -32.67 15.64
CA LEU C 279 -15.31 -32.58 16.99
C LEU C 279 -15.37 -33.91 17.76
N GLN C 280 -15.53 -35.04 17.07
CA GLN C 280 -15.56 -36.34 17.76
C GLN C 280 -14.20 -36.71 18.29
N PRO C 281 -14.15 -37.56 19.33
CA PRO C 281 -12.87 -38.14 19.76
C PRO C 281 -12.20 -38.87 18.59
N PRO C 282 -10.87 -38.82 18.50
CA PRO C 282 -9.95 -38.40 19.58
C PRO C 282 -9.50 -36.91 19.62
N LEU C 283 -10.16 -36.02 18.89
CA LEU C 283 -9.73 -34.61 18.87
C LEU C 283 -9.62 -34.00 20.26
N LYS C 284 -8.54 -33.26 20.51
CA LYS C 284 -8.29 -32.65 21.84
C LYS C 284 -8.37 -31.12 21.82
N GLY C 285 -8.11 -30.52 20.67
CA GLY C 285 -8.24 -29.07 20.52
C GLY C 285 -8.57 -28.66 19.11
N VAL C 286 -9.21 -27.51 18.99
CA VAL C 286 -9.59 -27.00 17.71
C VAL C 286 -9.53 -25.49 17.68
N VAL C 287 -9.11 -24.93 16.55
CA VAL C 287 -9.22 -23.50 16.30
C VAL C 287 -10.45 -23.26 15.47
N LEU C 288 -11.39 -22.49 16.00
CA LEU C 288 -12.57 -22.11 15.22
C LEU C 288 -12.32 -20.81 14.52
N GLU C 289 -12.30 -20.83 13.20
CA GLU C 289 -12.15 -19.59 12.44
C GLU C 289 -13.53 -18.99 12.23
N THR C 290 -13.77 -17.87 12.88
CA THR C 290 -15.08 -17.25 12.92
C THR C 290 -15.15 -15.99 12.05
N PHE C 291 -16.32 -15.36 11.95
CA PHE C 291 -16.51 -14.20 11.11
C PHE C 291 -16.10 -12.94 11.83
N GLY C 292 -15.57 -11.99 11.08
CA GLY C 292 -15.31 -10.65 11.58
C GLY C 292 -14.61 -10.61 12.92
N SER C 293 -15.21 -9.88 13.86
CA SER C 293 -14.59 -9.67 15.15
C SER C 293 -14.77 -10.86 16.12
N GLY C 294 -15.14 -12.02 15.59
CA GLY C 294 -15.16 -13.24 16.39
C GLY C 294 -16.52 -13.85 16.58
N ASN C 295 -17.38 -13.74 15.56
CA ASN C 295 -18.79 -14.14 15.68
C ASN C 295 -19.08 -15.38 14.87
N GLY C 296 -20.07 -16.13 15.33
CA GLY C 296 -20.58 -17.25 14.57
C GLY C 296 -22.08 -17.27 14.61
N PRO C 297 -22.68 -18.26 13.94
CA PRO C 297 -24.12 -18.47 14.06
C PRO C 297 -24.51 -18.76 15.50
N SER C 298 -25.64 -18.25 15.92
CA SER C 298 -26.12 -18.48 17.27
C SER C 298 -27.25 -19.52 17.30
N LYS C 299 -27.50 -20.25 16.23
CA LYS C 299 -28.57 -21.23 16.30
C LYS C 299 -28.27 -22.24 17.43
N PRO C 300 -29.28 -22.54 18.26
CA PRO C 300 -29.01 -23.27 19.52
C PRO C 300 -28.42 -24.65 19.37
N ASP C 301 -28.77 -25.37 18.30
CA ASP C 301 -28.23 -26.73 18.11
C ASP C 301 -26.75 -26.74 17.80
N LEU C 302 -26.26 -25.69 17.15
CA LEU C 302 -24.83 -25.50 16.93
C LEU C 302 -24.12 -25.17 18.23
N LEU C 303 -24.66 -24.20 18.97
CA LEU C 303 -24.08 -23.86 20.27
C LEU C 303 -24.07 -25.07 21.23
N GLN C 304 -25.08 -25.92 21.10
CA GLN C 304 -25.18 -27.11 21.90
C GLN C 304 -24.04 -28.10 21.59
N GLU C 305 -23.65 -28.23 20.34
CA GLU C 305 -22.57 -29.14 20.01
C GLU C 305 -21.22 -28.63 20.51
N LEU C 306 -21.04 -27.32 20.56
CA LEU C 306 -19.82 -26.77 21.15
C LEU C 306 -19.80 -27.07 22.67
N ARG C 307 -20.91 -26.89 23.37
CA ARG C 307 -20.96 -27.24 24.80
C ARG C 307 -20.66 -28.71 25.03
N ALA C 308 -21.28 -29.56 24.23
CA ALA C 308 -21.10 -30.99 24.39
C ALA C 308 -19.61 -31.34 24.31
N ALA C 309 -18.92 -30.69 23.38
CA ALA C 309 -17.52 -30.98 23.15
C ALA C 309 -16.63 -30.44 24.27
N ALA C 310 -17.01 -29.28 24.81
CA ALA C 310 -16.38 -28.74 26.01
C ALA C 310 -16.52 -29.68 27.19
N GLN C 311 -17.71 -30.25 27.38
CA GLN C 311 -17.91 -31.23 28.43
C GLN C 311 -17.03 -32.50 28.26
N ARG C 312 -16.73 -32.88 27.02
CA ARG C 312 -15.84 -34.02 26.77
C ARG C 312 -14.39 -33.62 27.01
N GLY C 313 -14.13 -32.33 27.22
CA GLY C 313 -12.79 -31.83 27.53
C GLY C 313 -12.02 -31.19 26.37
N LEU C 314 -12.73 -30.79 25.33
CA LEU C 314 -12.12 -30.22 24.15
C LEU C 314 -11.81 -28.76 24.42
N ILE C 315 -10.63 -28.30 24.00
CA ILE C 315 -10.32 -26.89 24.12
C ILE C 315 -10.45 -26.20 22.78
N MET C 316 -11.04 -25.01 22.79
CA MET C 316 -11.37 -24.28 21.60
C MET C 316 -10.75 -22.90 21.67
N VAL C 317 -10.12 -22.48 20.57
CA VAL C 317 -9.65 -21.13 20.40
C VAL C 317 -10.41 -20.47 19.26
N ASN C 318 -10.87 -19.26 19.51
CA ASN C 318 -11.59 -18.48 18.53
C ASN C 318 -10.65 -17.49 17.82
N CYS C 319 -10.39 -17.70 16.53
CA CYS C 319 -9.66 -16.76 15.64
C CYS C 319 -10.52 -16.17 14.56
N SER C 320 -10.15 -14.99 14.10
CA SER C 320 -10.88 -14.34 13.02
C SER C 320 -10.44 -14.84 11.65
N GLN C 321 -11.40 -15.13 10.79
CA GLN C 321 -11.12 -15.32 9.37
C GLN C 321 -10.48 -14.12 8.69
N CYS C 322 -10.75 -12.92 9.19
CA CYS C 322 -10.17 -11.75 8.60
C CYS C 322 -8.65 -11.77 8.74
N LEU C 323 -8.00 -11.20 7.72
CA LEU C 323 -6.57 -11.16 7.63
C LEU C 323 -6.03 -10.25 8.73
N ARG C 324 -6.64 -9.09 8.89
CA ARG C 324 -6.18 -8.08 9.81
C ARG C 324 -7.20 -7.83 10.91
N GLY C 325 -6.75 -7.57 12.14
CA GLY C 325 -7.65 -7.34 13.28
C GLY C 325 -7.72 -8.44 14.34
N SER C 326 -8.68 -8.27 15.23
CA SER C 326 -8.69 -8.91 16.53
C SER C 326 -10.06 -9.43 16.90
N VAL C 327 -10.10 -10.59 17.56
CA VAL C 327 -11.32 -11.05 18.13
C VAL C 327 -11.62 -10.21 19.38
N THR C 328 -12.85 -9.70 19.44
CA THR C 328 -13.35 -8.74 20.44
C THR C 328 -14.78 -9.13 20.72
N PRO C 329 -15.20 -9.15 21.99
CA PRO C 329 -16.66 -9.31 22.20
C PRO C 329 -17.44 -8.04 21.78
N GLY C 330 -18.76 -8.09 21.82
CA GLY C 330 -19.56 -6.91 21.45
C GLY C 330 -20.82 -7.16 20.67
N TYR C 331 -21.06 -8.40 20.27
CA TYR C 331 -22.32 -8.80 19.59
C TYR C 331 -23.03 -9.94 20.33
N ALA C 332 -24.33 -10.08 20.08
CA ALA C 332 -25.09 -11.27 20.52
C ALA C 332 -24.61 -12.56 19.85
N THR C 333 -23.85 -12.42 18.76
CA THR C 333 -23.30 -13.56 18.01
C THR C 333 -21.83 -13.92 18.34
N SER C 334 -21.17 -13.13 19.20
CA SER C 334 -19.80 -13.43 19.66
C SER C 334 -19.67 -14.79 20.35
N LEU C 335 -18.71 -15.60 19.93
CA LEU C 335 -18.50 -16.92 20.53
C LEU C 335 -17.56 -16.81 21.74
N ALA C 336 -18.14 -16.96 22.94
CA ALA C 336 -17.41 -16.97 24.20
C ALA C 336 -18.01 -18.05 25.13
N GLY C 337 -17.25 -18.44 26.16
CA GLY C 337 -17.78 -19.34 27.20
C GLY C 337 -17.10 -20.69 27.36
N ALA C 338 -17.87 -21.69 27.76
CA ALA C 338 -17.33 -23.01 28.14
C ALA C 338 -16.17 -23.40 27.24
N ASN C 339 -14.98 -23.37 27.83
CA ASN C 339 -13.74 -23.85 27.18
C ASN C 339 -13.32 -23.09 25.91
N ILE C 340 -13.91 -21.90 25.67
CA ILE C 340 -13.54 -21.10 24.49
C ILE C 340 -12.65 -19.89 24.84
N VAL C 341 -11.40 -19.96 24.42
CA VAL C 341 -10.42 -18.93 24.66
C VAL C 341 -10.37 -17.98 23.46
N SER C 342 -10.38 -16.66 23.69
CA SER C 342 -10.24 -15.72 22.59
C SER C 342 -8.79 -15.72 22.05
N GLY C 343 -8.65 -15.71 20.73
CA GLY C 343 -7.32 -15.71 20.08
C GLY C 343 -6.81 -14.31 19.75
N LEU C 344 -7.54 -13.28 20.19
CA LEU C 344 -7.16 -11.89 19.94
C LEU C 344 -6.74 -11.70 18.49
N ASP C 345 -5.51 -11.31 18.25
CA ASP C 345 -5.10 -11.04 16.88
C ASP C 345 -4.16 -12.13 16.33
N MET C 346 -4.16 -13.32 16.93
CA MET C 346 -3.29 -14.38 16.49
C MET C 346 -3.68 -14.85 15.09
N THR C 347 -2.68 -15.21 14.30
CA THR C 347 -2.95 -15.92 13.07
C THR C 347 -3.43 -17.31 13.42
N SER C 348 -4.14 -17.92 12.49
CA SER C 348 -4.58 -19.31 12.68
C SER C 348 -3.41 -20.31 12.77
N GLU C 349 -2.39 -20.08 11.98
CA GLU C 349 -1.25 -20.94 11.97
C GLU C 349 -0.66 -20.90 13.38
N ALA C 350 -0.57 -19.72 13.98
CA ALA C 350 -0.01 -19.58 15.34
C ALA C 350 -0.92 -20.14 16.39
N ALA C 351 -2.20 -19.85 16.31
CA ALA C 351 -3.15 -20.46 17.23
C ALA C 351 -3.06 -21.99 17.26
N LEU C 352 -2.97 -22.58 16.07
CA LEU C 352 -2.91 -24.02 15.94
C LEU C 352 -1.64 -24.59 16.53
N ALA C 353 -0.51 -23.93 16.31
CA ALA C 353 0.72 -24.41 16.89
C ALA C 353 0.72 -24.26 18.41
N LYS C 354 0.21 -23.13 18.89
CA LYS C 354 0.17 -22.89 20.33
C LYS C 354 -0.71 -23.91 20.99
N LEU C 355 -1.80 -24.25 20.31
CA LEU C 355 -2.71 -25.23 20.84
C LEU C 355 -1.97 -26.56 20.99
N SER C 356 -1.20 -26.93 19.98
CA SER C 356 -0.41 -28.16 20.02
C SER C 356 0.61 -28.20 21.16
N TYR C 357 1.23 -27.05 21.44
CA TYR C 357 2.25 -26.91 22.47
C TYR C 357 1.66 -27.08 23.85
N VAL C 358 0.67 -26.24 24.13
CA VAL C 358 0.04 -26.21 25.43
C VAL C 358 -0.60 -27.56 25.75
N LEU C 359 -1.27 -28.18 24.79
CA LEU C 359 -1.93 -29.48 25.04
C LEU C 359 -0.94 -30.62 25.22
N GLY C 360 0.28 -30.44 24.74
CA GLY C 360 1.29 -31.44 24.92
C GLY C 360 1.99 -31.38 26.24
N LEU C 361 1.94 -30.22 26.91
CA LEU C 361 2.54 -30.11 28.22
C LEU C 361 1.87 -31.13 29.12
N PRO C 362 2.66 -31.88 29.90
CA PRO C 362 2.11 -32.90 30.78
C PRO C 362 1.48 -32.36 32.08
N GLU C 363 0.43 -33.04 32.53
CA GLU C 363 -0.14 -32.87 33.88
C GLU C 363 -0.58 -31.45 34.23
N LEU C 364 -1.35 -30.84 33.34
CA LEU C 364 -1.95 -29.55 33.62
C LEU C 364 -3.45 -29.70 33.60
N SER C 365 -4.11 -28.91 34.43
CA SER C 365 -5.56 -28.87 34.44
C SER C 365 -6.06 -28.14 33.21
N LEU C 366 -7.26 -28.46 32.80
CA LEU C 366 -7.92 -27.75 31.74
C LEU C 366 -7.83 -26.22 31.94
N GLU C 367 -7.98 -25.74 33.17
CA GLU C 367 -8.04 -24.29 33.43
C GLU C 367 -6.67 -23.63 33.23
N ARG C 368 -5.64 -24.34 33.62
CA ARG C 368 -4.28 -23.87 33.45
C ARG C 368 -3.89 -23.81 31.96
N ARG C 369 -4.36 -24.78 31.21
CA ARG C 369 -4.14 -24.81 29.78
C ARG C 369 -4.76 -23.60 29.08
N GLN C 370 -5.97 -23.23 29.48
CA GLN C 370 -6.63 -22.07 28.88
C GLN C 370 -5.95 -20.77 29.26
N GLU C 371 -5.35 -20.73 30.45
CA GLU C 371 -4.65 -19.56 30.95
C GLU C 371 -3.41 -19.32 30.11
N LEU C 372 -2.70 -20.39 29.76
CA LEU C 372 -1.53 -20.30 28.89
C LEU C 372 -1.91 -19.88 27.47
N LEU C 373 -3.02 -20.40 26.96
CA LEU C 373 -3.50 -20.04 25.63
C LEU C 373 -3.83 -18.57 25.54
N ALA C 374 -4.28 -17.98 26.65
CA ALA C 374 -4.65 -16.55 26.67
C ALA C 374 -3.49 -15.58 26.92
N LYS C 375 -2.29 -16.11 27.09
CA LYS C 375 -1.11 -15.31 27.37
C LYS C 375 -0.21 -15.27 26.13
N ASP C 376 0.51 -14.17 25.95
CA ASP C 376 1.49 -14.06 24.88
C ASP C 376 2.77 -14.82 25.24
N LEU C 377 2.97 -16.00 24.67
CA LEU C 377 4.15 -16.83 25.01
C LEU C 377 5.41 -16.63 24.15
N ARG C 378 5.26 -16.15 22.91
CA ARG C 378 6.40 -15.98 22.01
C ARG C 378 6.30 -14.75 21.10
N GLY C 379 5.46 -13.79 21.45
CA GLY C 379 5.22 -12.60 20.63
C GLY C 379 4.17 -12.77 19.54
N GLU C 380 3.37 -13.82 19.65
CA GLU C 380 2.36 -14.13 18.65
C GLU C 380 1.07 -13.38 18.82
N MET C 381 0.91 -12.63 19.90
CA MET C 381 -0.38 -12.13 20.33
C MET C 381 -0.18 -10.78 21.03
N THR C 382 -1.03 -9.82 20.72
CA THR C 382 -1.02 -8.53 21.37
C THR C 382 -2.18 -8.45 22.35
N LEU C 383 -1.90 -8.24 23.64
CA LEU C 383 -2.97 -8.02 24.62
C LEU C 383 -3.39 -6.55 24.65
N PRO C 384 -4.70 -6.28 24.84
CA PRO C 384 -5.28 -4.93 24.80
C PRO C 384 -4.99 -4.07 26.03
N GLU D 31 18.92 -16.52 -31.26
CA GLU D 31 19.79 -15.58 -30.47
C GLU D 31 19.35 -14.12 -30.64
N ARG D 32 19.29 -13.37 -29.54
CA ARG D 32 19.05 -11.93 -29.59
C ARG D 32 20.27 -11.22 -28.98
N HIS D 33 20.77 -10.19 -29.67
CA HIS D 33 22.01 -9.51 -29.25
CA HIS D 33 21.99 -9.51 -29.28
C HIS D 33 21.64 -8.12 -28.72
N LEU D 34 22.13 -7.80 -27.51
CA LEU D 34 21.88 -6.53 -26.84
C LEU D 34 23.16 -5.71 -26.67
N LEU D 35 23.02 -4.39 -26.66
CA LEU D 35 24.11 -3.52 -26.25
C LEU D 35 23.87 -3.02 -24.84
N LEU D 36 24.85 -3.20 -23.97
CA LEU D 36 24.76 -2.75 -22.59
C LEU D 36 25.67 -1.53 -22.44
N ILE D 37 25.07 -0.38 -22.25
CA ILE D 37 25.79 0.87 -22.16
C ILE D 37 25.96 1.27 -20.71
N TYR D 38 27.20 1.29 -20.24
CA TYR D 38 27.50 1.65 -18.88
C TYR D 38 27.96 3.10 -18.79
N THR D 39 27.10 3.97 -18.26
CA THR D 39 27.37 5.41 -18.17
C THR D 39 27.87 5.85 -16.82
N GLY D 40 27.54 5.08 -15.80
CA GLY D 40 27.98 5.38 -14.44
C GLY D 40 26.97 4.97 -13.38
N GLY D 41 26.98 5.70 -12.28
CA GLY D 41 26.03 5.46 -11.19
C GLY D 41 26.45 4.38 -10.22
N THR D 42 25.70 4.31 -9.12
CA THR D 42 25.98 3.51 -7.95
C THR D 42 26.18 2.06 -8.27
N LEU D 43 25.46 1.52 -9.25
CA LEU D 43 25.64 0.13 -9.63
C LEU D 43 27.09 -0.33 -9.84
N GLY D 44 27.92 0.49 -10.45
CA GLY D 44 29.32 0.11 -10.73
C GLY D 44 30.32 0.68 -9.74
N MET D 45 29.83 1.58 -8.90
CA MET D 45 30.69 2.38 -8.04
C MET D 45 31.62 1.62 -7.11
N GLN D 46 32.63 2.33 -6.65
CA GLN D 46 33.70 1.83 -5.78
C GLN D 46 33.95 2.82 -4.65
N SER D 47 34.38 2.36 -3.50
CA SER D 47 34.77 3.26 -2.42
C SER D 47 36.13 3.84 -2.76
N LYS D 48 36.38 5.09 -2.35
CA LYS D 48 37.64 5.76 -2.61
C LYS D 48 37.65 7.09 -1.87
N GLY D 49 38.50 7.22 -0.86
CA GLY D 49 38.48 8.36 0.03
C GLY D 49 37.27 8.36 0.97
N GLY D 50 36.71 7.17 1.23
CA GLY D 50 35.53 7.03 2.08
C GLY D 50 34.19 7.40 1.46
N VAL D 51 34.15 7.69 0.15
CA VAL D 51 32.89 8.00 -0.57
C VAL D 51 32.78 7.15 -1.85
N LEU D 52 31.57 7.03 -2.36
CA LEU D 52 31.37 6.29 -3.59
C LEU D 52 31.65 7.17 -4.81
N VAL D 53 32.44 6.61 -5.74
CA VAL D 53 32.75 7.27 -7.02
C VAL D 53 32.59 6.23 -8.15
N PRO D 54 32.49 6.69 -9.42
CA PRO D 54 32.24 5.73 -10.51
C PRO D 54 33.38 4.74 -10.68
N GLY D 55 33.03 3.50 -11.00
CA GLY D 55 34.00 2.41 -11.06
C GLY D 55 34.15 1.71 -12.41
N PRO D 56 35.37 1.72 -12.98
CA PRO D 56 35.57 1.02 -14.24
C PRO D 56 35.73 -0.50 -14.12
N GLY D 57 35.67 -1.18 -15.27
CA GLY D 57 36.02 -2.59 -15.38
C GLY D 57 34.83 -3.51 -15.22
N LEU D 58 33.71 -3.15 -15.84
CA LEU D 58 32.48 -3.91 -15.64
C LEU D 58 32.52 -5.27 -16.31
N VAL D 59 32.88 -5.30 -17.59
CA VAL D 59 32.94 -6.55 -18.32
C VAL D 59 33.85 -7.59 -17.62
N THR D 60 34.98 -7.14 -17.07
CA THR D 60 35.86 -8.01 -16.31
C THR D 60 35.16 -8.72 -15.17
N LEU D 61 34.38 -7.99 -14.40
CA LEU D 61 33.61 -8.57 -13.30
C LEU D 61 32.53 -9.53 -13.79
N LEU D 62 31.70 -9.06 -14.71
CA LEU D 62 30.55 -9.84 -15.17
C LEU D 62 30.94 -11.22 -15.70
N ARG D 63 32.05 -11.27 -16.42
CA ARG D 63 32.64 -12.52 -16.91
C ARG D 63 32.75 -13.61 -15.83
N THR D 64 33.08 -13.18 -14.61
CA THR D 64 33.29 -14.10 -13.50
C THR D 64 32.02 -14.54 -12.79
N LEU D 65 30.87 -14.03 -13.21
CA LEU D 65 29.60 -14.35 -12.53
C LEU D 65 28.80 -15.25 -13.42
N PRO D 66 28.60 -16.50 -12.99
CA PRO D 66 27.84 -17.46 -13.79
C PRO D 66 26.46 -16.99 -14.23
N MET D 67 25.77 -16.18 -13.43
CA MET D 67 24.41 -15.71 -13.80
C MET D 67 24.44 -14.68 -14.93
N PHE D 68 25.60 -14.05 -15.14
CA PHE D 68 25.75 -13.07 -16.21
C PHE D 68 26.54 -13.59 -17.41
N HIS D 69 27.29 -14.67 -17.22
CA HIS D 69 28.10 -15.25 -18.30
C HIS D 69 28.27 -16.77 -18.23
N ASP D 70 27.77 -17.43 -19.27
CA ASP D 70 27.90 -18.88 -19.46
C ASP D 70 29.19 -19.22 -20.22
N LYS D 71 30.30 -19.42 -19.49
CA LYS D 71 31.62 -19.74 -20.08
C LYS D 71 31.61 -20.97 -20.98
N GLU D 72 30.92 -22.01 -20.51
CA GLU D 72 30.74 -23.24 -21.24
C GLU D 72 30.16 -23.01 -22.65
N PHE D 73 29.08 -22.23 -22.75
CA PHE D 73 28.44 -21.92 -24.04
C PHE D 73 29.31 -21.01 -24.90
N ALA D 74 30.01 -20.07 -24.28
CA ALA D 74 30.86 -19.15 -25.01
C ALA D 74 32.04 -19.88 -25.63
N GLN D 75 32.63 -20.81 -24.88
CA GLN D 75 33.77 -21.58 -25.35
C GLN D 75 33.36 -22.54 -26.45
N ALA D 76 32.24 -23.26 -26.23
CA ALA D 76 31.68 -24.15 -27.24
C ALA D 76 31.05 -23.44 -28.46
N GLN D 77 31.12 -22.12 -28.51
CA GLN D 77 30.72 -21.34 -29.67
C GLN D 77 31.88 -20.43 -30.14
N GLY D 78 33.09 -20.71 -29.62
CA GLY D 78 34.28 -19.87 -29.81
C GLY D 78 33.95 -18.39 -29.95
N LEU D 79 33.08 -17.89 -29.07
CA LEU D 79 32.42 -16.60 -29.24
C LEU D 79 33.37 -15.43 -28.99
N PRO D 80 33.20 -14.33 -29.75
CA PRO D 80 34.01 -13.14 -29.50
C PRO D 80 34.31 -12.93 -28.02
N ASP D 81 35.51 -12.47 -27.72
CA ASP D 81 35.93 -12.29 -26.33
C ASP D 81 35.31 -11.03 -25.64
N HIS D 82 34.84 -10.06 -26.42
CA HIS D 82 34.17 -8.87 -25.89
C HIS D 82 32.67 -9.09 -25.56
N ALA D 83 32.12 -10.23 -25.99
CA ALA D 83 30.68 -10.52 -25.92
C ALA D 83 30.32 -11.62 -24.89
N LEU D 84 29.33 -11.33 -24.05
CA LEU D 84 28.90 -12.23 -23.01
C LEU D 84 27.58 -12.89 -23.37
N ALA D 85 27.24 -13.91 -22.61
CA ALA D 85 26.10 -14.75 -22.90
C ALA D 85 25.41 -15.14 -21.60
N LEU D 86 24.12 -14.86 -21.54
CA LEU D 86 23.33 -15.27 -20.40
C LEU D 86 23.09 -16.77 -20.49
N PRO D 87 23.03 -17.45 -19.32
CA PRO D 87 22.52 -18.81 -19.27
C PRO D 87 21.13 -18.89 -19.89
N PRO D 88 20.67 -20.10 -20.21
CA PRO D 88 19.33 -20.19 -20.81
C PRO D 88 18.28 -19.86 -19.78
N ALA D 89 17.26 -19.13 -20.20
CA ALA D 89 16.07 -18.86 -19.40
C ALA D 89 15.05 -19.96 -19.68
N SER D 90 13.88 -19.88 -19.04
CA SER D 90 12.84 -20.91 -19.19
C SER D 90 12.49 -21.21 -20.66
N HIS D 91 12.01 -20.17 -21.33
CA HIS D 91 11.58 -20.25 -22.70
C HIS D 91 12.40 -19.24 -23.50
N GLY D 92 11.99 -19.00 -24.74
CA GLY D 92 12.49 -17.87 -25.51
C GLY D 92 13.87 -18.12 -26.09
N PRO D 93 14.43 -17.09 -26.76
CA PRO D 93 15.71 -17.26 -27.39
C PRO D 93 16.81 -17.03 -26.38
N ARG D 94 18.03 -17.43 -26.75
CA ARG D 94 19.21 -17.16 -25.96
C ARG D 94 19.57 -15.66 -26.06
N VAL D 95 20.20 -15.10 -25.02
CA VAL D 95 20.50 -13.67 -25.01
C VAL D 95 21.99 -13.42 -24.90
N LEU D 96 22.52 -12.71 -25.88
CA LEU D 96 23.91 -12.31 -25.87
C LEU D 96 24.00 -10.79 -25.75
N TYR D 97 25.12 -10.28 -25.24
CA TYR D 97 25.21 -8.86 -25.07
C TYR D 97 26.65 -8.39 -25.05
N THR D 98 26.85 -7.15 -25.52
CA THR D 98 28.15 -6.51 -25.54
C THR D 98 28.13 -5.34 -24.57
N VAL D 99 29.23 -5.13 -23.87
CA VAL D 99 29.33 -4.09 -22.88
C VAL D 99 30.13 -2.89 -23.40
N LEU D 100 29.48 -1.75 -23.56
CA LEU D 100 30.17 -0.53 -23.95
C LEU D 100 30.31 0.39 -22.75
N GLU D 101 31.52 0.55 -22.24
CA GLU D 101 31.76 1.33 -21.04
C GLU D 101 32.22 2.74 -21.41
N CYS D 102 31.33 3.72 -21.30
CA CYS D 102 31.65 5.12 -21.56
C CYS D 102 32.81 5.63 -20.73
N GLN D 103 33.47 6.66 -21.21
CA GLN D 103 34.57 7.30 -20.49
C GLN D 103 34.47 8.79 -20.73
N PRO D 104 34.40 9.61 -19.68
CA PRO D 104 34.48 9.15 -18.27
C PRO D 104 33.13 8.67 -17.77
N LEU D 105 33.13 7.97 -16.64
CA LEU D 105 31.92 7.51 -16.02
C LEU D 105 31.44 8.61 -15.08
N LEU D 106 30.12 8.71 -14.94
CA LEU D 106 29.56 9.83 -14.21
C LEU D 106 28.67 9.47 -13.07
N ASP D 107 28.77 10.24 -11.99
CA ASP D 107 27.69 10.30 -11.00
C ASP D 107 26.52 11.03 -11.68
N SER D 108 25.30 10.46 -11.65
CA SER D 108 24.19 11.05 -12.40
C SER D 108 23.82 12.46 -11.95
N SER D 109 24.17 12.84 -10.74
CA SER D 109 23.99 14.22 -10.29
C SER D 109 24.70 15.23 -11.16
N ASP D 110 25.78 14.83 -11.81
CA ASP D 110 26.55 15.72 -12.71
C ASP D 110 26.10 15.70 -14.17
N MET D 111 25.06 14.93 -14.51
CA MET D 111 24.64 14.81 -15.91
C MET D 111 23.83 16.01 -16.38
N THR D 112 23.93 16.22 -17.68
CA THR D 112 23.28 17.32 -18.35
C THR D 112 22.74 16.85 -19.68
N ILE D 113 22.09 17.77 -20.38
CA ILE D 113 21.53 17.47 -21.66
C ILE D 113 22.56 16.89 -22.64
N ASP D 114 23.78 17.45 -22.65
CA ASP D 114 24.81 16.95 -23.54
C ASP D 114 25.16 15.49 -23.32
N ASP D 115 25.18 15.05 -22.06
CA ASP D 115 25.42 13.64 -21.72
C ASP D 115 24.29 12.72 -22.26
N TRP D 116 23.05 13.17 -22.16
CA TRP D 116 21.94 12.38 -22.66
C TRP D 116 21.88 12.36 -24.18
N ILE D 117 22.36 13.43 -24.83
CA ILE D 117 22.47 13.41 -26.28
C ILE D 117 23.51 12.38 -26.73
N ARG D 118 24.69 12.39 -26.11
CA ARG D 118 25.71 11.38 -26.37
C ARG D 118 25.16 9.96 -26.26
N ILE D 119 24.30 9.71 -25.30
CA ILE D 119 23.71 8.39 -25.16
C ILE D 119 22.77 8.09 -26.31
N ALA D 120 21.94 9.05 -26.70
CA ALA D 120 21.07 8.84 -27.86
C ALA D 120 21.88 8.55 -29.13
N LYS D 121 22.98 9.26 -29.28
CA LYS D 121 23.88 9.08 -30.43
C LYS D 121 24.53 7.69 -30.45
N ILE D 122 24.91 7.17 -29.28
CA ILE D 122 25.40 5.79 -29.19
C ILE D 122 24.32 4.79 -29.65
N ILE D 123 23.10 4.99 -29.23
CA ILE D 123 22.02 4.11 -29.66
C ILE D 123 21.77 4.23 -31.17
N GLU D 124 21.91 5.43 -31.73
CA GLU D 124 21.67 5.66 -33.16
C GLU D 124 22.73 4.95 -34.00
N ARG D 125 23.99 5.14 -33.63
CA ARG D 125 25.15 4.57 -34.30
C ARG D 125 25.03 3.05 -34.38
N HIS D 126 24.54 2.42 -33.30
CA HIS D 126 24.54 0.96 -33.19
C HIS D 126 23.14 0.37 -33.32
N TYR D 127 22.17 1.16 -33.78
CA TYR D 127 20.78 0.73 -33.82
C TYR D 127 20.53 -0.54 -34.62
N GLU D 128 21.17 -0.67 -35.79
CA GLU D 128 20.87 -1.75 -36.72
C GLU D 128 21.50 -3.06 -36.26
N GLN D 129 22.65 -2.98 -35.59
CA GLN D 129 23.34 -4.19 -35.10
C GLN D 129 22.70 -4.92 -33.93
N TYR D 130 21.81 -4.28 -33.18
CA TYR D 130 21.32 -4.89 -31.96
C TYR D 130 19.82 -4.91 -31.90
N GLN D 131 19.27 -5.84 -31.11
CA GLN D 131 17.84 -5.97 -30.98
C GLN D 131 17.26 -5.20 -29.78
N GLY D 132 18.15 -4.70 -28.91
CA GLY D 132 17.73 -3.98 -27.72
C GLY D 132 18.87 -3.32 -27.01
N PHE D 133 18.55 -2.43 -26.07
CA PHE D 133 19.53 -1.66 -25.33
C PHE D 133 19.23 -1.64 -23.86
N VAL D 134 20.28 -1.70 -23.06
CA VAL D 134 20.16 -1.51 -21.65
C VAL D 134 21.17 -0.45 -21.26
N VAL D 135 20.73 0.50 -20.46
CA VAL D 135 21.58 1.62 -20.07
C VAL D 135 21.69 1.66 -18.54
N ILE D 136 22.88 1.47 -18.03
CA ILE D 136 23.12 1.55 -16.61
C ILE D 136 23.38 3.00 -16.30
N HIS D 137 22.69 3.51 -15.28
CA HIS D 137 22.59 4.94 -15.04
C HIS D 137 22.45 5.20 -13.55
N GLY D 138 22.99 6.31 -13.06
CA GLY D 138 22.75 6.68 -11.67
C GLY D 138 21.28 6.96 -11.44
N THR D 139 20.81 6.76 -10.21
CA THR D 139 19.40 6.94 -9.91
C THR D 139 19.03 8.37 -9.64
N ASP D 140 19.98 9.21 -9.23
CA ASP D 140 19.66 10.58 -8.84
C ASP D 140 18.97 11.38 -9.93
N THR D 141 19.38 11.20 -11.19
CA THR D 141 18.71 11.87 -12.30
C THR D 141 18.21 10.92 -13.36
N MET D 142 17.93 9.68 -12.96
CA MET D 142 17.45 8.71 -13.92
C MET D 142 16.15 9.11 -14.59
N ALA D 143 15.23 9.66 -13.82
CA ALA D 143 13.95 10.08 -14.39
C ALA D 143 14.13 11.19 -15.45
N SER D 144 15.04 12.11 -15.20
CA SER D 144 15.35 13.14 -16.20
C SER D 144 15.93 12.50 -17.45
N GLY D 145 16.84 11.54 -17.29
CA GLY D 145 17.48 10.86 -18.40
C GLY D 145 16.51 10.03 -19.23
N ALA D 146 15.67 9.25 -18.56
CA ALA D 146 14.69 8.46 -19.27
C ALA D 146 13.74 9.38 -20.03
N SER D 147 13.31 10.45 -19.39
CA SER D 147 12.42 11.41 -20.06
C SER D 147 13.11 12.02 -21.30
N MET D 148 14.36 12.46 -21.16
CA MET D 148 15.10 13.05 -22.27
C MET D 148 15.19 12.09 -23.46
N LEU D 149 15.64 10.87 -23.19
CA LEU D 149 15.83 9.89 -24.25
C LEU D 149 14.51 9.54 -24.94
N SER D 150 13.44 9.47 -24.15
CA SER D 150 12.11 9.24 -24.69
C SER D 150 11.79 10.22 -25.84
N PHE D 151 12.12 11.50 -25.63
CA PHE D 151 11.87 12.54 -26.63
C PHE D 151 12.87 12.53 -27.76
N MET D 152 14.15 12.35 -27.41
CA MET D 152 15.18 12.30 -28.43
C MET D 152 15.00 11.12 -29.41
N LEU D 153 14.49 9.99 -28.96
CA LEU D 153 14.42 8.78 -29.83
C LEU D 153 13.04 8.60 -30.48
N GLU D 154 12.75 9.40 -31.52
CA GLU D 154 11.43 9.37 -32.18
C GLU D 154 11.25 8.13 -33.07
N ASN D 155 10.06 7.53 -33.00
CA ASN D 155 9.71 6.29 -33.74
C ASN D 155 10.50 5.07 -33.31
N LEU D 156 11.02 5.08 -32.09
CA LEU D 156 11.78 3.95 -31.56
C LEU D 156 11.01 2.63 -31.75
N HIS D 157 11.72 1.59 -32.20
CA HIS D 157 11.14 0.26 -32.44
C HIS D 157 11.65 -0.83 -31.48
N LYS D 158 12.68 -0.53 -30.71
CA LYS D 158 13.37 -1.54 -29.90
C LYS D 158 13.42 -1.08 -28.46
N PRO D 159 13.50 -2.03 -27.50
CA PRO D 159 13.57 -1.61 -26.11
C PRO D 159 14.87 -0.91 -25.75
N VAL D 160 14.72 0.16 -24.98
CA VAL D 160 15.82 0.86 -24.37
C VAL D 160 15.47 0.86 -22.90
N ILE D 161 16.14 0.02 -22.12
CA ILE D 161 15.79 -0.16 -20.72
C ILE D 161 16.87 0.47 -19.83
N LEU D 162 16.48 1.44 -19.02
CA LEU D 162 17.39 2.01 -18.04
C LEU D 162 17.27 1.22 -16.74
N THR D 163 18.38 1.14 -16.05
CA THR D 163 18.42 0.52 -14.76
C THR D 163 19.59 1.07 -13.94
N GLY D 164 19.56 0.74 -12.65
CA GLY D 164 20.52 1.23 -11.69
C GLY D 164 20.26 0.56 -10.37
N ALA D 165 20.92 1.05 -9.32
CA ALA D 165 20.87 0.37 -8.04
C ALA D 165 21.18 1.32 -6.92
N GLN D 166 20.58 1.05 -5.76
CA GLN D 166 20.88 1.79 -4.55
C GLN D 166 22.17 1.28 -3.88
N VAL D 167 22.65 0.10 -4.27
CA VAL D 167 23.87 -0.45 -3.71
C VAL D 167 24.71 -1.04 -4.83
N PRO D 168 26.02 -0.81 -4.79
CA PRO D 168 26.90 -1.28 -5.87
C PRO D 168 26.95 -2.78 -6.04
N ILE D 169 27.18 -3.24 -7.27
CA ILE D 169 27.20 -4.65 -7.56
C ILE D 169 28.37 -5.38 -6.88
N ARG D 170 29.41 -4.65 -6.48
CA ARG D 170 30.57 -5.25 -5.81
C ARG D 170 30.40 -5.40 -4.31
N VAL D 171 29.42 -4.73 -3.74
CA VAL D 171 29.00 -4.98 -2.36
C VAL D 171 28.14 -6.26 -2.35
N LEU D 172 28.30 -7.11 -1.33
CA LEU D 172 27.67 -8.42 -1.35
C LEU D 172 26.14 -8.36 -1.35
N TRP D 173 25.59 -7.53 -0.49
CA TRP D 173 24.16 -7.43 -0.35
C TRP D 173 23.65 -6.25 -1.11
N ASN D 174 23.15 -6.52 -2.31
CA ASN D 174 22.76 -5.45 -3.22
C ASN D 174 21.53 -5.74 -4.04
N ASP D 175 20.97 -4.71 -4.60
CA ASP D 175 19.84 -4.82 -5.53
C ASP D 175 20.31 -4.81 -6.99
N ALA D 176 21.62 -4.66 -7.21
CA ALA D 176 22.16 -4.48 -8.55
C ALA D 176 22.14 -5.73 -9.41
N ARG D 177 22.48 -6.88 -8.82
CA ARG D 177 22.46 -8.12 -9.56
C ARG D 177 21.13 -8.34 -10.22
N GLU D 178 20.07 -8.32 -9.43
CA GLU D 178 18.73 -8.65 -9.94
C GLU D 178 18.18 -7.55 -10.87
N ASN D 179 18.50 -6.30 -10.59
CA ASN D 179 18.10 -5.20 -11.49
C ASN D 179 18.73 -5.27 -12.88
N LEU D 180 20.02 -5.58 -12.93
CA LEU D 180 20.72 -5.68 -14.22
C LEU D 180 20.30 -6.90 -15.01
N LEU D 181 20.20 -8.04 -14.34
CA LEU D 181 19.73 -9.26 -14.99
C LEU D 181 18.33 -9.11 -15.58
N GLY D 182 17.44 -8.48 -14.84
CA GLY D 182 16.07 -8.31 -15.27
C GLY D 182 15.98 -7.42 -16.49
N ALA D 183 16.79 -6.36 -16.50
CA ALA D 183 16.81 -5.45 -17.62
C ALA D 183 17.20 -6.23 -18.87
N LEU D 184 18.27 -7.02 -18.76
CA LEU D 184 18.78 -7.76 -19.90
C LEU D 184 17.75 -8.78 -20.39
N LEU D 185 17.08 -9.45 -19.48
CA LEU D 185 16.06 -10.39 -19.87
C LEU D 185 14.84 -9.73 -20.49
N VAL D 186 14.44 -8.56 -20.01
CA VAL D 186 13.28 -7.89 -20.59
C VAL D 186 13.62 -7.41 -21.99
N ALA D 187 14.74 -6.72 -22.13
CA ALA D 187 15.14 -6.22 -23.42
C ALA D 187 15.40 -7.37 -24.39
N GLY D 188 15.93 -8.46 -23.85
CA GLY D 188 16.29 -9.62 -24.64
C GLY D 188 15.10 -10.42 -25.13
N GLN D 189 14.00 -10.42 -24.38
CA GLN D 189 12.90 -11.34 -24.67
C GLN D 189 11.59 -10.70 -25.10
N TYR D 190 11.42 -9.39 -24.96
CA TYR D 190 10.16 -8.75 -25.35
C TYR D 190 10.35 -7.55 -26.25
N ILE D 191 9.34 -7.30 -27.08
CA ILE D 191 9.37 -6.17 -28.01
C ILE D 191 8.51 -5.10 -27.37
N ILE D 192 9.16 -4.30 -26.55
CA ILE D 192 8.58 -3.14 -25.94
C ILE D 192 9.35 -1.95 -26.49
N PRO D 193 8.76 -1.23 -27.43
CA PRO D 193 9.45 -0.16 -28.12
C PRO D 193 9.33 1.16 -27.39
N GLU D 194 9.87 1.21 -26.18
CA GLU D 194 9.86 2.44 -25.40
C GLU D 194 11.15 2.59 -24.59
N VAL D 195 11.44 3.82 -24.18
CA VAL D 195 12.43 4.00 -23.15
C VAL D 195 11.74 3.70 -21.82
N CYS D 196 12.24 2.69 -21.13
CA CYS D 196 11.68 2.24 -19.86
C CYS D 196 12.69 2.30 -18.74
N LEU D 197 12.22 2.06 -17.53
CA LEU D 197 13.06 1.95 -16.37
C LEU D 197 12.70 0.63 -15.69
N PHE D 198 13.70 -0.24 -15.49
CA PHE D 198 13.48 -1.47 -14.75
C PHE D 198 14.15 -1.41 -13.38
N MET D 199 13.35 -1.53 -12.32
CA MET D 199 13.86 -1.60 -10.92
C MET D 199 12.96 -2.48 -10.09
N ASN D 200 13.57 -3.31 -9.24
CA ASN D 200 12.84 -3.99 -8.21
C ASN D 200 11.64 -4.76 -8.79
N SER D 201 11.92 -5.54 -9.84
CA SER D 201 10.93 -6.42 -10.45
C SER D 201 9.80 -5.71 -11.23
N GLN D 202 9.93 -4.42 -11.48
CA GLN D 202 8.93 -3.73 -12.25
C GLN D 202 9.51 -2.93 -13.40
N LEU D 203 8.75 -2.86 -14.49
CA LEU D 203 9.12 -2.07 -15.65
C LEU D 203 8.17 -0.89 -15.78
N PHE D 204 8.71 0.32 -15.81
CA PHE D 204 7.91 1.53 -15.89
C PHE D 204 8.14 2.25 -17.20
N ARG D 205 7.14 2.98 -17.67
CA ARG D 205 7.36 3.90 -18.77
C ARG D 205 8.31 5.00 -18.29
N GLY D 206 9.40 5.20 -19.00
CA GLY D 206 10.46 6.09 -18.55
C GLY D 206 10.05 7.52 -18.28
N ASN D 207 9.26 8.09 -19.17
CA ASN D 207 8.83 9.48 -19.00
C ASN D 207 7.71 9.64 -17.99
N ARG D 208 7.42 8.60 -17.22
CA ARG D 208 6.36 8.61 -16.24
C ARG D 208 6.86 8.40 -14.82
N VAL D 209 8.16 8.20 -14.64
CA VAL D 209 8.66 7.84 -13.33
C VAL D 209 9.22 9.01 -12.56
N THR D 210 9.27 8.85 -11.24
CA THR D 210 9.94 9.80 -10.37
C THR D 210 10.47 9.06 -9.17
N LYS D 211 11.59 9.54 -8.66
CA LYS D 211 12.25 8.88 -7.53
C LYS D 211 11.60 9.28 -6.22
N VAL D 212 11.09 8.29 -5.47
CA VAL D 212 10.34 8.55 -4.24
C VAL D 212 10.98 8.08 -2.94
N ASP D 213 12.06 7.31 -3.03
CA ASP D 213 12.73 6.84 -1.83
C ASP D 213 14.23 6.82 -2.00
N SER D 214 14.93 7.51 -1.11
CA SER D 214 16.37 7.64 -1.25
C SER D 214 17.16 6.46 -0.71
N GLN D 215 16.52 5.50 -0.03
CA GLN D 215 17.22 4.32 0.53
C GLN D 215 16.63 2.98 0.19
N LYS D 216 15.31 2.85 0.12
CA LYS D 216 14.68 1.54 -0.07
C LYS D 216 14.92 1.07 -1.49
N PHE D 217 14.91 -0.24 -1.72
CA PHE D 217 15.10 -0.77 -3.08
C PHE D 217 13.95 -0.40 -3.99
N GLU D 218 12.76 -0.25 -3.43
CA GLU D 218 11.62 0.27 -4.21
C GLU D 218 11.74 1.78 -4.29
N ALA D 219 12.60 2.24 -5.18
CA ALA D 219 13.01 3.62 -5.18
C ALA D 219 12.19 4.49 -6.09
N PHE D 220 11.52 3.86 -7.04
CA PHE D 220 10.82 4.60 -8.06
C PHE D 220 9.35 4.24 -8.10
N CYS D 221 8.58 5.14 -8.69
CA CYS D 221 7.15 5.07 -8.68
C CYS D 221 6.72 5.69 -10.01
N SER D 222 5.62 5.18 -10.56
CA SER D 222 5.03 5.76 -11.75
C SER D 222 3.67 6.24 -11.32
N PRO D 223 3.58 7.49 -10.85
CA PRO D 223 2.39 7.84 -10.06
C PRO D 223 1.07 7.93 -10.82
N ASN D 224 1.13 8.29 -12.09
CA ASN D 224 -0.08 8.44 -12.88
C ASN D 224 -0.21 7.44 -14.01
N LEU D 225 0.45 6.30 -13.90
CA LEU D 225 0.33 5.27 -14.91
C LEU D 225 0.79 3.98 -14.29
N SER D 226 0.08 2.90 -14.57
CA SER D 226 0.54 1.57 -14.22
C SER D 226 1.90 1.23 -14.78
N PRO D 227 2.55 0.28 -14.14
CA PRO D 227 3.77 -0.27 -14.70
C PRO D 227 3.44 -0.89 -16.01
N LEU D 228 4.39 -0.85 -16.94
CA LEU D 228 4.26 -1.60 -18.17
C LEU D 228 4.35 -3.10 -17.95
N ALA D 229 5.04 -3.51 -16.90
CA ALA D 229 5.23 -4.96 -16.64
C ALA D 229 5.65 -5.22 -15.24
N THR D 230 5.35 -6.43 -14.80
CA THR D 230 5.69 -6.91 -13.47
C THR D 230 6.30 -8.29 -13.62
N VAL D 231 7.35 -8.54 -12.84
CA VAL D 231 8.06 -9.84 -12.86
C VAL D 231 7.92 -10.63 -11.54
N GLY D 232 7.54 -11.90 -11.67
CA GLY D 232 7.46 -12.81 -10.54
C GLY D 232 7.74 -14.19 -11.09
N ALA D 233 6.99 -15.18 -10.63
CA ALA D 233 6.93 -16.45 -11.32
C ALA D 233 6.65 -16.17 -12.80
N ASP D 234 5.52 -15.53 -13.06
CA ASP D 234 5.12 -15.14 -14.42
C ASP D 234 5.60 -13.72 -14.69
N VAL D 235 5.78 -13.41 -15.96
CA VAL D 235 5.95 -12.05 -16.42
C VAL D 235 4.59 -11.51 -16.88
N THR D 236 4.10 -10.43 -16.29
CA THR D 236 2.83 -9.83 -16.70
C THR D 236 3.04 -8.49 -17.40
N ILE D 237 2.63 -8.40 -18.66
CA ILE D 237 2.82 -7.19 -19.46
C ILE D 237 1.50 -6.55 -19.81
N ALA D 238 1.42 -5.24 -19.63
CA ALA D 238 0.22 -4.50 -19.94
C ALA D 238 0.30 -4.09 -21.40
N TRP D 239 -0.02 -5.01 -22.30
CA TRP D 239 0.01 -4.71 -23.74
C TRP D 239 -0.99 -3.62 -24.17
N ASP D 240 -2.10 -3.50 -23.45
CA ASP D 240 -3.05 -2.38 -23.58
C ASP D 240 -2.40 -1.00 -23.44
N LEU D 241 -1.25 -0.92 -22.75
CA LEU D 241 -0.54 0.35 -22.55
C LEU D 241 0.70 0.53 -23.40
N VAL D 242 1.37 -0.57 -23.70
CA VAL D 242 2.62 -0.50 -24.43
C VAL D 242 2.35 0.13 -25.78
N ARG D 243 3.20 1.04 -26.18
CA ARG D 243 3.04 1.69 -27.48
C ARG D 243 3.38 0.78 -28.66
N LYS D 244 2.75 1.06 -29.80
CA LYS D 244 2.79 0.17 -30.96
C LYS D 244 3.99 0.47 -31.86
N VAL D 245 4.61 -0.59 -32.38
CA VAL D 245 5.79 -0.48 -33.27
C VAL D 245 5.35 0.13 -34.61
N LYS D 246 5.92 1.27 -34.98
CA LYS D 246 5.69 1.88 -36.29
C LYS D 246 6.82 1.50 -37.26
N TRP D 247 6.77 0.25 -37.73
CA TRP D 247 7.80 -0.34 -38.62
C TRP D 247 7.97 0.43 -39.94
N LYS D 248 6.93 1.14 -40.33
CA LYS D 248 6.95 1.97 -41.54
C LYS D 248 7.96 3.12 -41.45
N ASP D 249 7.95 3.81 -40.30
CA ASP D 249 8.69 5.06 -40.10
C ASP D 249 10.08 4.78 -39.54
N PRO D 250 11.11 5.43 -40.07
CA PRO D 250 12.44 5.21 -39.51
C PRO D 250 12.73 5.98 -38.21
N LEU D 251 13.77 5.54 -37.51
CA LEU D 251 14.22 6.22 -36.31
C LEU D 251 14.76 7.62 -36.65
N VAL D 252 14.23 8.64 -35.99
CA VAL D 252 14.81 9.98 -36.05
C VAL D 252 15.32 10.35 -34.66
N VAL D 253 16.55 10.82 -34.59
CA VAL D 253 17.18 11.14 -33.33
C VAL D 253 17.45 12.63 -33.23
N HIS D 254 16.74 13.29 -32.34
CA HIS D 254 16.83 14.73 -32.21
C HIS D 254 17.99 15.13 -31.30
N SER D 255 19.04 15.72 -31.85
CA SER D 255 20.13 16.24 -31.03
C SER D 255 20.05 17.75 -30.86
N ASN D 256 19.08 18.38 -31.49
CA ASN D 256 18.91 19.81 -31.28
C ASN D 256 17.93 20.10 -30.16
N MET D 257 18.43 20.03 -28.94
CA MET D 257 17.61 20.24 -27.74
C MET D 257 17.97 21.59 -27.16
N GLU D 258 16.98 22.38 -26.74
CA GLU D 258 17.24 23.69 -26.12
C GLU D 258 17.85 23.53 -24.71
N HIS D 259 19.00 24.14 -24.48
CA HIS D 259 19.70 24.06 -23.19
C HIS D 259 19.18 25.04 -22.13
N ASP D 260 18.73 26.22 -22.55
CA ASP D 260 18.23 27.26 -21.61
C ASP D 260 16.78 27.06 -21.14
N VAL D 261 16.56 25.95 -20.45
CA VAL D 261 15.27 25.67 -19.83
C VAL D 261 15.52 25.41 -18.36
N ALA D 262 14.52 25.70 -17.52
CA ALA D 262 14.68 25.58 -16.07
C ALA D 262 13.43 25.08 -15.41
N LEU D 263 13.55 24.84 -14.12
CA LEU D 263 12.44 24.42 -13.29
C LEU D 263 12.39 25.37 -12.10
N LEU D 264 11.21 25.83 -11.73
CA LEU D 264 11.06 26.76 -10.61
C LEU D 264 9.92 26.30 -9.70
N ARG D 265 10.24 25.97 -8.46
CA ARG D 265 9.23 25.57 -7.51
C ARG D 265 8.73 26.75 -6.74
N LEU D 266 7.42 26.97 -6.84
CA LEU D 266 6.77 27.99 -6.05
C LEU D 266 6.68 27.57 -4.60
N TYR D 267 6.86 28.50 -3.69
CA TYR D 267 6.66 28.23 -2.30
C TYR D 267 5.85 29.38 -1.78
N PRO D 268 5.16 29.19 -0.65
CA PRO D 268 4.28 30.25 -0.14
C PRO D 268 5.02 31.54 0.08
N GLY D 269 4.44 32.61 -0.45
CA GLY D 269 5.02 33.94 -0.34
C GLY D 269 6.29 34.17 -1.15
N ILE D 270 6.59 33.33 -2.12
CA ILE D 270 7.71 33.61 -3.03
C ILE D 270 7.57 35.02 -3.61
N PRO D 271 8.61 35.85 -3.49
CA PRO D 271 8.46 37.25 -3.94
C PRO D 271 8.59 37.48 -5.43
N ALA D 272 7.86 38.46 -5.94
CA ALA D 272 7.98 38.88 -7.31
C ALA D 272 9.42 39.20 -7.73
N SER D 273 10.19 39.85 -6.87
CA SER D 273 11.54 40.25 -7.25
C SER D 273 12.43 39.04 -7.54
N LEU D 274 12.21 37.96 -6.83
CA LEU D 274 12.99 36.73 -6.99
C LEU D 274 12.57 36.01 -8.27
N VAL D 275 11.28 36.02 -8.58
CA VAL D 275 10.80 35.44 -9.82
C VAL D 275 11.28 36.23 -11.02
N ARG D 276 11.26 37.55 -10.93
CA ARG D 276 11.85 38.40 -11.98
C ARG D 276 13.28 37.97 -12.25
N ALA D 277 14.10 37.84 -11.21
CA ALA D 277 15.52 37.51 -11.41
C ALA D 277 15.72 36.15 -12.07
N PHE D 278 14.86 35.21 -11.69
CA PHE D 278 14.95 33.85 -12.18
C PHE D 278 14.62 33.74 -13.68
N LEU D 279 13.66 34.51 -14.13
CA LEU D 279 13.18 34.44 -15.52
C LEU D 279 13.87 35.43 -16.46
N GLN D 280 15.03 35.96 -16.08
CA GLN D 280 15.78 36.87 -16.96
C GLN D 280 16.33 36.14 -18.17
N PRO D 281 16.54 36.85 -19.29
CA PRO D 281 17.32 36.28 -20.41
C PRO D 281 18.68 35.78 -19.95
N PRO D 282 19.17 34.67 -20.50
CA PRO D 282 18.69 34.05 -21.74
C PRO D 282 17.65 32.93 -21.62
N LEU D 283 17.01 32.77 -20.47
CA LEU D 283 16.05 31.65 -20.30
C LEU D 283 14.96 31.65 -21.34
N LYS D 284 14.65 30.47 -21.89
CA LYS D 284 13.66 30.36 -22.97
C LYS D 284 12.42 29.63 -22.54
N GLY D 285 12.55 28.75 -21.57
CA GLY D 285 11.41 28.01 -21.07
C GLY D 285 11.57 27.62 -19.62
N VAL D 286 10.45 27.48 -18.93
CA VAL D 286 10.47 27.15 -17.53
C VAL D 286 9.29 26.30 -17.18
N VAL D 287 9.51 25.33 -16.30
CA VAL D 287 8.41 24.59 -15.67
C VAL D 287 8.11 25.24 -14.32
N LEU D 288 6.90 25.74 -14.13
CA LEU D 288 6.48 26.22 -12.83
C LEU D 288 5.83 25.10 -12.04
N GLU D 289 6.44 24.70 -10.94
CA GLU D 289 5.81 23.70 -10.08
C GLU D 289 4.90 24.41 -9.09
N THR D 290 3.61 24.20 -9.24
CA THR D 290 2.60 24.92 -8.49
C THR D 290 1.94 24.03 -7.43
N PHE D 291 1.04 24.61 -6.64
CA PHE D 291 0.39 23.88 -5.55
C PHE D 291 -0.81 23.09 -6.05
N GLY D 292 -1.05 21.93 -5.47
CA GLY D 292 -2.26 21.17 -5.69
C GLY D 292 -2.62 20.99 -7.14
N SER D 293 -3.85 21.34 -7.48
CA SER D 293 -4.37 21.15 -8.83
C SER D 293 -3.90 22.22 -9.83
N GLY D 294 -2.87 22.98 -9.48
CA GLY D 294 -2.24 23.91 -10.42
C GLY D 294 -2.34 25.37 -10.04
N ASN D 295 -2.32 25.67 -8.75
CA ASN D 295 -2.55 27.02 -8.27
C ASN D 295 -1.28 27.67 -7.73
N GLY D 296 -1.21 28.99 -7.86
CA GLY D 296 -0.16 29.76 -7.24
C GLY D 296 -0.73 30.99 -6.57
N PRO D 297 0.16 31.79 -5.98
CA PRO D 297 -0.27 33.06 -5.42
C PRO D 297 -0.82 33.96 -6.52
N SER D 298 -1.84 34.71 -6.21
CA SER D 298 -2.43 35.63 -7.17
C SER D 298 -2.01 37.06 -6.90
N LYS D 299 -1.01 37.30 -6.05
CA LYS D 299 -0.65 38.70 -5.79
C LYS D 299 -0.24 39.34 -7.12
N PRO D 300 -0.75 40.55 -7.40
CA PRO D 300 -0.62 41.09 -8.75
C PRO D 300 0.80 41.30 -9.25
N ASP D 301 1.73 41.64 -8.35
CA ASP D 301 3.10 41.90 -8.80
C ASP D 301 3.81 40.64 -9.27
N LEU D 302 3.40 39.50 -8.70
CA LEU D 302 3.89 38.22 -9.14
C LEU D 302 3.31 37.87 -10.50
N LEU D 303 1.99 38.01 -10.64
CA LEU D 303 1.35 37.80 -11.95
C LEU D 303 1.91 38.74 -13.04
N GLN D 304 2.29 39.94 -12.64
CA GLN D 304 2.88 40.90 -13.54
C GLN D 304 4.21 40.41 -14.07
N GLU D 305 5.01 39.75 -13.24
CA GLU D 305 6.31 39.27 -13.70
C GLU D 305 6.16 38.10 -14.67
N LEU D 306 5.12 37.29 -14.51
CA LEU D 306 4.89 36.23 -15.44
C LEU D 306 4.48 36.78 -16.80
N ARG D 307 3.59 37.76 -16.81
CA ARG D 307 3.19 38.41 -18.03
C ARG D 307 4.37 39.12 -18.74
N ALA D 308 5.19 39.83 -17.98
CA ALA D 308 6.37 40.46 -18.55
C ALA D 308 7.24 39.44 -19.29
N ALA D 309 7.42 38.27 -18.68
CA ALA D 309 8.31 37.25 -19.23
C ALA D 309 7.72 36.61 -20.47
N ALA D 310 6.39 36.43 -20.48
CA ALA D 310 5.67 36.00 -21.68
C ALA D 310 5.88 36.97 -22.84
N GLN D 311 5.79 38.26 -22.57
CA GLN D 311 6.08 39.28 -23.57
C GLN D 311 7.50 39.29 -24.10
N ARG D 312 8.46 38.84 -23.31
CA ARG D 312 9.82 38.62 -23.80
C ARG D 312 9.97 37.30 -24.58
N GLY D 313 8.91 36.49 -24.61
CA GLY D 313 8.90 35.25 -25.40
C GLY D 313 9.17 33.96 -24.65
N LEU D 314 9.00 33.97 -23.33
CA LEU D 314 9.28 32.81 -22.51
C LEU D 314 8.10 31.88 -22.55
N ILE D 315 8.35 30.58 -22.64
CA ILE D 315 7.26 29.63 -22.55
C ILE D 315 7.24 28.98 -21.17
N MET D 316 6.04 28.81 -20.63
CA MET D 316 5.86 28.33 -19.28
C MET D 316 4.95 27.14 -19.27
N VAL D 317 5.35 26.11 -18.56
CA VAL D 317 4.48 24.96 -18.33
C VAL D 317 4.16 24.86 -16.84
N ASN D 318 2.89 24.65 -16.55
CA ASN D 318 2.43 24.51 -15.20
C ASN D 318 2.30 23.01 -14.82
N CYS D 319 3.13 22.55 -13.89
CA CYS D 319 3.03 21.21 -13.28
C CYS D 319 2.71 21.25 -11.79
N SER D 320 2.13 20.18 -11.30
CA SER D 320 1.81 20.10 -9.91
C SER D 320 2.99 19.61 -9.07
N GLN D 321 3.21 20.27 -7.94
CA GLN D 321 4.08 19.72 -6.90
C GLN D 321 3.63 18.40 -6.31
N CYS D 322 2.34 18.13 -6.35
CA CYS D 322 1.90 16.86 -5.86
C CYS D 322 2.42 15.71 -6.70
N LEU D 323 2.63 14.60 -6.02
CA LEU D 323 3.14 13.39 -6.60
C LEU D 323 2.12 12.81 -7.58
N ARG D 324 0.88 12.72 -7.13
CA ARG D 324 -0.20 12.10 -7.90
C ARG D 324 -1.19 13.19 -8.34
N GLY D 325 -0.64 14.17 -9.05
CA GLY D 325 -1.41 15.40 -9.40
C GLY D 325 -1.94 15.42 -10.86
N SER D 326 -3.11 16.00 -11.18
CA SER D 326 -3.34 16.56 -12.53
C SER D 326 -3.63 18.03 -12.33
N VAL D 327 -3.02 18.86 -13.15
CA VAL D 327 -3.36 20.26 -13.21
C VAL D 327 -4.70 20.45 -13.92
N THR D 328 -5.61 21.16 -13.27
CA THR D 328 -7.01 21.33 -13.66
C THR D 328 -7.36 22.76 -13.30
N PRO D 329 -8.05 23.49 -14.20
CA PRO D 329 -8.58 24.80 -13.72
C PRO D 329 -9.74 24.64 -12.73
N GLY D 330 -10.23 25.74 -12.16
CA GLY D 330 -11.34 25.67 -11.20
C GLY D 330 -11.28 26.59 -10.00
N TYR D 331 -10.13 27.25 -9.77
CA TYR D 331 -9.96 28.21 -8.67
C TYR D 331 -9.61 29.61 -9.20
N ALA D 332 -9.88 30.64 -8.37
CA ALA D 332 -9.41 32.00 -8.66
C ALA D 332 -7.87 32.09 -8.64
N THR D 333 -7.21 31.08 -8.05
CA THR D 333 -5.74 31.02 -7.95
C THR D 333 -5.04 30.15 -9.04
N SER D 334 -5.81 29.47 -9.90
CA SER D 334 -5.26 28.68 -11.00
C SER D 334 -4.43 29.52 -11.96
N LEU D 335 -3.23 29.07 -12.26
CA LEU D 335 -2.35 29.78 -13.18
C LEU D 335 -2.65 29.33 -14.61
N ALA D 336 -3.30 30.22 -15.36
CA ALA D 336 -3.56 30.03 -16.79
C ALA D 336 -3.35 31.37 -17.55
N GLY D 337 -3.15 31.30 -18.87
CA GLY D 337 -3.04 32.50 -19.72
C GLY D 337 -1.75 32.71 -20.53
N ALA D 338 -1.41 33.98 -20.77
CA ALA D 338 -0.32 34.36 -21.66
C ALA D 338 0.85 33.38 -21.53
N ASN D 339 1.03 32.58 -22.58
CA ASN D 339 2.17 31.67 -22.73
C ASN D 339 2.28 30.56 -21.66
N ILE D 340 1.20 30.33 -20.89
CA ILE D 340 1.19 29.26 -19.88
C ILE D 340 0.37 28.02 -20.27
N VAL D 341 1.08 26.93 -20.49
CA VAL D 341 0.48 25.69 -20.93
C VAL D 341 0.26 24.80 -19.75
N SER D 342 -0.90 24.18 -19.64
CA SER D 342 -1.13 23.19 -18.59
C SER D 342 -0.32 21.89 -18.84
N GLY D 343 0.32 21.36 -17.80
CA GLY D 343 1.08 20.11 -17.88
C GLY D 343 0.26 18.89 -17.51
N LEU D 344 -1.02 19.07 -17.28
CA LEU D 344 -1.88 17.96 -16.89
C LEU D 344 -1.19 17.09 -15.85
N ASP D 345 -0.98 15.81 -16.14
CA ASP D 345 -0.46 14.92 -15.12
C ASP D 345 1.01 14.57 -15.37
N MET D 346 1.69 15.39 -16.17
CA MET D 346 3.09 15.14 -16.47
C MET D 346 3.95 15.27 -15.22
N THR D 347 4.97 14.45 -15.12
CA THR D 347 6.01 14.67 -14.14
C THR D 347 6.79 15.90 -14.53
N SER D 348 7.42 16.54 -13.57
CA SER D 348 8.30 17.66 -13.85
C SER D 348 9.51 17.30 -14.71
N GLU D 349 10.06 16.13 -14.48
CA GLU D 349 11.20 15.67 -15.23
C GLU D 349 10.77 15.58 -16.71
N ALA D 350 9.57 15.03 -16.96
CA ALA D 350 9.06 14.91 -18.32
C ALA D 350 8.72 16.27 -18.91
N ALA D 351 8.05 17.14 -18.14
CA ALA D 351 7.75 18.49 -18.61
C ALA D 351 9.00 19.24 -19.04
N LEU D 352 10.04 19.13 -18.23
CA LEU D 352 11.31 19.78 -18.52
C LEU D 352 12.02 19.22 -19.78
N ALA D 353 11.99 17.90 -19.96
CA ALA D 353 12.55 17.34 -21.18
C ALA D 353 11.72 17.73 -22.42
N LYS D 354 10.41 17.68 -22.29
CA LYS D 354 9.55 17.99 -23.41
C LYS D 354 9.75 19.43 -23.80
N LEU D 355 9.97 20.27 -22.81
CA LEU D 355 10.18 21.68 -23.07
C LEU D 355 11.45 21.84 -23.87
N SER D 356 12.49 21.11 -23.50
CA SER D 356 13.76 21.16 -24.23
C SER D 356 13.66 20.67 -25.70
N TYR D 357 12.82 19.66 -25.94
CA TYR D 357 12.58 19.06 -27.27
C TYR D 357 11.85 20.02 -28.18
N VAL D 358 10.69 20.45 -27.73
CA VAL D 358 9.84 21.33 -28.49
C VAL D 358 10.58 22.61 -28.80
N LEU D 359 11.29 23.20 -27.85
CA LEU D 359 11.96 24.49 -28.09
C LEU D 359 13.12 24.34 -29.03
N GLY D 360 13.62 23.13 -29.17
CA GLY D 360 14.73 22.87 -30.07
C GLY D 360 14.31 22.58 -31.51
N LEU D 361 13.06 22.22 -31.72
CA LEU D 361 12.57 22.05 -33.07
C LEU D 361 12.71 23.37 -33.85
N PRO D 362 13.09 23.28 -35.13
CA PRO D 362 13.37 24.48 -35.93
C PRO D 362 12.11 25.10 -36.54
N GLU D 363 12.12 26.43 -36.63
CA GLU D 363 11.15 27.20 -37.42
C GLU D 363 9.70 26.95 -37.04
N LEU D 364 9.39 27.07 -35.76
CA LEU D 364 8.00 27.02 -35.30
C LEU D 364 7.68 28.33 -34.59
N SER D 365 6.41 28.72 -34.69
CA SER D 365 5.90 29.88 -33.99
C SER D 365 5.70 29.53 -32.53
N LEU D 366 5.77 30.54 -31.69
CA LEU D 366 5.45 30.40 -30.28
C LEU D 366 4.13 29.64 -30.06
N GLU D 367 3.13 29.89 -30.88
CA GLU D 367 1.80 29.29 -30.70
C GLU D 367 1.84 27.79 -31.01
N ARG D 368 2.60 27.44 -32.03
CA ARG D 368 2.73 26.04 -32.43
C ARG D 368 3.49 25.23 -31.38
N ARG D 369 4.50 25.87 -30.78
CA ARG D 369 5.25 25.27 -29.72
C ARG D 369 4.36 24.93 -28.52
N GLN D 370 3.45 25.83 -28.17
CA GLN D 370 2.54 25.57 -27.06
C GLN D 370 1.53 24.47 -27.36
N GLU D 371 1.15 24.33 -28.62
CA GLU D 371 0.20 23.27 -28.99
C GLU D 371 0.85 21.91 -28.84
N LEU D 372 2.14 21.80 -29.19
CA LEU D 372 2.89 20.55 -29.04
C LEU D 372 3.08 20.19 -27.58
N LEU D 373 3.35 21.21 -26.76
CA LEU D 373 3.50 20.99 -25.32
C LEU D 373 2.24 20.47 -24.71
N ALA D 374 1.08 20.83 -25.27
CA ALA D 374 -0.21 20.37 -24.74
C ALA D 374 -0.70 18.99 -25.23
N LYS D 375 0.09 18.37 -26.11
CA LYS D 375 -0.26 17.11 -26.75
C LYS D 375 0.61 15.98 -26.19
N ASP D 376 0.05 14.78 -26.09
CA ASP D 376 0.79 13.62 -25.66
C ASP D 376 1.69 13.14 -26.80
N LEU D 377 2.99 13.39 -26.71
CA LEU D 377 3.94 12.98 -27.76
C LEU D 377 4.62 11.61 -27.57
N ARG D 378 4.74 11.11 -26.34
CA ARG D 378 5.45 9.86 -26.07
C ARG D 378 4.85 9.03 -24.96
N GLY D 379 3.58 9.30 -24.63
CA GLY D 379 2.92 8.60 -23.54
C GLY D 379 3.16 9.21 -22.16
N GLU D 380 3.68 10.45 -22.13
CA GLU D 380 4.00 11.12 -20.89
C GLU D 380 2.83 11.83 -20.23
N MET D 381 1.68 11.86 -20.87
CA MET D 381 0.58 12.74 -20.48
C MET D 381 -0.76 12.09 -20.83
N THR D 382 -1.71 12.16 -19.92
CA THR D 382 -3.05 11.65 -20.12
C THR D 382 -3.98 12.83 -20.35
N LEU D 383 -4.63 12.88 -21.51
CA LEU D 383 -5.65 13.92 -21.74
C LEU D 383 -6.96 13.47 -21.05
N PRO D 384 -7.61 14.35 -20.24
CA PRO D 384 -8.58 13.88 -19.23
C PRO D 384 -9.98 13.42 -19.69
N THR D 385 -10.82 12.98 -18.75
CA THR D 385 -12.17 12.47 -19.03
C THR D 385 -13.19 13.47 -18.49
N ASP E . -7.36 25.81 -3.69
CA ASP E . -7.81 25.37 -2.38
C ASP E . -7.00 26.17 -1.38
O ASP E . -7.45 27.12 -0.75
CB ASP E . -7.60 23.86 -2.24
CG ASP E . -8.52 23.20 -1.18
OD1 ASP E . -9.04 23.89 -0.27
OD2 ASP E . -8.71 21.95 -1.26
OXT ASP E . -5.81 25.92 -1.22
N ASP F . -22.08 -8.64 13.49
CA ASP F . -22.37 -7.62 12.48
C ASP F . -23.21 -8.22 11.36
O ASP F . -22.68 -8.87 10.44
CB ASP F . -21.06 -7.04 11.90
CG ASP F . -21.29 -5.78 11.07
OD1 ASP F . -22.41 -5.57 10.53
OD2 ASP F . -20.32 -4.97 10.96
OXT ASP F . -24.43 -8.05 11.35
N ASP G . 4.88 -26.31 -3.31
CA ASP G . 6.05 -25.63 -2.76
C ASP G . 6.33 -26.06 -1.33
O ASP G . 5.69 -25.56 -0.42
CB ASP G . 5.83 -24.12 -2.76
CG ASP G . 7.15 -23.33 -2.69
OD1 ASP G . 8.20 -23.89 -2.26
OD2 ASP G . 7.11 -22.14 -3.07
OXT ASP G . 7.21 -26.89 -1.10
N ASP H . 24.61 9.30 -6.73
CA ASP H . 24.24 8.11 -7.47
C ASP H . 24.06 8.42 -8.96
O ASP H . 23.01 8.96 -9.35
CB ASP H . 22.95 7.53 -6.88
CG ASP H . 22.62 6.12 -7.40
OD1 ASP H . 23.08 5.75 -8.52
OD2 ASP H . 21.88 5.40 -6.69
OXT ASP H . 24.97 8.16 -9.75
#